data_2R8P
#
_entry.id   2R8P
#
_cell.length_a   90.214
_cell.length_b   101.863
_cell.length_c   133.345
_cell.angle_alpha   90.000
_cell.angle_beta   90.000
_cell.angle_gamma   90.000
#
_symmetry.space_group_name_H-M   'P 21 21 21'
#
loop_
_entity.id
_entity.type
_entity.pdbx_description
1 polymer 'Transketolase 1'
2 non-polymer 'CALCIUM ION'
3 non-polymer 2-C-{3-[(4-amino-2-methylpyrimidin-5-yl)methyl]-5-(2-{[(R)-hydroxy(phosphonooxy)phosphoryl]oxy}ethyl)-4-methyl-1,3-thiazol-3-ium-2-yl}-6-O-phosphono-D-glucitol
4 non-polymer 1,2-ETHANEDIOL
5 water water
#
_entity_poly.entity_id   1
_entity_poly.type   'polypeptide(L)'
_entity_poly.pdbx_seq_one_letter_code
;MSSRKELANAIRALSMDAVQKAKSGHPGAPMGMADIAEVLWRDFLKHNPQNPSWADRDRFVLSNGHGSMLIYSLLHLTGY
DLPMEELKNFRQLHSKTPGHPEVGYTAGVETTTGPLGQGIANAVGMAIAEKTLAAQFNRPGHDIVDHYTYAFMGDGCMME
GISHEVCSLAGTLKLGKLIAFYDDNGISIDGHVEGWFTDDTAMRFEAYGWHVIRDIDGHDAASIKRAVEEARAVTDKPSL
LMCKTIIGFGSPNKAGTHDSHGAPLGDAEIALTREQLGWKYAPFEIPSEIYAQWDAKEAGQAKESAWNEKFAAYAKAYPQ
EAAEFTRRMKGEMPSDFDAKAKEFIAKLQANPAKIASRKASQNAIEAFGPLLPEFLGGSADLAPSNLTLWSGSKAINEDA
AGNYIHYGVREFGMTAIANGISLHGGFLPYTSTFLMFVEYARNAVRMAALMKQRQVMVYTHDSIGLGEDGPTHQPVEQVA
SLRVTPNMSTWRPCDQVESAVAWKYGVERQDGPTALILSRQNLAQQERTEEQLANIARGGYVLKDCAGQPELIFIATGSE
VELAVAAYEKLTAEGVKARVVSMPSTDAFDKQDAAYRESVLPKAVTARVAVEAGIADYWYKYVGLNGAIVGMTTFGESAP
AELLFEEFGFTVDNVVAKAKELLHHHHHH
;
_entity_poly.pdbx_strand_id   A,B
#
loop_
_chem_comp.id
_chem_comp.type
_chem_comp.name
_chem_comp.formula
CA non-polymer 'CALCIUM ION' 'Ca 2'
EDO non-polymer 1,2-ETHANEDIOL 'C2 H6 O2'
T6F non-polymer 2-C-{3-[(4-amino-2-methylpyrimidin-5-yl)methyl]-5-(2-{[(R)-hydroxy(phosphonooxy)phosphoryl]oxy}ethyl)-4-methyl-1,3-thiazol-3-ium-2-yl}-6-O-phosphono-D-glucitol 'C18 H32 N4 O16 P3 S 1'
#
# COMPACT_ATOMS: atom_id res chain seq x y z
N SER A 2 -22.68 -39.37 15.83
CA SER A 2 -22.12 -39.39 14.44
C SER A 2 -20.60 -39.36 14.52
N SER A 3 -19.95 -39.82 13.46
CA SER A 3 -18.49 -39.77 13.38
C SER A 3 -18.00 -38.33 13.20
N ARG A 4 -16.75 -38.08 13.59
CA ARG A 4 -16.18 -36.75 13.40
C ARG A 4 -16.15 -36.37 11.94
N LYS A 5 -15.88 -37.35 11.06
CA LYS A 5 -15.87 -37.09 9.62
C LYS A 5 -17.26 -36.71 9.11
N GLU A 6 -18.30 -37.38 9.60
CA GLU A 6 -19.68 -37.02 9.22
C GLU A 6 -19.98 -35.58 9.69
N LEU A 7 -19.55 -35.24 10.89
CA LEU A 7 -19.76 -33.89 11.44
C LEU A 7 -19.06 -32.84 10.58
N ALA A 8 -17.81 -33.13 10.20
CA ALA A 8 -17.05 -32.25 9.30
C ALA A 8 -17.72 -32.17 7.93
N ASN A 9 -18.27 -33.29 7.46
CA ASN A 9 -18.94 -33.32 6.15
C ASN A 9 -20.16 -32.41 6.06
N ALA A 10 -20.77 -32.10 7.21
CA ALA A 10 -21.90 -31.14 7.23
C ALA A 10 -21.42 -29.78 6.74
N ILE A 11 -20.20 -29.39 7.12
CA ILE A 11 -19.59 -28.15 6.62
C ILE A 11 -19.39 -28.23 5.10
N ARG A 12 -18.87 -29.37 4.64
CA ARG A 12 -18.65 -29.57 3.21
C ARG A 12 -19.95 -29.44 2.42
N ALA A 13 -21.03 -30.06 2.90
CA ALA A 13 -22.31 -30.03 2.18
C ALA A 13 -22.88 -28.61 2.15
N LEU A 14 -23.00 -27.98 3.33
CA LEU A 14 -23.50 -26.60 3.40
C LEU A 14 -22.71 -25.66 2.50
N SER A 15 -21.40 -25.83 2.49
CA SER A 15 -20.53 -24.93 1.73
C SER A 15 -20.69 -25.13 0.22
N MET A 16 -20.58 -26.37 -0.27
CA MET A 16 -20.74 -26.60 -1.71
C MET A 16 -22.16 -26.23 -2.20
N ASP A 17 -23.18 -26.53 -1.39
CA ASP A 17 -24.57 -26.25 -1.76
C ASP A 17 -24.86 -24.75 -1.77
N ALA A 18 -24.39 -24.03 -0.75
CA ALA A 18 -24.63 -22.59 -0.72
C ALA A 18 -23.95 -21.88 -1.88
N VAL A 19 -22.71 -22.27 -2.19
CA VAL A 19 -21.98 -21.76 -3.35
C VAL A 19 -22.77 -22.05 -4.62
N GLN A 20 -23.27 -23.29 -4.73
CA GLN A 20 -24.02 -23.67 -5.92
C GLN A 20 -25.26 -22.83 -6.10
N LYS A 21 -26.01 -22.63 -5.00
CA LYS A 21 -27.24 -21.84 -5.06
C LYS A 21 -27.00 -20.39 -5.48
N ALA A 22 -25.90 -19.82 -4.97
CA ALA A 22 -25.50 -18.45 -5.33
C ALA A 22 -24.90 -18.35 -6.73
N LYS A 23 -24.53 -19.49 -7.30
CA LYS A 23 -23.76 -19.54 -8.56
C LYS A 23 -22.50 -18.67 -8.46
N SER A 24 -21.95 -18.59 -7.25
CA SER A 24 -20.81 -17.72 -6.99
C SER A 24 -20.17 -18.12 -5.68
N GLY A 25 -18.84 -18.06 -5.63
CA GLY A 25 -18.12 -18.29 -4.38
C GLY A 25 -17.11 -19.41 -4.41
N HIS A 26 -16.62 -19.77 -3.23
CA HIS A 26 -15.38 -20.54 -3.09
C HIS A 26 -15.59 -21.82 -2.27
N PRO A 27 -15.78 -22.94 -2.95
CA PRO A 27 -15.99 -24.18 -2.17
C PRO A 27 -14.70 -24.86 -1.69
N GLY A 28 -13.56 -24.56 -2.31
CA GLY A 28 -12.32 -25.33 -2.08
C GLY A 28 -11.80 -25.33 -0.65
N ALA A 29 -11.54 -24.14 -0.13
CA ALA A 29 -10.96 -24.04 1.23
C ALA A 29 -11.92 -24.54 2.31
N PRO A 30 -13.23 -24.19 2.22
CA PRO A 30 -14.14 -24.78 3.20
C PRO A 30 -14.13 -26.31 3.24
N MET A 31 -14.13 -26.93 2.05
CA MET A 31 -14.04 -28.39 1.94
C MET A 31 -12.68 -28.92 2.42
N GLY A 32 -11.62 -28.19 2.13
CA GLY A 32 -10.28 -28.61 2.56
C GLY A 32 -10.05 -28.48 4.06
N MET A 33 -10.65 -27.47 4.69
CA MET A 33 -10.41 -27.21 6.12
C MET A 33 -11.48 -27.74 7.08
N ALA A 34 -12.51 -28.41 6.56
CA ALA A 34 -13.63 -28.82 7.41
C ALA A 34 -13.24 -29.73 8.60
N ASP A 35 -12.29 -30.64 8.39
CA ASP A 35 -11.89 -31.55 9.50
C ASP A 35 -11.13 -30.80 10.58
N ILE A 36 -10.29 -29.85 10.16
CA ILE A 36 -9.54 -29.00 11.10
C ILE A 36 -10.54 -28.16 11.90
N ALA A 37 -11.52 -27.60 11.20
CA ALA A 37 -12.51 -26.75 11.87
C ALA A 37 -13.34 -27.53 12.89
N GLU A 38 -13.69 -28.77 12.56
CA GLU A 38 -14.48 -29.62 13.44
C GLU A 38 -13.74 -29.87 14.76
N VAL A 39 -12.45 -30.21 14.68
CA VAL A 39 -11.65 -30.40 15.91
C VAL A 39 -11.51 -29.08 16.69
N LEU A 40 -11.11 -28.00 16.02
CA LEU A 40 -10.93 -26.72 16.73
C LEU A 40 -12.20 -26.26 17.43
N TRP A 41 -13.29 -26.18 16.67
CA TRP A 41 -14.52 -25.63 17.20
C TRP A 41 -15.20 -26.54 18.23
N ARG A 42 -15.24 -27.84 17.96
CA ARG A 42 -15.94 -28.74 18.87
C ARG A 42 -15.15 -29.09 20.13
N ASP A 43 -13.82 -29.15 20.02
CA ASP A 43 -13.00 -29.59 21.15
C ASP A 43 -12.29 -28.50 21.94
N PHE A 44 -12.01 -27.36 21.32
CA PHE A 44 -11.16 -26.36 21.97
C PHE A 44 -11.77 -24.97 22.13
N LEU A 45 -12.45 -24.48 21.10
CA LEU A 45 -12.89 -23.08 21.08
C LEU A 45 -13.79 -22.74 22.27
N LYS A 46 -13.37 -21.72 23.03
CA LYS A 46 -14.17 -21.20 24.15
C LYS A 46 -15.04 -20.04 23.69
N HIS A 47 -16.33 -20.30 23.55
CA HIS A 47 -17.25 -19.31 22.99
C HIS A 47 -18.69 -19.54 23.44
N ASN A 48 -19.49 -18.48 23.39
CA ASN A 48 -20.91 -18.59 23.66
C ASN A 48 -21.75 -18.05 22.48
N PRO A 49 -22.39 -18.94 21.70
CA PRO A 49 -23.22 -18.48 20.58
C PRO A 49 -24.31 -17.49 20.99
N GLN A 50 -24.77 -17.57 22.24
CA GLN A 50 -25.83 -16.68 22.73
C GLN A 50 -25.32 -15.29 23.07
N ASN A 51 -24.00 -15.13 23.19
CA ASN A 51 -23.41 -13.81 23.35
C ASN A 51 -22.06 -13.70 22.65
N PRO A 52 -22.08 -13.37 21.35
CA PRO A 52 -20.84 -13.19 20.60
C PRO A 52 -19.93 -12.06 21.11
N SER A 53 -20.45 -11.22 22.03
CA SER A 53 -19.65 -10.12 22.58
C SER A 53 -19.02 -10.42 23.94
N TRP A 54 -19.15 -11.66 24.44
CA TRP A 54 -18.55 -12.04 25.73
C TRP A 54 -17.07 -11.64 25.79
N ALA A 55 -16.72 -10.82 26.77
CA ALA A 55 -15.37 -10.20 26.82
C ALA A 55 -14.23 -11.20 26.78
N ASP A 56 -14.45 -12.37 27.37
CA ASP A 56 -13.36 -13.34 27.54
C ASP A 56 -13.39 -14.54 26.58
N ARG A 57 -14.22 -14.46 25.54
CA ARG A 57 -14.26 -15.52 24.52
C ARG A 57 -12.91 -15.62 23.79
N ASP A 58 -12.58 -16.83 23.32
CA ASP A 58 -11.51 -16.98 22.34
C ASP A 58 -11.94 -16.21 21.08
N ARG A 59 -10.94 -15.70 20.34
CA ARG A 59 -11.20 -15.07 19.04
C ARG A 59 -10.75 -15.98 17.92
N PHE A 60 -11.61 -16.19 16.93
CA PHE A 60 -11.27 -16.95 15.73
C PHE A 60 -11.21 -16.01 14.53
N VAL A 61 -10.20 -16.18 13.67
CA VAL A 61 -10.05 -15.37 12.46
C VAL A 61 -9.81 -16.22 11.21
N LEU A 62 -10.65 -16.02 10.19
CA LEU A 62 -10.49 -16.69 8.90
C LEU A 62 -9.70 -15.78 7.99
N SER A 63 -8.38 -15.91 7.97
CA SER A 63 -7.55 -15.02 7.16
C SER A 63 -7.68 -15.32 5.66
N ASN A 64 -7.91 -16.60 5.34
CA ASN A 64 -8.28 -17.02 3.98
C ASN A 64 -9.79 -16.84 3.78
N GLY A 65 -10.19 -15.57 3.80
CA GLY A 65 -11.62 -15.20 3.93
C GLY A 65 -12.50 -15.51 2.74
N HIS A 66 -11.90 -15.81 1.58
CA HIS A 66 -12.69 -16.29 0.45
C HIS A 66 -13.46 -17.55 0.83
N GLY A 67 -12.92 -18.36 1.75
CA GLY A 67 -13.66 -19.54 2.23
C GLY A 67 -14.77 -19.21 3.23
N SER A 68 -15.53 -18.16 2.94
CA SER A 68 -16.53 -17.62 3.87
C SER A 68 -17.60 -18.64 4.29
N MET A 69 -17.96 -19.56 3.40
CA MET A 69 -18.94 -20.56 3.80
C MET A 69 -18.44 -21.45 4.96
N LEU A 70 -17.12 -21.54 5.14
CA LEU A 70 -16.59 -22.28 6.28
C LEU A 70 -17.07 -21.65 7.59
N ILE A 71 -16.89 -20.33 7.73
CA ILE A 71 -17.31 -19.68 8.97
C ILE A 71 -18.82 -19.60 9.09
N TYR A 72 -19.53 -19.39 7.98
CA TYR A 72 -20.99 -19.39 8.08
C TYR A 72 -21.54 -20.75 8.47
N SER A 73 -20.96 -21.84 7.93
CA SER A 73 -21.36 -23.18 8.36
C SER A 73 -21.13 -23.36 9.87
N LEU A 74 -19.95 -22.97 10.35
CA LEU A 74 -19.59 -23.09 11.77
C LEU A 74 -20.53 -22.31 12.66
N LEU A 75 -20.82 -21.05 12.30
CA LEU A 75 -21.70 -20.21 13.10
C LEU A 75 -23.12 -20.78 13.13
N HIS A 76 -23.59 -21.25 11.98
CA HIS A 76 -24.94 -21.81 11.91
C HIS A 76 -25.02 -23.10 12.74
N LEU A 77 -24.09 -24.01 12.50
CA LEU A 77 -24.14 -25.32 13.15
C LEU A 77 -23.99 -25.24 14.67
N THR A 78 -23.14 -24.33 15.15
CA THR A 78 -22.91 -24.25 16.60
C THR A 78 -23.99 -23.43 17.35
N GLY A 79 -24.93 -22.84 16.62
CA GLY A 79 -26.10 -22.20 17.25
C GLY A 79 -26.14 -20.68 17.37
N TYR A 80 -25.28 -20.00 16.63
CA TYR A 80 -25.35 -18.54 16.53
C TYR A 80 -26.63 -18.13 15.80
N ASP A 81 -26.96 -16.84 15.90
CA ASP A 81 -28.12 -16.31 15.21
C ASP A 81 -27.81 -16.12 13.73
N LEU A 82 -27.73 -17.24 13.01
CA LEU A 82 -27.50 -17.24 11.58
C LEU A 82 -28.31 -18.39 10.99
N PRO A 83 -29.61 -18.15 10.73
CA PRO A 83 -30.51 -19.22 10.27
C PRO A 83 -30.16 -19.78 8.91
N MET A 84 -30.72 -20.95 8.60
CA MET A 84 -30.51 -21.59 7.31
C MET A 84 -30.91 -20.70 6.13
N GLU A 85 -31.96 -19.89 6.30
CA GLU A 85 -32.37 -18.97 5.23
C GLU A 85 -31.24 -18.02 4.85
N GLU A 86 -30.43 -17.62 5.84
CA GLU A 86 -29.28 -16.76 5.54
C GLU A 86 -28.23 -17.50 4.69
N LEU A 87 -27.96 -18.76 5.01
CA LEU A 87 -27.04 -19.55 4.17
C LEU A 87 -27.58 -19.72 2.75
N LYS A 88 -28.92 -19.82 2.64
CA LYS A 88 -29.57 -19.91 1.33
C LYS A 88 -29.54 -18.58 0.56
N ASN A 89 -29.14 -17.51 1.25
CA ASN A 89 -29.00 -16.17 0.66
C ASN A 89 -27.53 -15.69 0.64
N PHE A 90 -26.61 -16.66 0.70
CA PHE A 90 -25.18 -16.42 0.50
C PHE A 90 -24.95 -15.52 -0.72
N ARG A 91 -24.19 -14.45 -0.52
CA ARG A 91 -23.80 -13.52 -1.61
C ARG A 91 -24.96 -12.71 -2.21
N GLN A 92 -26.09 -12.68 -1.51
CA GLN A 92 -27.28 -11.93 -1.98
C GLN A 92 -27.43 -10.59 -1.26
N LEU A 93 -28.01 -9.61 -1.95
CA LEU A 93 -28.10 -8.25 -1.41
C LEU A 93 -28.69 -8.22 0.00
N HIS A 94 -27.95 -7.60 0.91
CA HIS A 94 -28.32 -7.35 2.32
C HIS A 94 -28.48 -8.59 3.19
N SER A 95 -28.00 -9.74 2.71
CA SER A 95 -28.00 -10.93 3.57
C SER A 95 -26.96 -10.81 4.68
N LYS A 96 -27.08 -11.69 5.67
CA LYS A 96 -26.07 -11.80 6.72
C LYS A 96 -24.89 -12.69 6.30
N THR A 97 -24.83 -13.03 5.01
CA THR A 97 -23.83 -13.95 4.48
C THR A 97 -23.14 -13.39 3.22
N PRO A 98 -22.47 -12.23 3.36
CA PRO A 98 -21.75 -11.65 2.22
C PRO A 98 -20.59 -12.55 1.75
N GLY A 99 -20.11 -12.33 0.52
CA GLY A 99 -19.13 -13.22 -0.12
C GLY A 99 -17.81 -13.35 0.62
N HIS A 100 -17.43 -12.28 1.33
CA HIS A 100 -16.34 -12.36 2.31
C HIS A 100 -16.92 -11.94 3.67
N PRO A 101 -16.44 -12.54 4.77
CA PRO A 101 -17.10 -12.29 6.06
C PRO A 101 -16.88 -10.83 6.50
N GLU A 102 -17.89 -10.23 7.11
CA GLU A 102 -17.84 -8.83 7.53
C GLU A 102 -18.22 -8.69 9.00
N VAL A 103 -17.38 -8.04 9.79
CA VAL A 103 -17.70 -7.80 11.19
C VAL A 103 -18.87 -6.81 11.27
N GLY A 104 -19.81 -7.08 12.18
CA GLY A 104 -21.05 -6.30 12.29
C GLY A 104 -22.20 -6.93 11.51
N TYR A 105 -21.92 -7.53 10.35
CA TYR A 105 -22.97 -8.07 9.48
C TYR A 105 -23.66 -9.30 10.06
N THR A 106 -22.97 -9.98 10.96
CA THR A 106 -23.17 -11.39 11.15
C THR A 106 -22.67 -11.75 12.53
N ALA A 107 -23.54 -12.39 13.30
CA ALA A 107 -23.22 -12.75 14.68
C ALA A 107 -22.01 -13.67 14.70
N GLY A 108 -20.98 -13.27 15.43
CA GLY A 108 -19.81 -14.14 15.62
C GLY A 108 -18.63 -13.90 14.71
N VAL A 109 -18.81 -13.07 13.68
CA VAL A 109 -17.71 -12.72 12.77
C VAL A 109 -16.83 -11.66 13.45
N GLU A 110 -15.55 -11.96 13.67
CA GLU A 110 -14.67 -11.12 14.49
C GLU A 110 -14.02 -9.97 13.73
N THR A 111 -13.88 -10.15 12.41
CA THR A 111 -13.19 -9.18 11.57
C THR A 111 -13.63 -9.36 10.12
N THR A 112 -13.36 -8.37 9.29
CA THR A 112 -13.69 -8.44 7.86
C THR A 112 -12.45 -8.86 7.10
N THR A 113 -12.53 -10.00 6.42
CA THR A 113 -11.39 -10.45 5.60
C THR A 113 -11.77 -10.49 4.11
N GLY A 114 -10.91 -11.09 3.29
CA GLY A 114 -11.00 -10.92 1.85
C GLY A 114 -9.69 -10.40 1.26
N PRO A 115 -9.14 -9.31 1.82
CA PRO A 115 -7.77 -8.90 1.47
C PRO A 115 -6.78 -9.82 2.16
N LEU A 116 -6.11 -10.67 1.38
CA LEU A 116 -5.21 -11.69 1.91
C LEU A 116 -4.12 -11.10 2.81
N GLY A 117 -3.80 -11.83 3.88
CA GLY A 117 -2.75 -11.37 4.80
C GLY A 117 -3.25 -10.56 5.97
N GLN A 118 -4.36 -9.84 5.81
CA GLN A 118 -4.79 -8.94 6.88
C GLN A 118 -5.44 -9.67 8.04
N GLY A 119 -6.03 -10.83 7.78
CA GLY A 119 -6.66 -11.60 8.85
C GLY A 119 -5.62 -12.02 9.89
N ILE A 120 -4.54 -12.63 9.45
CA ILE A 120 -3.48 -13.01 10.39
C ILE A 120 -2.92 -11.78 11.15
N ALA A 121 -2.78 -10.65 10.46
CA ALA A 121 -2.38 -9.40 11.10
C ALA A 121 -3.37 -9.00 12.20
N ASN A 122 -4.66 -9.06 11.89
CA ASN A 122 -5.71 -8.75 12.88
C ASN A 122 -5.59 -9.71 14.06
N ALA A 123 -5.31 -10.98 13.78
CA ALA A 123 -5.20 -11.98 14.83
C ALA A 123 -4.02 -11.67 15.74
N VAL A 124 -2.90 -11.25 15.15
CA VAL A 124 -1.74 -10.83 15.95
C VAL A 124 -2.15 -9.67 16.89
N GLY A 125 -2.93 -8.73 16.35
CA GLY A 125 -3.46 -7.62 17.16
C GLY A 125 -4.36 -8.09 18.30
N MET A 126 -5.23 -9.06 18.02
CA MET A 126 -6.11 -9.58 19.06
C MET A 126 -5.31 -10.32 20.15
N ALA A 127 -4.23 -11.01 19.76
CA ALA A 127 -3.41 -11.70 20.73
C ALA A 127 -2.60 -10.69 21.54
N ILE A 128 -2.14 -9.62 20.90
CA ILE A 128 -1.46 -8.55 21.63
C ILE A 128 -2.42 -7.93 22.67
N ALA A 129 -3.66 -7.68 22.26
CA ALA A 129 -4.66 -7.11 23.15
C ALA A 129 -4.91 -8.02 24.35
N GLU A 130 -5.06 -9.33 24.11
CA GLU A 130 -5.33 -10.24 25.23
C GLU A 130 -4.17 -10.26 26.21
N LYS A 131 -2.94 -10.34 25.69
CA LYS A 131 -1.76 -10.40 26.54
C LYS A 131 -1.63 -9.13 27.39
N THR A 132 -1.83 -7.98 26.75
CA THR A 132 -1.72 -6.67 27.41
C THR A 132 -2.84 -6.45 28.42
N LEU A 133 -4.07 -6.78 28.03
CA LEU A 133 -5.22 -6.64 28.94
C LEU A 133 -5.06 -7.55 30.16
N ALA A 134 -4.57 -8.77 29.95
CA ALA A 134 -4.34 -9.70 31.07
C ALA A 134 -3.32 -9.11 32.04
N ALA A 135 -2.22 -8.60 31.50
CA ALA A 135 -1.17 -8.00 32.33
C ALA A 135 -1.71 -6.79 33.10
N GLN A 136 -2.54 -5.97 32.44
CA GLN A 136 -3.10 -4.79 33.12
C GLN A 136 -4.12 -5.14 34.22
N PHE A 137 -4.99 -6.11 33.95
CA PHE A 137 -6.18 -6.32 34.78
C PHE A 137 -6.15 -7.51 35.74
N ASN A 138 -5.48 -8.60 35.34
CA ASN A 138 -5.42 -9.78 36.22
C ASN A 138 -4.73 -9.48 37.54
N ARG A 139 -5.25 -10.11 38.59
CA ARG A 139 -4.71 -9.95 39.94
C ARG A 139 -4.59 -11.34 40.56
N PRO A 140 -3.73 -11.50 41.59
CA PRO A 140 -3.58 -12.82 42.20
C PRO A 140 -4.93 -13.38 42.61
N GLY A 141 -5.24 -14.58 42.12
CA GLY A 141 -6.52 -15.24 42.40
C GLY A 141 -7.69 -14.79 41.53
N HIS A 142 -7.40 -13.90 40.58
CA HIS A 142 -8.42 -13.25 39.75
C HIS A 142 -7.94 -13.09 38.30
N ASP A 143 -7.86 -14.20 37.56
CA ASP A 143 -7.44 -14.15 36.17
C ASP A 143 -8.62 -13.96 35.21
N ILE A 144 -9.15 -12.74 35.16
CA ILE A 144 -10.38 -12.42 34.41
C ILE A 144 -10.16 -12.34 32.90
N VAL A 145 -8.89 -12.21 32.48
CA VAL A 145 -8.56 -12.23 31.05
C VAL A 145 -7.70 -13.46 30.79
N ASP A 146 -8.24 -14.39 30.00
CA ASP A 146 -7.52 -15.61 29.66
C ASP A 146 -8.19 -16.25 28.46
N HIS A 147 -7.77 -15.86 27.26
CA HIS A 147 -8.33 -16.47 26.04
C HIS A 147 -7.32 -16.60 24.91
N TYR A 148 -7.59 -17.56 24.02
CA TYR A 148 -6.76 -17.83 22.85
C TYR A 148 -7.20 -17.04 21.62
N THR A 149 -6.28 -16.90 20.68
CA THR A 149 -6.58 -16.34 19.36
C THR A 149 -6.18 -17.40 18.35
N TYR A 150 -7.16 -17.90 17.60
CA TYR A 150 -6.92 -18.91 16.58
C TYR A 150 -7.12 -18.31 15.20
N ALA A 151 -6.19 -18.59 14.28
CA ALA A 151 -6.34 -18.10 12.90
C ALA A 151 -6.17 -19.22 11.90
N PHE A 152 -6.98 -19.18 10.84
CA PHE A 152 -6.78 -20.03 9.67
C PHE A 152 -6.18 -19.16 8.57
N MET A 153 -5.25 -19.71 7.80
CA MET A 153 -4.60 -18.95 6.73
C MET A 153 -4.07 -19.91 5.67
N GLY A 154 -3.93 -19.42 4.44
CA GLY A 154 -3.51 -20.24 3.30
C GLY A 154 -2.25 -19.74 2.62
N ASP A 155 -1.98 -20.25 1.42
CA ASP A 155 -0.79 -19.86 0.65
C ASP A 155 -0.78 -18.37 0.32
N GLY A 156 -1.97 -17.81 0.03
CA GLY A 156 -2.05 -16.39 -0.32
C GLY A 156 -1.58 -15.51 0.82
N CYS A 157 -2.10 -15.77 2.02
CA CYS A 157 -1.65 -15.04 3.22
C CYS A 157 -0.14 -15.22 3.46
N MET A 158 0.36 -16.44 3.24
CA MET A 158 1.78 -16.73 3.46
C MET A 158 2.67 -15.99 2.47
N MET A 159 2.21 -15.86 1.22
CA MET A 159 3.01 -15.13 0.21
C MET A 159 3.05 -13.63 0.45
N GLU A 160 1.95 -13.06 0.94
CA GLU A 160 1.88 -11.61 1.17
C GLU A 160 2.94 -11.11 2.17
N GLY A 161 3.56 -9.97 1.84
CA GLY A 161 4.54 -9.34 2.72
C GLY A 161 4.04 -9.09 4.13
N ILE A 162 2.77 -8.74 4.25
CA ILE A 162 2.23 -8.41 5.58
C ILE A 162 2.37 -9.59 6.55
N SER A 163 2.34 -10.82 6.04
CA SER A 163 2.52 -11.99 6.93
C SER A 163 3.91 -11.98 7.57
N HIS A 164 4.92 -11.56 6.80
CA HIS A 164 6.27 -11.42 7.33
C HIS A 164 6.30 -10.36 8.44
N GLU A 165 5.68 -9.22 8.20
CA GLU A 165 5.72 -8.14 9.20
C GLU A 165 5.11 -8.59 10.53
N VAL A 166 3.89 -9.13 10.47
CA VAL A 166 3.16 -9.40 11.71
C VAL A 166 3.62 -10.66 12.42
N CYS A 167 4.03 -11.67 11.64
CA CYS A 167 4.50 -12.90 12.28
C CYS A 167 5.91 -12.72 12.87
N SER A 168 6.74 -11.90 12.22
CA SER A 168 8.02 -11.52 12.82
C SER A 168 7.79 -10.87 14.18
N LEU A 169 6.94 -9.85 14.22
CA LEU A 169 6.68 -9.14 15.48
C LEU A 169 6.00 -10.06 16.52
N ALA A 170 5.07 -10.90 16.08
CA ALA A 170 4.43 -11.88 16.99
C ALA A 170 5.47 -12.75 17.71
N GLY A 171 6.54 -13.09 17.00
CA GLY A 171 7.60 -13.91 17.58
C GLY A 171 8.36 -13.14 18.65
N THR A 172 8.72 -11.89 18.34
CA THR A 172 9.41 -11.03 19.31
C THR A 172 8.58 -10.87 20.59
N LEU A 173 7.27 -10.71 20.43
CA LEU A 173 6.38 -10.47 21.56
C LEU A 173 5.96 -11.74 22.32
N LYS A 174 6.45 -12.91 21.86
CA LYS A 174 6.24 -14.19 22.56
C LYS A 174 4.75 -14.47 22.82
N LEU A 175 3.95 -14.35 21.76
CA LEU A 175 2.50 -14.46 21.88
C LEU A 175 2.04 -15.92 21.96
N GLY A 176 2.21 -16.50 23.15
CA GLY A 176 1.96 -17.92 23.37
C GLY A 176 0.51 -18.39 23.24
N LYS A 177 -0.42 -17.45 23.17
CA LYS A 177 -1.84 -17.80 23.04
C LYS A 177 -2.35 -17.62 21.62
N LEU A 178 -1.45 -17.27 20.70
CA LEU A 178 -1.77 -17.24 19.28
C LEU A 178 -1.45 -18.60 18.63
N ILE A 179 -2.43 -19.22 18.00
CA ILE A 179 -2.25 -20.49 17.31
C ILE A 179 -2.81 -20.36 15.90
N ALA A 180 -1.94 -20.52 14.89
CA ALA A 180 -2.36 -20.37 13.51
C ALA A 180 -2.31 -21.72 12.81
N PHE A 181 -3.30 -21.96 11.97
CA PHE A 181 -3.37 -23.17 11.17
C PHE A 181 -3.13 -22.80 9.71
N TYR A 182 -2.08 -23.37 9.13
CA TYR A 182 -1.75 -23.12 7.72
C TYR A 182 -2.37 -24.21 6.87
N ASP A 183 -3.27 -23.80 5.97
CA ASP A 183 -3.92 -24.71 5.04
C ASP A 183 -2.96 -25.02 3.89
N ASP A 184 -2.14 -26.04 4.10
CA ASP A 184 -1.04 -26.34 3.18
C ASP A 184 -1.54 -27.28 2.11
N ASN A 185 -2.18 -26.72 1.08
CA ASN A 185 -2.84 -27.52 0.05
C ASN A 185 -2.19 -27.50 -1.35
N GLY A 186 -1.10 -26.73 -1.47
CA GLY A 186 -0.30 -26.75 -2.70
C GLY A 186 -0.92 -26.11 -3.93
N ILE A 187 -2.06 -25.45 -3.77
CA ILE A 187 -2.82 -24.85 -4.90
C ILE A 187 -3.10 -23.37 -4.67
N SER A 188 -2.90 -22.55 -5.70
CA SER A 188 -3.41 -21.18 -5.70
C SER A 188 -4.11 -20.95 -7.04
N ILE A 189 -4.51 -19.72 -7.33
CA ILE A 189 -5.35 -19.49 -8.51
C ILE A 189 -4.62 -19.86 -9.83
N ASP A 190 -3.32 -19.58 -9.90
CA ASP A 190 -2.54 -19.87 -11.10
C ASP A 190 -2.25 -21.37 -11.29
N GLY A 191 -2.51 -22.18 -10.26
CA GLY A 191 -2.32 -23.63 -10.31
C GLY A 191 -1.45 -24.18 -9.19
N HIS A 192 -0.59 -25.13 -9.53
CA HIS A 192 0.28 -25.73 -8.51
C HIS A 192 1.34 -24.73 -8.04
N VAL A 193 1.37 -24.46 -6.73
CA VAL A 193 2.13 -23.31 -6.22
C VAL A 193 3.63 -23.37 -6.44
N GLU A 194 4.19 -24.57 -6.68
CA GLU A 194 5.66 -24.70 -6.80
C GLU A 194 6.29 -23.83 -7.90
N GLY A 195 5.47 -23.39 -8.86
CA GLY A 195 5.99 -22.50 -9.92
C GLY A 195 6.32 -21.09 -9.42
N TRP A 196 5.76 -20.70 -8.27
CA TRP A 196 5.92 -19.33 -7.74
C TRP A 196 6.09 -19.24 -6.22
N PHE A 197 6.02 -20.36 -5.51
CA PHE A 197 6.04 -20.33 -4.05
C PHE A 197 6.72 -21.61 -3.56
N THR A 198 7.96 -21.47 -3.11
CA THR A 198 8.77 -22.63 -2.72
C THR A 198 9.41 -22.51 -1.32
N ASP A 199 8.95 -21.55 -0.51
CA ASP A 199 9.51 -21.35 0.85
C ASP A 199 9.44 -22.64 1.65
N ASP A 200 10.47 -22.86 2.46
CA ASP A 200 10.35 -23.80 3.57
C ASP A 200 9.66 -23.01 4.67
N THR A 201 8.33 -23.04 4.64
CA THR A 201 7.50 -22.19 5.49
C THR A 201 7.73 -22.49 6.97
N ALA A 202 7.94 -23.77 7.29
CA ALA A 202 8.23 -24.15 8.69
C ALA A 202 9.54 -23.51 9.16
N MET A 203 10.57 -23.58 8.33
CA MET A 203 11.87 -22.98 8.64
C MET A 203 11.74 -21.46 8.80
N ARG A 204 10.98 -20.84 7.89
CA ARG A 204 10.71 -19.40 7.96
C ARG A 204 10.11 -19.02 9.32
N PHE A 205 9.10 -19.77 9.75
CA PHE A 205 8.43 -19.45 11.01
C PHE A 205 9.27 -19.77 12.25
N GLU A 206 10.10 -20.81 12.19
CA GLU A 206 11.09 -21.01 13.26
C GLU A 206 12.08 -19.82 13.33
N ALA A 207 12.38 -19.20 12.19
CA ALA A 207 13.25 -18.03 12.16
C ALA A 207 12.59 -16.84 12.87
N TYR A 208 11.26 -16.84 12.90
CA TYR A 208 10.51 -15.82 13.66
C TYR A 208 10.36 -16.16 15.14
N GLY A 209 10.90 -17.29 15.58
CA GLY A 209 10.71 -17.72 16.97
C GLY A 209 9.34 -18.31 17.27
N TRP A 210 8.68 -18.82 16.23
CA TRP A 210 7.44 -19.57 16.43
C TRP A 210 7.74 -21.03 16.71
N HIS A 211 6.81 -21.66 17.42
CA HIS A 211 6.78 -23.10 17.57
C HIS A 211 6.03 -23.63 16.36
N VAL A 212 6.65 -24.54 15.62
CA VAL A 212 6.06 -25.05 14.37
C VAL A 212 5.85 -26.57 14.46
N ILE A 213 4.65 -27.01 14.10
CA ILE A 213 4.31 -28.43 14.06
C ILE A 213 4.13 -28.84 12.60
N ARG A 214 5.09 -29.62 12.11
CA ARG A 214 5.12 -30.05 10.72
C ARG A 214 4.28 -31.30 10.48
N ASP A 215 3.88 -31.49 9.21
CA ASP A 215 3.35 -32.75 8.70
C ASP A 215 2.10 -33.25 9.43
N ILE A 216 1.20 -32.32 9.72
CA ILE A 216 -0.11 -32.69 10.26
C ILE A 216 -1.01 -33.16 9.11
N ASP A 217 -1.63 -34.33 9.27
CA ASP A 217 -2.64 -34.80 8.34
C ASP A 217 -3.93 -34.02 8.63
N GLY A 218 -4.18 -33.01 7.79
CA GLY A 218 -5.33 -32.13 7.94
C GLY A 218 -6.69 -32.80 7.73
N HIS A 219 -6.68 -34.08 7.39
CA HIS A 219 -7.93 -34.84 7.24
C HIS A 219 -8.11 -35.94 8.30
N ASP A 220 -7.31 -35.85 9.35
CA ASP A 220 -7.33 -36.84 10.42
C ASP A 220 -7.52 -36.15 11.75
N ALA A 221 -8.71 -36.32 12.33
CA ALA A 221 -9.03 -35.71 13.61
C ALA A 221 -7.96 -35.99 14.67
N ALA A 222 -7.49 -37.23 14.78
CA ALA A 222 -6.47 -37.55 15.79
C ALA A 222 -5.20 -36.70 15.63
N SER A 223 -4.73 -36.59 14.39
CA SER A 223 -3.53 -35.82 14.10
CA SER A 223 -3.53 -35.82 14.07
C SER A 223 -3.70 -34.35 14.44
N ILE A 224 -4.85 -33.79 14.04
CA ILE A 224 -5.15 -32.38 14.30
C ILE A 224 -5.23 -32.13 15.81
N LYS A 225 -6.00 -32.96 16.52
CA LYS A 225 -6.22 -32.76 17.96
C LYS A 225 -4.89 -32.79 18.72
N ARG A 226 -4.04 -33.76 18.39
CA ARG A 226 -2.72 -33.85 19.01
C ARG A 226 -1.92 -32.55 18.80
N ALA A 227 -1.96 -32.03 17.58
CA ALA A 227 -1.20 -30.83 17.26
C ALA A 227 -1.70 -29.62 18.05
N VAL A 228 -3.03 -29.50 18.19
CA VAL A 228 -3.59 -28.36 18.93
C VAL A 228 -3.18 -28.47 20.41
N GLU A 229 -3.23 -29.68 20.95
CA GLU A 229 -2.78 -29.89 22.33
C GLU A 229 -1.32 -29.46 22.52
N GLU A 230 -0.46 -29.84 21.58
CA GLU A 230 0.96 -29.49 21.65
C GLU A 230 1.15 -27.97 21.59
N ALA A 231 0.41 -27.31 20.70
CA ALA A 231 0.48 -25.85 20.57
C ALA A 231 0.03 -25.14 21.84
N ARG A 232 -1.01 -25.65 22.49
CA ARG A 232 -1.52 -25.06 23.73
C ARG A 232 -0.54 -25.25 24.90
N ALA A 233 0.28 -26.29 24.82
CA ALA A 233 1.26 -26.58 25.89
C ALA A 233 2.50 -25.68 25.80
N VAL A 234 2.73 -25.09 24.63
CA VAL A 234 3.83 -24.15 24.42
C VAL A 234 3.35 -22.73 24.73
N THR A 235 3.73 -22.20 25.88
CA THR A 235 3.12 -20.96 26.35
C THR A 235 3.94 -19.71 26.04
N ASP A 236 5.16 -19.89 25.52
CA ASP A 236 6.07 -18.76 25.33
C ASP A 236 6.36 -18.41 23.87
N LYS A 237 5.65 -19.08 22.95
CA LYS A 237 5.80 -18.85 21.50
C LYS A 237 4.46 -18.99 20.82
N PRO A 238 4.20 -18.14 19.79
CA PRO A 238 3.02 -18.39 18.95
C PRO A 238 3.30 -19.68 18.18
N SER A 239 2.24 -20.40 17.78
CA SER A 239 2.40 -21.69 17.13
C SER A 239 1.82 -21.69 15.73
N LEU A 240 2.54 -22.33 14.80
CA LEU A 240 2.02 -22.58 13.46
C LEU A 240 1.85 -24.07 13.25
N LEU A 241 0.64 -24.47 12.83
CA LEU A 241 0.35 -25.87 12.52
C LEU A 241 0.30 -26.06 11.02
N MET A 242 1.25 -26.85 10.51
CA MET A 242 1.38 -27.10 9.07
C MET A 242 0.41 -28.20 8.68
N CYS A 243 -0.80 -27.79 8.27
CA CYS A 243 -1.87 -28.75 8.02
C CYS A 243 -1.96 -29.14 6.55
N LYS A 244 -1.52 -30.35 6.22
CA LYS A 244 -1.60 -30.84 4.83
C LYS A 244 -3.05 -31.21 4.50
N THR A 245 -3.63 -30.50 3.54
CA THR A 245 -5.01 -30.75 3.16
C THR A 245 -5.13 -30.84 1.65
N ILE A 246 -6.29 -31.32 1.22
CA ILE A 246 -6.64 -31.41 -0.19
C ILE A 246 -7.75 -30.41 -0.45
N ILE A 247 -7.48 -29.41 -1.29
CA ILE A 247 -8.48 -28.40 -1.61
C ILE A 247 -9.68 -29.09 -2.25
N GLY A 248 -10.88 -28.72 -1.83
CA GLY A 248 -12.09 -29.34 -2.36
C GLY A 248 -12.26 -30.81 -2.00
N PHE A 249 -11.65 -31.22 -0.88
CA PHE A 249 -11.75 -32.60 -0.39
C PHE A 249 -13.17 -33.14 -0.51
N GLY A 250 -13.32 -34.29 -1.17
CA GLY A 250 -14.61 -34.92 -1.36
C GLY A 250 -15.03 -34.98 -2.82
N SER A 251 -14.55 -34.03 -3.61
CA SER A 251 -14.90 -33.94 -5.03
C SER A 251 -14.00 -34.87 -5.84
N PRO A 252 -14.57 -35.93 -6.46
CA PRO A 252 -13.67 -36.83 -7.21
C PRO A 252 -12.88 -36.15 -8.31
N ASN A 253 -13.50 -35.21 -9.02
CA ASN A 253 -12.87 -34.60 -10.20
C ASN A 253 -12.22 -33.25 -9.96
N LYS A 254 -12.59 -32.56 -8.89
CA LYS A 254 -12.04 -31.21 -8.65
C LYS A 254 -11.18 -31.07 -7.39
N ALA A 255 -11.21 -32.07 -6.50
CA ALA A 255 -10.30 -32.06 -5.35
C ALA A 255 -8.85 -31.98 -5.82
N GLY A 256 -8.06 -31.15 -5.13
CA GLY A 256 -6.64 -31.01 -5.45
C GLY A 256 -6.37 -30.21 -6.72
N THR A 257 -7.39 -29.52 -7.23
CA THR A 257 -7.26 -28.70 -8.44
C THR A 257 -7.61 -27.24 -8.16
N HIS A 258 -7.02 -26.34 -8.95
CA HIS A 258 -7.34 -24.91 -8.86
C HIS A 258 -8.82 -24.67 -9.24
N ASP A 259 -9.42 -25.60 -9.97
CA ASP A 259 -10.83 -25.51 -10.36
C ASP A 259 -11.77 -25.41 -9.16
N SER A 260 -11.37 -25.99 -8.02
CA SER A 260 -12.22 -25.99 -6.83
C SER A 260 -12.08 -24.73 -5.99
N HIS A 261 -11.11 -23.87 -6.35
CA HIS A 261 -10.83 -22.70 -5.53
C HIS A 261 -11.99 -21.71 -5.45
N GLY A 262 -12.52 -21.32 -6.60
CA GLY A 262 -13.28 -20.05 -6.68
C GLY A 262 -14.47 -20.02 -7.60
N ALA A 263 -15.02 -21.20 -7.88
CA ALA A 263 -16.25 -21.30 -8.66
C ALA A 263 -17.10 -22.46 -8.16
N PRO A 264 -18.42 -22.39 -8.38
CA PRO A 264 -19.29 -23.52 -8.05
C PRO A 264 -18.77 -24.84 -8.65
N LEU A 265 -18.92 -25.93 -7.92
CA LEU A 265 -18.52 -27.25 -8.41
C LEU A 265 -19.38 -27.74 -9.57
N GLY A 266 -20.65 -27.32 -9.60
CA GLY A 266 -21.60 -27.78 -10.61
C GLY A 266 -22.45 -28.90 -10.05
N ASP A 267 -23.68 -29.01 -10.54
CA ASP A 267 -24.65 -29.99 -9.98
C ASP A 267 -24.15 -31.43 -10.10
N ALA A 268 -23.62 -31.80 -11.27
CA ALA A 268 -23.13 -33.16 -11.49
C ALA A 268 -22.02 -33.51 -10.51
N GLU A 269 -21.08 -32.58 -10.34
CA GLU A 269 -19.94 -32.81 -9.45
C GLU A 269 -20.36 -32.87 -7.99
N ILE A 270 -21.34 -32.05 -7.61
CA ILE A 270 -21.89 -32.09 -6.25
C ILE A 270 -22.51 -33.45 -5.95
N ALA A 271 -23.22 -34.01 -6.93
CA ALA A 271 -23.81 -35.35 -6.78
C ALA A 271 -22.73 -36.40 -6.53
N LEU A 272 -21.64 -36.32 -7.28
CA LEU A 272 -20.51 -37.26 -7.12
C LEU A 272 -19.79 -37.07 -5.78
N THR A 273 -19.78 -35.82 -5.31
CA THR A 273 -19.18 -35.46 -4.02
C THR A 273 -19.99 -36.04 -2.86
N ARG A 274 -21.31 -35.91 -2.94
CA ARG A 274 -22.20 -36.58 -1.98
C ARG A 274 -21.92 -38.07 -1.93
N GLU A 275 -21.73 -38.69 -3.09
CA GLU A 275 -21.47 -40.12 -3.15
C GLU A 275 -20.13 -40.47 -2.49
N GLN A 276 -19.08 -39.72 -2.84
CA GLN A 276 -17.74 -39.97 -2.27
C GLN A 276 -17.72 -39.78 -0.76
N LEU A 277 -18.40 -38.74 -0.29
CA LEU A 277 -18.43 -38.44 1.14
C LEU A 277 -19.40 -39.31 1.93
N GLY A 278 -20.28 -40.01 1.20
CA GLY A 278 -21.39 -40.73 1.84
C GLY A 278 -22.37 -39.81 2.54
N TRP A 279 -22.57 -38.62 1.97
CA TRP A 279 -23.48 -37.64 2.55
C TRP A 279 -24.87 -37.77 1.94
N LYS A 280 -25.85 -38.19 2.75
CA LYS A 280 -27.16 -38.55 2.22
C LYS A 280 -28.28 -37.54 2.43
N TYR A 281 -27.92 -36.29 2.74
CA TYR A 281 -28.91 -35.27 3.00
C TYR A 281 -28.99 -34.27 1.86
N ALA A 282 -30.20 -33.75 1.61
CA ALA A 282 -30.47 -32.82 0.51
C ALA A 282 -29.85 -31.46 0.81
N PRO A 283 -29.72 -30.58 -0.21
CA PRO A 283 -29.18 -29.25 0.10
C PRO A 283 -29.96 -28.57 1.22
N PHE A 284 -29.23 -28.07 2.22
CA PHE A 284 -29.83 -27.30 3.34
C PHE A 284 -30.65 -28.16 4.31
N GLU A 285 -30.43 -29.47 4.22
CA GLU A 285 -30.95 -30.42 5.20
C GLU A 285 -29.83 -30.87 6.13
N ILE A 286 -30.03 -30.64 7.42
CA ILE A 286 -29.12 -31.13 8.46
C ILE A 286 -29.98 -31.89 9.49
N PRO A 287 -29.66 -33.16 9.75
CA PRO A 287 -30.48 -33.95 10.69
C PRO A 287 -30.26 -33.50 12.13
N SER A 288 -31.25 -33.74 12.99
CA SER A 288 -31.19 -33.30 14.39
C SER A 288 -29.97 -33.82 15.17
N GLU A 289 -29.54 -35.06 14.89
CA GLU A 289 -28.38 -35.64 15.58
C GLU A 289 -27.07 -34.87 15.31
N ILE A 290 -26.96 -34.33 14.10
CA ILE A 290 -25.77 -33.56 13.73
C ILE A 290 -25.80 -32.19 14.41
N TYR A 291 -26.97 -31.52 14.41
CA TYR A 291 -27.11 -30.29 15.20
C TYR A 291 -26.80 -30.53 16.68
N ALA A 292 -27.29 -31.66 17.20
CA ALA A 292 -27.10 -32.00 18.62
C ALA A 292 -25.62 -32.05 19.01
N GLN A 293 -24.78 -32.63 18.14
CA GLN A 293 -23.34 -32.72 18.40
C GLN A 293 -22.59 -31.40 18.09
N TRP A 294 -23.15 -30.59 17.21
CA TRP A 294 -22.50 -29.32 16.84
C TRP A 294 -22.87 -28.18 17.77
N ASP A 295 -24.07 -28.20 18.33
CA ASP A 295 -24.59 -27.04 19.04
C ASP A 295 -23.75 -26.70 20.27
N ALA A 296 -23.46 -25.42 20.46
CA ALA A 296 -22.61 -24.97 21.56
C ALA A 296 -23.31 -24.07 22.57
N LYS A 297 -24.63 -23.97 22.47
CA LYS A 297 -25.39 -23.07 23.34
C LYS A 297 -25.28 -23.43 24.84
N GLU A 298 -25.42 -24.72 25.16
CA GLU A 298 -25.39 -25.14 26.56
C GLU A 298 -23.99 -24.98 27.18
N ALA A 299 -22.98 -25.52 26.51
CA ALA A 299 -21.59 -25.39 26.98
C ALA A 299 -21.17 -23.91 27.05
N GLY A 300 -21.57 -23.14 26.04
CA GLY A 300 -21.18 -21.73 25.94
C GLY A 300 -21.78 -20.91 27.06
N GLN A 301 -23.05 -21.15 27.35
CA GLN A 301 -23.69 -20.41 28.44
C GLN A 301 -23.07 -20.80 29.78
N ALA A 302 -22.72 -22.07 29.94
CA ALA A 302 -22.07 -22.55 31.16
C ALA A 302 -20.71 -21.89 31.36
N LYS A 303 -19.95 -21.77 30.28
CA LYS A 303 -18.61 -21.17 30.35
C LYS A 303 -18.69 -19.66 30.65
N GLU A 304 -19.61 -18.98 29.96
CA GLU A 304 -19.76 -17.56 30.19
C GLU A 304 -20.31 -17.26 31.59
N SER A 305 -21.24 -18.08 32.06
CA SER A 305 -21.79 -17.88 33.41
C SER A 305 -20.70 -18.03 34.46
N ALA A 306 -19.85 -19.04 34.30
CA ALA A 306 -18.70 -19.24 35.19
C ALA A 306 -17.80 -18.01 35.19
N TRP A 307 -17.55 -17.45 34.00
CA TRP A 307 -16.75 -16.25 33.89
C TRP A 307 -17.41 -15.05 34.59
N ASN A 308 -18.72 -14.89 34.40
CA ASN A 308 -19.46 -13.80 35.04
C ASN A 308 -19.29 -13.86 36.56
N GLU A 309 -19.32 -15.08 37.11
CA GLU A 309 -19.14 -15.27 38.54
C GLU A 309 -17.72 -14.88 38.98
N LYS A 310 -16.73 -15.25 38.16
CA LYS A 310 -15.33 -14.84 38.40
C LYS A 310 -15.20 -13.32 38.37
N PHE A 311 -15.85 -12.71 37.39
CA PHE A 311 -15.79 -11.26 37.28
C PHE A 311 -16.46 -10.56 38.45
N ALA A 312 -17.59 -11.11 38.92
CA ALA A 312 -18.25 -10.53 40.08
C ALA A 312 -17.33 -10.55 41.31
N ALA A 313 -16.63 -11.66 41.53
CA ALA A 313 -15.69 -11.78 42.66
C ALA A 313 -14.53 -10.78 42.52
N TYR A 314 -14.02 -10.65 41.29
CA TYR A 314 -13.00 -9.66 40.98
C TYR A 314 -13.50 -8.25 41.34
N ALA A 315 -14.73 -7.94 40.94
CA ALA A 315 -15.31 -6.61 41.15
C ALA A 315 -15.48 -6.28 42.63
N LYS A 316 -15.75 -7.29 43.44
CA LYS A 316 -15.80 -7.09 44.90
C LYS A 316 -14.43 -6.69 45.45
N ALA A 317 -13.38 -7.37 44.97
CA ALA A 317 -12.02 -7.18 45.47
C ALA A 317 -11.35 -5.94 44.86
N TYR A 318 -11.71 -5.65 43.61
CA TYR A 318 -11.09 -4.57 42.82
C TYR A 318 -12.17 -3.75 42.10
N PRO A 319 -12.99 -3.00 42.85
CA PRO A 319 -14.11 -2.29 42.21
C PRO A 319 -13.72 -1.24 41.15
N GLN A 320 -12.69 -0.43 41.41
CA GLN A 320 -12.27 0.59 40.44
C GLN A 320 -11.76 -0.05 39.14
N GLU A 321 -10.96 -1.10 39.30
CA GLU A 321 -10.40 -1.85 38.18
C GLU A 321 -11.49 -2.54 37.36
N ALA A 322 -12.47 -3.14 38.04
CA ALA A 322 -13.58 -3.78 37.34
C ALA A 322 -14.41 -2.77 36.55
N ALA A 323 -14.67 -1.60 37.15
CA ALA A 323 -15.38 -0.53 36.46
C ALA A 323 -14.62 -0.08 35.21
N GLU A 324 -13.30 0.04 35.32
CA GLU A 324 -12.46 0.40 34.18
C GLU A 324 -12.49 -0.67 33.10
N PHE A 325 -12.46 -1.94 33.51
CA PHE A 325 -12.53 -3.04 32.56
C PHE A 325 -13.83 -2.96 31.73
N THR A 326 -14.95 -2.77 32.41
CA THR A 326 -16.26 -2.71 31.75
C THR A 326 -16.35 -1.52 30.78
N ARG A 327 -15.95 -0.35 31.26
CA ARG A 327 -15.89 0.85 30.44
C ARG A 327 -15.05 0.62 29.19
N ARG A 328 -13.84 0.11 29.40
CA ARG A 328 -12.90 -0.06 28.29
C ARG A 328 -13.36 -1.12 27.29
N MET A 329 -13.95 -2.21 27.77
CA MET A 329 -14.44 -3.25 26.86
C MET A 329 -15.60 -2.75 25.99
N LYS A 330 -16.40 -1.83 26.54
CA LYS A 330 -17.54 -1.24 25.81
C LYS A 330 -17.12 -0.10 24.88
N GLY A 331 -15.87 0.34 25.03
CA GLY A 331 -15.32 1.44 24.23
C GLY A 331 -15.84 2.80 24.64
N GLU A 332 -16.38 2.88 25.85
CA GLU A 332 -16.91 4.13 26.40
C GLU A 332 -15.78 5.06 26.84
N MET A 333 -16.01 6.36 26.72
CA MET A 333 -15.04 7.35 27.17
C MET A 333 -15.26 7.68 28.65
N PRO A 334 -14.19 8.12 29.34
CA PRO A 334 -14.37 8.58 30.71
C PRO A 334 -15.40 9.72 30.74
N SER A 335 -16.22 9.77 31.79
CA SER A 335 -17.32 10.75 31.81
C SER A 335 -16.84 12.20 31.80
N ASP A 336 -15.67 12.44 32.38
CA ASP A 336 -15.12 13.81 32.43
C ASP A 336 -14.11 14.11 31.32
N PHE A 337 -13.95 13.20 30.35
CA PHE A 337 -12.96 13.44 29.31
C PHE A 337 -13.27 14.68 28.47
N ASP A 338 -14.52 14.85 28.07
CA ASP A 338 -14.93 15.99 27.26
C ASP A 338 -14.57 17.32 27.94
N ALA A 339 -14.94 17.45 29.22
CA ALA A 339 -14.65 18.66 29.96
C ALA A 339 -13.14 18.91 30.12
N LYS A 340 -12.39 17.85 30.43
CA LYS A 340 -10.96 17.97 30.65
C LYS A 340 -10.20 18.30 29.36
N ALA A 341 -10.61 17.68 28.26
CA ALA A 341 -9.98 17.95 26.97
C ALA A 341 -10.28 19.38 26.52
N LYS A 342 -11.52 19.83 26.73
CA LYS A 342 -11.90 21.22 26.44
C LYS A 342 -11.07 22.23 27.23
N GLU A 343 -10.84 21.91 28.51
CA GLU A 343 -9.99 22.75 29.35
C GLU A 343 -8.57 22.84 28.77
N PHE A 344 -8.05 21.73 28.27
CA PHE A 344 -6.72 21.70 27.68
C PHE A 344 -6.67 22.56 26.42
N ILE A 345 -7.65 22.37 25.54
CA ILE A 345 -7.79 23.15 24.31
C ILE A 345 -7.87 24.66 24.59
N ALA A 346 -8.68 25.03 25.58
CA ALA A 346 -8.81 26.44 25.98
C ALA A 346 -7.46 27.00 26.47
N LYS A 347 -6.71 26.18 27.22
CA LYS A 347 -5.41 26.60 27.74
C LYS A 347 -4.43 26.91 26.60
N LEU A 348 -4.43 26.06 25.58
CA LEU A 348 -3.56 26.27 24.42
C LEU A 348 -3.91 27.56 23.69
N GLN A 349 -5.21 27.83 23.51
CA GLN A 349 -5.61 29.04 22.79
C GLN A 349 -5.15 30.29 23.56
N ALA A 350 -5.17 30.21 24.90
CA ALA A 350 -4.84 31.33 25.77
C ALA A 350 -3.33 31.53 25.96
N ASN A 351 -2.55 30.51 25.59
CA ASN A 351 -1.10 30.50 25.78
C ASN A 351 -0.40 30.11 24.48
N PRO A 352 -0.31 31.07 23.54
CA PRO A 352 0.18 30.74 22.19
C PRO A 352 1.60 30.20 22.15
N ALA A 353 1.83 29.22 21.28
CA ALA A 353 3.15 28.65 21.04
C ALA A 353 3.29 28.31 19.56
N LYS A 354 4.43 28.67 18.99
CA LYS A 354 4.76 28.31 17.61
C LYS A 354 5.58 27.03 17.67
N ILE A 355 4.91 25.90 17.41
CA ILE A 355 5.56 24.58 17.43
C ILE A 355 5.09 23.76 16.23
N ALA A 356 5.81 22.70 15.88
CA ALA A 356 5.39 21.83 14.78
C ALA A 356 4.13 21.12 15.22
N SER A 357 3.20 20.85 14.30
CA SER A 357 2.03 20.09 14.74
C SER A 357 2.37 18.64 15.17
N ARG A 358 3.51 18.10 14.73
CA ARG A 358 3.96 16.81 15.30
C ARG A 358 4.24 16.94 16.81
N LYS A 359 4.75 18.10 17.24
CA LYS A 359 4.97 18.36 18.67
C LYS A 359 3.63 18.64 19.39
N ALA A 360 2.73 19.38 18.73
CA ALA A 360 1.40 19.61 19.28
C ALA A 360 0.67 18.27 19.50
N SER A 361 0.90 17.33 18.57
CA SER A 361 0.37 15.98 18.68
C SER A 361 0.90 15.29 19.94
N GLN A 362 2.23 15.30 20.10
CA GLN A 362 2.86 14.73 21.32
C GLN A 362 2.31 15.35 22.58
N ASN A 363 2.11 16.66 22.56
CA ASN A 363 1.55 17.37 23.71
C ASN A 363 0.11 16.94 24.04
N ALA A 364 -0.67 16.64 22.99
CA ALA A 364 -2.03 16.14 23.19
C ALA A 364 -2.01 14.73 23.77
N ILE A 365 -1.09 13.89 23.28
CA ILE A 365 -0.91 12.56 23.87
C ILE A 365 -0.56 12.67 25.34
N GLU A 366 0.34 13.59 25.68
CA GLU A 366 0.75 13.83 27.07
C GLU A 366 -0.44 14.28 27.92
N ALA A 367 -1.26 15.18 27.38
CA ALA A 367 -2.44 15.65 28.14
C ALA A 367 -3.48 14.55 28.33
N PHE A 368 -3.69 13.74 27.29
CA PHE A 368 -4.74 12.72 27.30
C PHE A 368 -4.31 11.44 27.99
N GLY A 369 -3.00 11.19 28.01
CA GLY A 369 -2.44 9.94 28.58
C GLY A 369 -3.00 9.55 29.93
N PRO A 370 -2.90 10.46 30.93
CA PRO A 370 -3.44 10.16 32.26
C PRO A 370 -4.95 9.92 32.26
N LEU A 371 -5.63 10.39 31.21
CA LEU A 371 -7.09 10.27 31.13
C LEU A 371 -7.58 9.02 30.39
N LEU A 372 -6.74 8.48 29.51
CA LEU A 372 -7.12 7.37 28.64
C LEU A 372 -6.17 6.19 28.83
N PRO A 373 -6.33 5.45 29.94
CA PRO A 373 -5.47 4.29 30.20
C PRO A 373 -5.62 3.21 29.10
N GLU A 374 -6.68 3.31 28.31
CA GLU A 374 -6.89 2.41 27.19
C GLU A 374 -5.94 2.63 25.99
N PHE A 375 -5.19 3.74 25.98
CA PHE A 375 -4.21 3.94 24.88
C PHE A 375 -3.32 2.71 24.69
N LEU A 376 -3.22 2.24 23.45
CA LEU A 376 -2.17 1.30 23.10
C LEU A 376 -1.56 1.82 21.79
N GLY A 377 -0.52 2.66 21.96
CA GLY A 377 0.03 3.44 20.86
C GLY A 377 1.33 2.88 20.35
N GLY A 378 1.81 3.44 19.24
CA GLY A 378 3.11 3.06 18.71
C GLY A 378 3.46 3.78 17.45
N SER A 379 4.70 3.53 17.00
CA SER A 379 5.22 4.07 15.74
C SER A 379 6.05 3.02 15.05
N ALA A 380 6.06 3.09 13.71
CA ALA A 380 6.83 2.17 12.89
C ALA A 380 8.30 2.62 12.80
N ASP A 381 9.01 2.44 13.91
CA ASP A 381 10.44 2.79 14.04
C ASP A 381 10.71 4.27 13.87
N LEU A 382 9.75 5.10 14.24
CA LEU A 382 9.93 6.55 14.15
C LEU A 382 9.53 7.31 15.42
N ALA A 383 9.64 6.67 16.58
CA ALA A 383 9.26 7.35 17.84
C ALA A 383 9.86 8.76 17.99
N PRO A 384 11.18 8.91 17.72
CA PRO A 384 11.78 10.23 17.92
C PRO A 384 11.47 11.29 16.85
N SER A 385 10.80 10.86 15.76
CA SER A 385 10.44 11.76 14.64
C SER A 385 8.94 12.02 14.58
N ASN A 386 8.14 10.97 14.80
CA ASN A 386 6.69 11.09 14.88
C ASN A 386 6.25 11.71 16.22
N LEU A 387 7.08 11.54 17.25
CA LEU A 387 6.81 12.06 18.61
C LEU A 387 5.60 11.40 19.28
N THR A 388 5.64 10.07 19.29
CA THR A 388 4.54 9.25 19.80
C THR A 388 4.69 8.82 21.27
N LEU A 389 5.85 9.07 21.87
CA LEU A 389 6.06 8.74 23.29
C LEU A 389 5.62 9.91 24.16
N TRP A 390 4.92 9.60 25.26
CA TRP A 390 4.67 10.59 26.31
C TRP A 390 5.34 10.13 27.60
N SER A 391 5.28 10.95 28.65
CA SER A 391 5.99 10.63 29.91
C SER A 391 5.57 9.28 30.49
N GLY A 392 4.32 8.88 30.24
CA GLY A 392 3.77 7.65 30.78
C GLY A 392 3.86 6.46 29.84
N SER A 393 4.51 6.62 28.68
CA SER A 393 4.66 5.50 27.74
C SER A 393 5.49 4.38 28.36
N LYS A 394 5.01 3.15 28.23
CA LYS A 394 5.73 1.95 28.67
C LYS A 394 5.65 0.90 27.56
N ALA A 395 6.80 0.53 27.01
CA ALA A 395 6.83 -0.39 25.87
C ALA A 395 6.49 -1.80 26.30
N ILE A 396 5.59 -2.46 25.55
CA ILE A 396 5.09 -3.78 25.99
C ILE A 396 6.12 -4.91 25.86
N ASN A 397 7.19 -4.69 25.11
CA ASN A 397 8.30 -5.66 25.04
C ASN A 397 9.12 -5.63 26.33
N GLU A 398 8.97 -4.55 27.09
CA GLU A 398 9.65 -4.37 28.38
C GLU A 398 8.71 -4.65 29.56
N ASP A 399 7.46 -4.26 29.42
CA ASP A 399 6.49 -4.38 30.49
C ASP A 399 5.17 -4.78 29.84
N ALA A 400 4.75 -6.02 30.07
CA ALA A 400 3.56 -6.56 29.42
C ALA A 400 2.29 -5.76 29.73
N ALA A 401 2.29 -5.04 30.86
CA ALA A 401 1.15 -4.20 31.25
C ALA A 401 1.21 -2.79 30.66
N GLY A 402 2.12 -2.58 29.71
CA GLY A 402 2.34 -1.26 29.13
C GLY A 402 1.28 -0.80 28.13
N ASN A 403 1.64 0.25 27.40
CA ASN A 403 0.69 1.01 26.58
C ASN A 403 1.36 1.52 25.30
N TYR A 404 2.53 0.97 24.96
CA TYR A 404 3.31 1.42 23.80
C TYR A 404 3.89 0.22 23.06
N ILE A 405 3.85 0.27 21.73
CA ILE A 405 4.42 -0.79 20.89
C ILE A 405 5.45 -0.23 19.92
N HIS A 406 6.68 -0.74 20.00
CA HIS A 406 7.69 -0.47 18.97
C HIS A 406 7.39 -1.42 17.83
N TYR A 407 6.76 -0.89 16.78
CA TYR A 407 6.28 -1.74 15.70
C TYR A 407 7.37 -2.15 14.70
N GLY A 408 8.53 -1.50 14.79
CA GLY A 408 9.56 -1.70 13.76
C GLY A 408 9.13 -1.11 12.41
N VAL A 409 9.90 -1.41 11.36
CA VAL A 409 9.64 -0.78 10.06
C VAL A 409 8.60 -1.63 9.28
N ARG A 410 7.34 -1.50 9.72
CA ARG A 410 6.26 -2.42 9.37
C ARG A 410 4.96 -1.63 9.33
N GLU A 411 4.82 -0.71 8.38
CA GLU A 411 3.67 0.20 8.40
C GLU A 411 2.35 -0.53 8.15
N PHE A 412 2.37 -1.46 7.20
CA PHE A 412 1.15 -2.21 6.84
C PHE A 412 0.73 -3.13 7.98
N GLY A 413 1.68 -3.92 8.48
CA GLY A 413 1.44 -4.80 9.63
C GLY A 413 1.01 -4.04 10.86
N MET A 414 1.67 -2.93 11.16
CA MET A 414 1.27 -2.07 12.28
C MET A 414 -0.19 -1.69 12.20
N THR A 415 -0.62 -1.24 11.02
CA THR A 415 -1.97 -0.72 10.88
C THR A 415 -3.01 -1.84 11.00
N ALA A 416 -2.74 -3.01 10.40
CA ALA A 416 -3.69 -4.12 10.48
C ALA A 416 -3.67 -4.77 11.89
N ILE A 417 -2.51 -4.74 12.54
CA ILE A 417 -2.43 -5.18 13.94
C ILE A 417 -3.32 -4.27 14.78
N ALA A 418 -3.22 -2.96 14.57
CA ALA A 418 -4.06 -2.01 15.30
C ALA A 418 -5.55 -2.21 15.03
N ASN A 419 -5.92 -2.60 13.81
CA ASN A 419 -7.31 -3.03 13.54
C ASN A 419 -7.72 -4.19 14.44
N GLY A 420 -6.83 -5.16 14.65
CA GLY A 420 -7.09 -6.28 15.56
C GLY A 420 -7.25 -5.79 16.99
N ILE A 421 -6.43 -4.83 17.37
CA ILE A 421 -6.49 -4.22 18.71
C ILE A 421 -7.83 -3.54 18.94
N SER A 422 -8.28 -2.73 17.99
CA SER A 422 -9.57 -2.06 18.14
C SER A 422 -10.71 -3.05 18.14
N LEU A 423 -10.60 -4.11 17.32
CA LEU A 423 -11.67 -5.10 17.22
C LEU A 423 -11.81 -5.91 18.49
N HIS A 424 -10.70 -6.07 19.22
CA HIS A 424 -10.70 -6.91 20.41
C HIS A 424 -11.57 -6.32 21.53
N GLY A 425 -11.50 -5.00 21.65
CA GLY A 425 -12.09 -4.30 22.80
C GLY A 425 -11.07 -4.10 23.89
N GLY A 426 -11.25 -3.02 24.66
CA GLY A 426 -10.39 -2.75 25.81
C GLY A 426 -9.36 -1.66 25.60
N PHE A 427 -9.09 -1.35 24.33
CA PHE A 427 -8.02 -0.41 23.98
C PHE A 427 -8.46 0.63 22.94
N LEU A 428 -7.67 1.70 22.85
CA LEU A 428 -7.80 2.73 21.82
C LEU A 428 -6.41 2.83 21.20
N PRO A 429 -6.23 2.21 20.02
CA PRO A 429 -4.91 2.22 19.40
C PRO A 429 -4.61 3.51 18.64
N TYR A 430 -3.36 3.96 18.75
CA TYR A 430 -2.85 4.94 17.79
C TYR A 430 -1.61 4.38 17.13
N THR A 431 -1.46 4.69 15.84
CA THR A 431 -0.32 4.22 15.07
C THR A 431 0.33 5.41 14.41
N SER A 432 1.55 5.24 13.90
CA SER A 432 2.26 6.39 13.35
C SER A 432 3.39 6.04 12.41
N THR A 433 3.54 6.88 11.40
CA THR A 433 4.68 6.87 10.48
C THR A 433 4.69 8.20 9.72
N PHE A 434 5.67 8.40 8.86
CA PHE A 434 5.65 9.57 7.97
C PHE A 434 4.44 9.42 7.04
N LEU A 435 3.76 10.52 6.73
CA LEU A 435 2.56 10.46 5.91
C LEU A 435 2.81 9.69 4.60
N MET A 436 3.96 9.88 3.96
CA MET A 436 4.20 9.18 2.69
C MET A 436 3.94 7.67 2.80
N PHE A 437 4.36 7.11 3.92
CA PHE A 437 4.33 5.67 4.09
C PHE A 437 2.99 5.12 4.54
N VAL A 438 1.98 6.01 4.64
CA VAL A 438 0.58 5.56 4.61
C VAL A 438 0.35 4.72 3.34
N GLU A 439 1.11 5.01 2.29
CA GLU A 439 0.93 4.24 1.06
C GLU A 439 1.31 2.77 1.23
N TYR A 440 2.26 2.47 2.12
CA TYR A 440 2.61 1.08 2.41
C TYR A 440 1.47 0.37 3.15
N ALA A 441 0.72 1.14 3.96
CA ALA A 441 -0.35 0.60 4.82
C ALA A 441 -1.75 0.83 4.25
N ARG A 442 -1.81 1.29 3.00
CA ARG A 442 -3.04 1.90 2.48
C ARG A 442 -4.30 1.03 2.64
N ASN A 443 -4.22 -0.25 2.29
CA ASN A 443 -5.44 -1.08 2.38
C ASN A 443 -5.88 -1.35 3.83
N ALA A 444 -4.94 -1.35 4.76
CA ALA A 444 -5.29 -1.53 6.19
C ALA A 444 -5.99 -0.28 6.73
N VAL A 445 -5.59 0.88 6.24
CA VAL A 445 -6.27 2.14 6.57
C VAL A 445 -7.70 2.06 6.04
N ARG A 446 -7.87 1.59 4.81
CA ARG A 446 -9.20 1.46 4.23
C ARG A 446 -10.02 0.49 5.06
N MET A 447 -9.40 -0.61 5.46
CA MET A 447 -10.11 -1.63 6.23
C MET A 447 -10.60 -1.09 7.60
N ALA A 448 -9.83 -0.18 8.22
CA ALA A 448 -10.28 0.42 9.47
C ALA A 448 -11.56 1.20 9.21
N ALA A 449 -11.59 1.93 8.09
CA ALA A 449 -12.79 2.70 7.74
C ALA A 449 -13.99 1.79 7.43
N LEU A 450 -13.75 0.75 6.64
CA LEU A 450 -14.80 -0.21 6.28
C LEU A 450 -15.41 -0.88 7.50
N MET A 451 -14.54 -1.27 8.44
CA MET A 451 -14.96 -1.98 9.65
C MET A 451 -15.46 -1.04 10.75
N LYS A 452 -15.48 0.28 10.48
CA LYS A 452 -16.00 1.28 11.41
C LYS A 452 -15.23 1.26 12.74
N GLN A 453 -13.91 1.17 12.63
CA GLN A 453 -13.03 1.04 13.78
C GLN A 453 -12.38 2.35 14.20
N ARG A 454 -12.34 2.56 15.52
CA ARG A 454 -11.67 3.70 16.14
C ARG A 454 -10.17 3.43 16.24
N GLN A 455 -9.39 4.24 15.54
CA GLN A 455 -7.93 4.19 15.56
C GLN A 455 -7.46 5.58 15.15
N VAL A 456 -6.53 6.15 15.91
CA VAL A 456 -5.97 7.45 15.56
C VAL A 456 -4.66 7.21 14.80
N MET A 457 -4.59 7.73 13.58
CA MET A 457 -3.45 7.51 12.68
C MET A 457 -2.65 8.79 12.59
N VAL A 458 -1.47 8.76 13.18
CA VAL A 458 -0.63 9.94 13.38
C VAL A 458 0.41 10.03 12.27
N TYR A 459 0.14 10.88 11.27
CA TYR A 459 0.98 10.93 10.06
C TYR A 459 1.72 12.26 9.99
N THR A 460 3.01 12.22 10.32
CA THR A 460 3.81 13.45 10.38
C THR A 460 4.60 13.68 9.09
N HIS A 461 5.28 14.82 9.00
CA HIS A 461 6.12 15.14 7.83
C HIS A 461 5.24 15.17 6.58
N ASP A 462 4.27 16.08 6.63
CA ASP A 462 3.11 16.06 5.74
C ASP A 462 3.24 16.69 4.36
N SER A 463 4.39 17.33 4.06
CA SER A 463 4.53 18.07 2.80
C SER A 463 5.97 18.34 2.44
N ILE A 464 6.18 19.13 1.39
CA ILE A 464 7.50 19.69 1.07
C ILE A 464 8.16 20.39 2.27
N GLY A 465 7.36 20.75 3.28
CA GLY A 465 7.86 21.34 4.52
C GLY A 465 8.88 20.49 5.27
N LEU A 466 8.95 19.20 4.97
CA LEU A 466 9.95 18.34 5.61
C LEU A 466 11.36 18.58 5.05
N GLY A 467 11.42 19.18 3.87
CA GLY A 467 12.69 19.62 3.29
C GLY A 467 13.55 18.56 2.60
N GLU A 468 14.78 18.44 3.08
CA GLU A 468 15.88 17.81 2.33
C GLU A 468 15.72 16.32 1.97
N ASP A 469 14.90 15.58 2.71
CA ASP A 469 14.72 14.15 2.39
C ASP A 469 14.18 13.94 0.97
N GLY A 470 13.47 14.95 0.44
CA GLY A 470 13.16 14.93 -1.00
C GLY A 470 11.89 14.21 -1.45
N PRO A 471 11.75 14.05 -2.78
CA PRO A 471 10.43 13.67 -3.35
C PRO A 471 9.93 12.26 -3.00
N THR A 472 10.81 11.35 -2.59
CA THR A 472 10.34 10.01 -2.18
C THR A 472 9.63 10.06 -0.81
N HIS A 473 9.87 11.14 -0.07
CA HIS A 473 9.35 11.32 1.29
C HIS A 473 8.27 12.41 1.37
N GLN A 474 8.32 13.39 0.47
CA GLN A 474 7.41 14.56 0.53
C GLN A 474 6.03 14.24 -0.03
N PRO A 475 5.02 14.16 0.86
CA PRO A 475 3.66 13.89 0.39
C PRO A 475 3.16 15.01 -0.53
N VAL A 476 2.35 14.64 -1.50
CA VAL A 476 1.68 15.60 -2.38
C VAL A 476 0.20 15.18 -2.51
N GLU A 477 -0.03 13.94 -2.91
CA GLU A 477 -1.37 13.46 -3.24
C GLU A 477 -2.01 12.55 -2.17
N GLN A 478 -1.29 12.29 -1.07
CA GLN A 478 -1.74 11.34 -0.06
C GLN A 478 -2.95 11.83 0.75
N VAL A 479 -2.94 13.12 1.12
CA VAL A 479 -4.07 13.68 1.89
C VAL A 479 -5.37 13.59 1.08
N ALA A 480 -5.30 13.96 -0.20
CA ALA A 480 -6.46 13.89 -1.11
C ALA A 480 -7.07 12.49 -1.14
N SER A 481 -6.20 11.48 -1.14
CA SER A 481 -6.68 10.09 -1.18
C SER A 481 -7.40 9.71 0.12
N LEU A 482 -6.87 10.16 1.26
CA LEU A 482 -7.57 9.94 2.52
C LEU A 482 -8.92 10.67 2.57
N ARG A 483 -8.96 11.89 2.03
CA ARG A 483 -10.18 12.70 2.10
C ARG A 483 -11.34 12.08 1.33
N VAL A 484 -11.03 11.31 0.30
CA VAL A 484 -12.10 10.72 -0.53
C VAL A 484 -12.39 9.27 -0.13
N THR A 485 -11.79 8.83 0.95
CA THR A 485 -12.04 7.48 1.46
C THR A 485 -13.32 7.46 2.31
N PRO A 486 -14.32 6.63 1.92
CA PRO A 486 -15.56 6.60 2.71
C PRO A 486 -15.31 6.26 4.20
N ASN A 487 -16.00 6.97 5.09
CA ASN A 487 -15.88 6.81 6.54
C ASN A 487 -14.51 7.15 7.17
N MET A 488 -13.61 7.77 6.39
CA MET A 488 -12.37 8.28 6.94
C MET A 488 -12.57 9.72 7.44
N SER A 489 -11.97 10.02 8.59
CA SER A 489 -11.84 11.41 9.04
C SER A 489 -10.38 11.82 8.90
N THR A 490 -10.15 12.98 8.28
CA THR A 490 -8.80 13.47 8.02
C THR A 490 -8.68 14.92 8.50
N TRP A 491 -7.71 15.18 9.38
CA TRP A 491 -7.51 16.52 9.97
C TRP A 491 -6.11 17.01 9.65
N ARG A 492 -6.01 18.25 9.15
CA ARG A 492 -4.70 18.86 8.88
C ARG A 492 -4.64 20.17 9.67
N PRO A 493 -4.31 20.07 10.96
CA PRO A 493 -4.37 21.23 11.86
C PRO A 493 -3.34 22.30 11.51
N CYS A 494 -3.71 23.58 11.69
CA CYS A 494 -2.81 24.68 11.36
C CYS A 494 -1.92 25.18 12.50
N ASP A 495 -2.20 24.72 13.72
CA ASP A 495 -1.44 25.12 14.91
C ASP A 495 -1.69 24.17 16.05
N GLN A 496 -1.16 24.48 17.24
CA GLN A 496 -1.27 23.53 18.35
C GLN A 496 -2.71 23.35 18.85
N VAL A 497 -3.52 24.37 18.64
CA VAL A 497 -4.91 24.38 19.11
C VAL A 497 -5.75 23.48 18.22
N GLU A 498 -5.69 23.70 16.89
CA GLU A 498 -6.40 22.78 15.98
C GLU A 498 -5.87 21.35 16.16
N SER A 499 -4.59 21.19 16.55
CA SER A 499 -4.03 19.84 16.71
C SER A 499 -4.69 19.10 17.87
N ALA A 500 -4.93 19.80 18.97
CA ALA A 500 -5.60 19.24 20.13
C ALA A 500 -7.06 18.91 19.85
N VAL A 501 -7.73 19.79 19.10
CA VAL A 501 -9.14 19.56 18.72
C VAL A 501 -9.24 18.31 17.85
N ALA A 502 -8.31 18.17 16.91
CA ALA A 502 -8.28 17.01 16.01
C ALA A 502 -8.04 15.72 16.78
N TRP A 503 -7.09 15.75 17.72
CA TRP A 503 -6.83 14.61 18.60
C TRP A 503 -8.09 14.24 19.41
N LYS A 504 -8.75 15.23 19.97
CA LYS A 504 -10.02 14.99 20.69
C LYS A 504 -11.06 14.33 19.79
N TYR A 505 -11.22 14.86 18.57
CA TYR A 505 -12.19 14.32 17.61
C TYR A 505 -11.86 12.85 17.33
N GLY A 506 -10.58 12.56 17.13
CA GLY A 506 -10.11 11.20 16.86
C GLY A 506 -10.45 10.20 17.96
N VAL A 507 -10.15 10.57 19.21
CA VAL A 507 -10.36 9.62 20.32
C VAL A 507 -11.87 9.47 20.63
N GLU A 508 -12.65 10.50 20.30
CA GLU A 508 -14.10 10.47 20.54
C GLU A 508 -14.92 9.84 19.42
N ARG A 509 -14.29 9.56 18.27
CA ARG A 509 -14.98 8.84 17.20
C ARG A 509 -15.35 7.44 17.71
N GLN A 510 -16.57 7.00 17.44
CA GLN A 510 -16.97 5.66 17.90
C GLN A 510 -17.01 4.70 16.72
N ASP A 511 -17.05 5.25 15.52
CA ASP A 511 -17.46 4.46 14.37
C ASP A 511 -16.54 4.57 13.16
N GLY A 512 -15.31 4.99 13.39
CA GLY A 512 -14.34 5.08 12.28
C GLY A 512 -13.03 5.70 12.71
N PRO A 513 -12.01 5.60 11.85
CA PRO A 513 -10.64 6.06 12.14
C PRO A 513 -10.45 7.55 11.82
N THR A 514 -9.37 8.10 12.36
CA THR A 514 -9.08 9.52 12.18
C THR A 514 -7.60 9.65 11.90
N ALA A 515 -7.29 10.20 10.72
CA ALA A 515 -5.92 10.48 10.28
C ALA A 515 -5.55 11.92 10.63
N LEU A 516 -4.42 12.09 11.32
CA LEU A 516 -3.89 13.42 11.68
C LEU A 516 -2.74 13.73 10.75
N ILE A 517 -2.82 14.85 10.06
CA ILE A 517 -1.84 15.25 9.05
C ILE A 517 -0.97 16.33 9.66
N LEU A 518 0.26 15.96 10.03
CA LEU A 518 1.09 16.79 10.91
C LEU A 518 2.43 17.24 10.31
N SER A 519 2.85 18.45 10.68
CA SER A 519 4.04 19.06 10.10
C SER A 519 5.32 18.66 10.84
N ARG A 520 6.43 18.64 10.09
CA ARG A 520 7.77 18.59 10.67
C ARG A 520 8.15 19.95 11.27
N GLN A 521 7.79 21.03 10.54
CA GLN A 521 8.23 22.38 10.84
C GLN A 521 7.26 23.17 11.73
N ASN A 522 7.77 24.20 12.41
CA ASN A 522 6.96 24.99 13.33
C ASN A 522 5.82 25.76 12.64
N LEU A 523 4.66 25.75 13.28
CA LEU A 523 3.46 26.45 12.78
C LEU A 523 3.04 27.56 13.75
N ALA A 524 2.78 28.75 13.21
CA ALA A 524 2.31 29.88 13.99
C ALA A 524 0.93 29.60 14.56
N GLN A 525 0.68 30.09 15.77
CA GLN A 525 -0.66 29.98 16.36
C GLN A 525 -1.55 31.13 15.91
N GLN A 526 -2.78 30.80 15.54
CA GLN A 526 -3.77 31.82 15.14
C GLN A 526 -4.57 32.29 16.34
N GLU A 527 -4.89 33.58 16.34
CA GLU A 527 -5.84 34.14 17.31
C GLU A 527 -7.26 33.67 17.00
N ARG A 528 -8.02 33.37 18.06
CA ARG A 528 -9.40 32.95 17.91
C ARG A 528 -10.31 33.55 18.97
N THR A 529 -11.51 33.93 18.52
CA THR A 529 -12.60 34.24 19.44
C THR A 529 -13.13 32.94 20.09
N GLU A 530 -13.96 33.07 21.13
CA GLU A 530 -14.61 31.89 21.70
C GLU A 530 -15.40 31.08 20.66
N GLU A 531 -16.10 31.79 19.78
CA GLU A 531 -16.91 31.16 18.74
C GLU A 531 -16.02 30.39 17.74
N GLN A 532 -14.94 31.03 17.31
CA GLN A 532 -13.99 30.38 16.40
C GLN A 532 -13.36 29.14 17.04
N LEU A 533 -12.94 29.28 18.30
CA LEU A 533 -12.36 28.17 19.05
C LEU A 533 -13.32 26.97 19.08
N ALA A 534 -14.59 27.22 19.39
CA ALA A 534 -15.61 26.16 19.42
C ALA A 534 -15.86 25.57 18.02
N ASN A 535 -15.70 26.40 16.99
CA ASN A 535 -15.98 25.96 15.62
C ASN A 535 -14.87 25.16 14.95
N ILE A 536 -13.70 25.08 15.58
CA ILE A 536 -12.63 24.24 15.02
C ILE A 536 -13.18 22.82 14.81
N ALA A 537 -13.93 22.34 15.80
CA ALA A 537 -14.48 20.97 15.75
C ALA A 537 -15.49 20.75 14.62
N ARG A 538 -15.96 21.84 14.01
CA ARG A 538 -16.87 21.73 12.85
C ARG A 538 -16.11 21.59 11.54
N GLY A 539 -14.78 21.47 11.61
CA GLY A 539 -13.95 21.10 10.45
C GLY A 539 -13.55 22.23 9.51
N GLY A 540 -14.41 23.24 9.40
CA GLY A 540 -14.15 24.41 8.57
C GLY A 540 -14.80 25.59 9.25
N TYR A 541 -14.09 26.72 9.34
CA TYR A 541 -14.65 27.89 10.02
C TYR A 541 -14.02 29.17 9.51
N VAL A 542 -14.72 30.28 9.74
CA VAL A 542 -14.22 31.59 9.34
C VAL A 542 -13.19 32.05 10.35
N LEU A 543 -11.94 32.19 9.88
CA LEU A 543 -10.81 32.60 10.73
C LEU A 543 -10.56 34.11 10.69
N LYS A 544 -10.60 34.67 9.47
CA LYS A 544 -10.49 36.12 9.26
C LYS A 544 -11.63 36.53 8.34
N ASP A 545 -12.17 37.72 8.54
CA ASP A 545 -13.41 38.09 7.83
C ASP A 545 -13.39 39.55 7.40
N CYS A 546 -14.46 39.94 6.72
CA CYS A 546 -14.70 41.32 6.34
C CYS A 546 -16.12 41.65 6.78
N ALA A 547 -16.43 42.95 6.78
CA ALA A 547 -17.82 43.39 6.92
C ALA A 547 -18.59 43.13 5.61
N GLY A 548 -19.78 42.54 5.73
CA GLY A 548 -20.60 42.25 4.56
C GLY A 548 -20.17 41.02 3.80
N GLN A 549 -20.76 40.82 2.63
CA GLN A 549 -20.48 39.66 1.81
C GLN A 549 -19.06 39.73 1.25
N PRO A 550 -18.24 38.67 1.46
CA PRO A 550 -16.88 38.70 0.92
C PRO A 550 -16.84 38.78 -0.60
N GLU A 551 -15.82 39.44 -1.14
CA GLU A 551 -15.65 39.39 -2.58
C GLU A 551 -14.57 38.34 -2.93
N LEU A 552 -13.87 37.87 -1.91
CA LEU A 552 -12.78 36.92 -2.10
C LEU A 552 -12.61 36.05 -0.85
N ILE A 553 -12.56 34.73 -1.04
CA ILE A 553 -12.39 33.82 0.11
C ILE A 553 -11.19 32.90 -0.10
N PHE A 554 -10.24 32.94 0.83
CA PHE A 554 -9.15 31.97 0.86
C PHE A 554 -9.60 30.79 1.69
N ILE A 555 -9.30 29.60 1.18
CA ILE A 555 -9.55 28.38 1.92
C ILE A 555 -8.20 27.71 2.10
N ALA A 556 -7.77 27.56 3.35
CA ALA A 556 -6.43 27.04 3.64
C ALA A 556 -6.44 26.00 4.75
N THR A 557 -5.41 25.16 4.74
CA THR A 557 -5.26 24.09 5.73
C THR A 557 -3.85 24.07 6.30
N GLY A 558 -3.70 23.49 7.48
CA GLY A 558 -2.37 23.16 7.99
C GLY A 558 -1.36 24.30 7.95
N SER A 559 -0.16 23.97 7.49
CA SER A 559 0.95 24.94 7.44
C SER A 559 0.70 26.13 6.52
N GLU A 560 -0.32 26.04 5.65
CA GLU A 560 -0.58 27.14 4.69
C GLU A 560 -1.57 28.19 5.17
N VAL A 561 -2.16 28.00 6.34
CA VAL A 561 -3.07 29.02 6.89
C VAL A 561 -2.33 30.35 7.11
N GLU A 562 -1.10 30.30 7.62
CA GLU A 562 -0.34 31.53 7.87
C GLU A 562 -0.16 32.31 6.56
N LEU A 563 0.19 31.58 5.51
CA LEU A 563 0.38 32.19 4.18
C LEU A 563 -0.92 32.86 3.72
N ALA A 564 -2.04 32.14 3.85
CA ALA A 564 -3.35 32.67 3.43
C ALA A 564 -3.73 33.92 4.22
N VAL A 565 -3.43 33.91 5.52
CA VAL A 565 -3.67 35.10 6.35
C VAL A 565 -2.81 36.28 5.87
N ALA A 566 -1.55 36.03 5.51
CA ALA A 566 -0.70 37.12 5.05
C ALA A 566 -1.24 37.72 3.75
N ALA A 567 -1.68 36.86 2.82
CA ALA A 567 -2.34 37.34 1.58
C ALA A 567 -3.60 38.15 1.91
N TYR A 568 -4.39 37.64 2.86
CA TYR A 568 -5.59 38.33 3.32
C TYR A 568 -5.27 39.72 3.86
N GLU A 569 -4.20 39.85 4.65
CA GLU A 569 -3.85 41.17 5.19
C GLU A 569 -3.50 42.16 4.08
N LYS A 570 -2.74 41.69 3.09
CA LYS A 570 -2.32 42.54 1.97
C LYS A 570 -3.52 43.04 1.17
N LEU A 571 -4.44 42.13 0.88
CA LEU A 571 -5.61 42.47 0.07
C LEU A 571 -6.61 43.32 0.87
N THR A 572 -6.76 43.00 2.16
CA THR A 572 -7.62 43.80 3.04
C THR A 572 -7.14 45.26 3.08
N ALA A 573 -5.83 45.46 3.16
CA ALA A 573 -5.24 46.80 3.19
C ALA A 573 -5.50 47.60 1.91
N GLU A 574 -5.58 46.90 0.78
CA GLU A 574 -5.99 47.51 -0.51
C GLU A 574 -7.48 47.85 -0.57
N GLY A 575 -8.26 47.30 0.38
CA GLY A 575 -9.71 47.52 0.40
C GLY A 575 -10.55 46.41 -0.20
N VAL A 576 -9.95 45.22 -0.37
CA VAL A 576 -10.73 44.05 -0.82
C VAL A 576 -11.48 43.48 0.37
N LYS A 577 -12.74 43.08 0.15
CA LYS A 577 -13.53 42.42 1.18
C LYS A 577 -13.14 40.96 1.15
N ALA A 578 -12.14 40.61 1.95
CA ALA A 578 -11.57 39.27 1.90
C ALA A 578 -11.89 38.50 3.17
N ARG A 579 -11.84 37.17 3.05
CA ARG A 579 -12.08 36.25 4.17
C ARG A 579 -11.06 35.12 4.08
N VAL A 580 -10.66 34.61 5.25
CA VAL A 580 -9.90 33.35 5.34
C VAL A 580 -10.74 32.32 6.10
N VAL A 581 -10.92 31.17 5.44
CA VAL A 581 -11.51 29.97 6.04
C VAL A 581 -10.38 28.97 6.35
N SER A 582 -10.28 28.56 7.60
CA SER A 582 -9.40 27.43 7.96
C SER A 582 -10.23 26.15 7.84
N MET A 583 -9.73 25.17 7.09
CA MET A 583 -10.45 23.93 6.81
C MET A 583 -9.65 22.72 7.32
N PRO A 584 -9.48 22.60 8.65
CA PRO A 584 -8.71 21.46 9.16
C PRO A 584 -9.31 20.09 8.81
N SER A 585 -10.64 20.00 8.72
CA SER A 585 -11.25 18.72 8.32
C SER A 585 -12.43 18.90 7.36
N THR A 586 -12.23 18.49 6.11
CA THR A 586 -13.25 18.55 5.09
C THR A 586 -14.43 17.64 5.45
N ASP A 587 -14.15 16.47 6.03
CA ASP A 587 -15.25 15.55 6.34
C ASP A 587 -16.13 16.11 7.46
N ALA A 588 -15.50 16.67 8.51
CA ALA A 588 -16.27 17.27 9.60
C ALA A 588 -17.08 18.48 9.11
N PHE A 589 -16.49 19.26 8.22
CA PHE A 589 -17.19 20.39 7.62
C PHE A 589 -18.39 19.91 6.79
N ASP A 590 -18.16 18.90 5.95
CA ASP A 590 -19.22 18.42 5.05
C ASP A 590 -20.46 17.94 5.82
N LYS A 591 -20.24 17.47 7.04
CA LYS A 591 -21.30 16.89 7.87
C LYS A 591 -22.12 17.94 8.60
N GLN A 592 -21.66 19.19 8.52
CA GLN A 592 -22.38 20.29 9.18
C GLN A 592 -23.68 20.57 8.47
N ASP A 593 -24.61 21.21 9.17
CA ASP A 593 -25.85 21.64 8.56
C ASP A 593 -25.61 22.70 7.47
N ALA A 594 -26.56 22.83 6.56
CA ALA A 594 -26.35 23.67 5.40
C ALA A 594 -26.26 25.16 5.73
N ALA A 595 -26.91 25.59 6.82
CA ALA A 595 -26.81 26.99 7.23
C ALA A 595 -25.39 27.30 7.67
N TYR A 596 -24.78 26.39 8.42
CA TYR A 596 -23.39 26.57 8.83
C TYR A 596 -22.46 26.61 7.62
N ARG A 597 -22.61 25.66 6.71
CA ARG A 597 -21.75 25.62 5.53
C ARG A 597 -21.87 26.90 4.68
N GLU A 598 -23.10 27.39 4.55
CA GLU A 598 -23.35 28.65 3.86
C GLU A 598 -22.71 29.88 4.56
N SER A 599 -22.70 29.86 5.90
CA SER A 599 -22.07 30.95 6.66
C SER A 599 -20.56 31.02 6.43
N VAL A 600 -19.95 29.86 6.13
CA VAL A 600 -18.49 29.77 5.93
C VAL A 600 -18.10 29.97 4.46
N LEU A 601 -18.79 29.23 3.57
CA LEU A 601 -18.58 29.32 2.13
C LEU A 601 -19.88 29.71 1.41
N PRO A 602 -20.25 31.00 1.45
CA PRO A 602 -21.51 31.43 0.82
C PRO A 602 -21.58 31.05 -0.65
N LYS A 603 -22.70 30.47 -1.06
CA LYS A 603 -22.85 29.96 -2.44
C LYS A 603 -22.70 31.04 -3.51
N ALA A 604 -23.04 32.28 -3.17
CA ALA A 604 -22.94 33.37 -4.15
C ALA A 604 -21.51 33.84 -4.40
N VAL A 605 -20.59 33.49 -3.50
CA VAL A 605 -19.20 33.96 -3.63
C VAL A 605 -18.36 32.89 -4.33
N THR A 606 -18.09 33.12 -5.61
CA THR A 606 -17.39 32.15 -6.46
C THR A 606 -15.88 32.38 -6.51
N ALA A 607 -15.44 33.55 -6.06
CA ALA A 607 -14.03 33.89 -6.09
C ALA A 607 -13.35 33.29 -4.87
N ARG A 608 -12.99 32.02 -5.02
CA ARG A 608 -12.41 31.21 -3.93
C ARG A 608 -11.01 30.75 -4.31
N VAL A 609 -10.07 30.89 -3.39
CA VAL A 609 -8.68 30.51 -3.62
C VAL A 609 -8.28 29.50 -2.56
N ALA A 610 -8.04 28.25 -2.97
CA ALA A 610 -7.55 27.24 -2.03
C ALA A 610 -6.04 27.34 -1.94
N VAL A 611 -5.49 27.11 -0.74
CA VAL A 611 -4.05 27.16 -0.51
C VAL A 611 -3.63 25.99 0.37
N GLU A 612 -2.85 25.09 -0.20
CA GLU A 612 -2.40 23.86 0.49
C GLU A 612 -1.23 23.24 -0.26
N ALA A 613 -0.18 22.87 0.46
CA ALA A 613 0.97 22.20 -0.14
C ALA A 613 0.65 20.71 -0.37
N GLY A 614 -0.33 20.48 -1.23
CA GLY A 614 -0.73 19.14 -1.65
C GLY A 614 -1.38 19.23 -3.02
N ILE A 615 -1.80 18.09 -3.56
CA ILE A 615 -2.24 18.04 -4.95
C ILE A 615 -3.43 19.00 -5.19
N ALA A 616 -3.30 19.79 -6.26
CA ALA A 616 -4.28 20.84 -6.55
C ALA A 616 -5.66 20.28 -6.87
N ASP A 617 -5.70 19.15 -7.58
CA ASP A 617 -6.96 18.62 -8.12
C ASP A 617 -8.06 18.38 -7.07
N TYR A 618 -7.65 18.11 -5.83
CA TYR A 618 -8.63 17.89 -4.79
C TYR A 618 -9.58 19.08 -4.64
N TRP A 619 -9.03 20.28 -4.77
CA TRP A 619 -9.71 21.47 -4.26
C TRP A 619 -10.83 22.01 -5.13
N TYR A 620 -10.98 21.47 -6.34
CA TYR A 620 -12.15 21.83 -7.17
C TYR A 620 -13.47 21.56 -6.46
N LYS A 621 -13.47 20.62 -5.52
CA LYS A 621 -14.65 20.36 -4.70
C LYS A 621 -15.16 21.63 -3.99
N TYR A 622 -14.25 22.49 -3.55
CA TYR A 622 -14.65 23.71 -2.84
C TYR A 622 -14.54 25.00 -3.65
N VAL A 623 -13.70 25.00 -4.70
CA VAL A 623 -13.48 26.23 -5.47
C VAL A 623 -14.20 26.23 -6.81
N GLY A 624 -14.67 25.07 -7.25
CA GLY A 624 -15.39 24.94 -8.51
C GLY A 624 -14.53 25.32 -9.71
N LEU A 625 -15.21 25.78 -10.76
CA LEU A 625 -14.58 26.07 -12.04
C LEU A 625 -14.12 27.53 -12.16
N ASN A 626 -14.51 28.36 -11.19
CA ASN A 626 -14.27 29.81 -11.29
C ASN A 626 -13.43 30.35 -10.15
N GLY A 627 -12.62 29.47 -9.57
CA GLY A 627 -11.71 29.84 -8.51
C GLY A 627 -10.26 29.67 -8.89
N ALA A 628 -9.40 29.52 -7.89
CA ALA A 628 -7.97 29.32 -8.10
C ALA A 628 -7.46 28.38 -7.04
N ILE A 629 -6.37 27.68 -7.36
CA ILE A 629 -5.77 26.75 -6.42
C ILE A 629 -4.27 27.00 -6.39
N VAL A 630 -3.76 27.33 -5.21
CA VAL A 630 -2.32 27.43 -4.99
C VAL A 630 -1.93 26.12 -4.30
N GLY A 631 -1.52 25.16 -5.12
CA GLY A 631 -1.20 23.82 -4.63
C GLY A 631 0.04 23.24 -5.27
N MET A 632 0.20 21.93 -5.14
CA MET A 632 1.24 21.18 -5.86
C MET A 632 0.64 20.47 -7.09
N THR A 633 1.40 20.44 -8.18
CA THR A 633 1.00 19.67 -9.36
C THR A 633 2.09 18.70 -9.81
N THR A 634 3.14 18.57 -9.01
CA THR A 634 4.33 17.78 -9.35
C THR A 634 4.84 17.08 -8.10
N PHE A 635 5.81 16.17 -8.29
CA PHE A 635 6.57 15.67 -7.16
C PHE A 635 7.41 16.80 -6.55
N GLY A 636 7.89 16.57 -5.33
CA GLY A 636 8.77 17.53 -4.65
C GLY A 636 10.21 17.53 -5.17
N GLU A 637 11.10 18.10 -4.37
CA GLU A 637 12.54 18.21 -4.69
C GLU A 637 13.33 18.17 -3.40
N SER A 638 14.58 17.67 -3.45
CA SER A 638 15.46 17.68 -2.28
C SER A 638 16.11 19.04 -2.11
N ALA A 639 15.68 19.77 -1.08
CA ALA A 639 16.23 21.08 -0.71
C ALA A 639 15.66 21.52 0.64
N PRO A 640 16.27 22.52 1.29
CA PRO A 640 15.66 23.10 2.50
C PRO A 640 14.23 23.57 2.27
N ALA A 641 13.38 23.33 3.28
CA ALA A 641 11.95 23.66 3.23
C ALA A 641 11.65 25.08 2.75
N GLU A 642 12.32 26.06 3.32
CA GLU A 642 12.06 27.47 2.97
C GLU A 642 12.20 27.68 1.46
N LEU A 643 13.25 27.12 0.88
CA LEU A 643 13.48 27.28 -0.55
C LEU A 643 12.46 26.52 -1.39
N LEU A 644 12.02 25.35 -0.90
CA LEU A 644 10.96 24.60 -1.59
C LEU A 644 9.62 25.34 -1.64
N PHE A 645 9.18 25.90 -0.51
CA PHE A 645 7.94 26.67 -0.50
C PHE A 645 8.01 27.82 -1.52
N GLU A 646 9.16 28.48 -1.59
CA GLU A 646 9.38 29.53 -2.57
C GLU A 646 9.31 29.01 -4.02
N GLU A 647 10.06 27.94 -4.29
CA GLU A 647 10.16 27.33 -5.61
C GLU A 647 8.77 26.91 -6.13
N PHE A 648 7.94 26.39 -5.24
CA PHE A 648 6.63 25.84 -5.63
C PHE A 648 5.46 26.82 -5.55
N GLY A 649 5.77 28.07 -5.23
CA GLY A 649 4.76 29.13 -5.35
C GLY A 649 3.99 29.44 -4.09
N PHE A 650 4.47 28.92 -2.96
CA PHE A 650 3.85 29.21 -1.67
C PHE A 650 4.45 30.49 -1.08
N THR A 651 4.14 31.59 -1.78
CA THR A 651 4.63 32.93 -1.42
C THR A 651 3.45 33.88 -1.35
N VAL A 652 3.58 34.92 -0.54
CA VAL A 652 2.51 35.93 -0.47
C VAL A 652 2.26 36.54 -1.86
N ASP A 653 3.33 36.88 -2.58
CA ASP A 653 3.18 37.48 -3.91
C ASP A 653 2.37 36.59 -4.84
N ASN A 654 2.68 35.29 -4.87
CA ASN A 654 1.96 34.39 -5.75
C ASN A 654 0.51 34.19 -5.36
N VAL A 655 0.25 34.04 -4.06
CA VAL A 655 -1.12 33.89 -3.58
C VAL A 655 -1.95 35.14 -3.89
N VAL A 656 -1.38 36.31 -3.61
CA VAL A 656 -2.03 37.58 -3.95
C VAL A 656 -2.29 37.71 -5.46
N ALA A 657 -1.31 37.38 -6.30
CA ALA A 657 -1.48 37.45 -7.76
C ALA A 657 -2.59 36.54 -8.28
N LYS A 658 -2.66 35.31 -7.76
CA LYS A 658 -3.71 34.39 -8.17
C LYS A 658 -5.10 34.88 -7.75
N ALA A 659 -5.18 35.47 -6.56
CA ALA A 659 -6.41 36.10 -6.06
C ALA A 659 -6.82 37.30 -6.95
N LYS A 660 -5.86 38.15 -7.28
CA LYS A 660 -6.17 39.31 -8.13
C LYS A 660 -6.66 38.92 -9.52
N GLU A 661 -6.16 37.79 -10.04
CA GLU A 661 -6.67 37.22 -11.30
C GLU A 661 -8.17 36.92 -11.29
N LEU A 662 -8.70 36.47 -10.15
CA LEU A 662 -10.14 36.20 -10.01
C LEU A 662 -11.02 37.43 -9.92
N LEU A 663 -10.47 38.50 -9.34
CA LEU A 663 -11.29 39.69 -9.07
C LEU A 663 -11.43 40.62 -10.27
N SER B 2 48.14 3.21 -0.64
CA SER B 2 47.27 3.33 0.56
C SER B 2 46.74 1.96 0.96
N SER B 3 46.43 1.79 2.24
CA SER B 3 45.80 0.56 2.70
C SER B 3 44.33 0.56 2.27
N ARG B 4 43.70 -0.61 2.30
CA ARG B 4 42.28 -0.71 1.97
C ARG B 4 41.44 0.12 2.94
N LYS B 5 41.81 0.10 4.22
CA LYS B 5 41.11 0.92 5.21
C LYS B 5 41.19 2.42 4.88
N GLU B 6 42.37 2.88 4.44
CA GLU B 6 42.52 4.28 4.08
C GLU B 6 41.64 4.65 2.91
N LEU B 7 41.57 3.75 1.93
CA LEU B 7 40.75 3.99 0.76
C LEU B 7 39.27 4.03 1.14
N ALA B 8 38.85 3.11 2.02
CA ALA B 8 37.47 3.11 2.53
C ALA B 8 37.18 4.36 3.36
N ASN B 9 38.19 4.83 4.10
CA ASN B 9 38.04 6.07 4.88
C ASN B 9 37.75 7.32 4.04
N ALA B 10 38.15 7.30 2.77
CA ALA B 10 37.80 8.40 1.86
C ALA B 10 36.29 8.55 1.76
N ILE B 11 35.57 7.42 1.71
CA ILE B 11 34.10 7.43 1.75
C ILE B 11 33.59 8.03 3.07
N ARG B 12 34.19 7.61 4.17
CA ARG B 12 33.75 8.09 5.48
C ARG B 12 33.90 9.61 5.60
N ALA B 13 35.06 10.12 5.16
CA ALA B 13 35.33 11.55 5.17
C ALA B 13 34.35 12.34 4.30
N LEU B 14 34.23 11.95 3.04
CA LEU B 14 33.33 12.68 2.13
C LEU B 14 31.89 12.66 2.66
N SER B 15 31.48 11.51 3.20
CA SER B 15 30.11 11.34 3.71
C SER B 15 29.82 12.20 4.93
N MET B 16 30.65 12.10 5.97
CA MET B 16 30.39 12.92 7.17
C MET B 16 30.53 14.41 6.88
N ASP B 17 31.47 14.79 6.01
CA ASP B 17 31.72 16.20 5.69
C ASP B 17 30.58 16.79 4.84
N ALA B 18 30.08 16.00 3.90
CA ALA B 18 28.98 16.44 3.03
C ALA B 18 27.70 16.62 3.83
N VAL B 19 27.43 15.67 4.72
CA VAL B 19 26.28 15.75 5.61
C VAL B 19 26.42 16.98 6.51
N GLN B 20 27.64 17.23 7.01
CA GLN B 20 27.85 18.38 7.91
C GLN B 20 27.58 19.71 7.21
N LYS B 21 28.08 19.83 5.98
CA LYS B 21 27.90 21.07 5.22
C LYS B 21 26.42 21.32 4.92
N ALA B 22 25.68 20.24 4.65
CA ALA B 22 24.25 20.35 4.34
C ALA B 22 23.43 20.58 5.60
N LYS B 23 24.04 20.34 6.77
CA LYS B 23 23.35 20.34 8.06
C LYS B 23 22.13 19.40 8.05
N SER B 24 22.26 18.33 7.29
CA SER B 24 21.15 17.41 7.03
C SER B 24 21.68 16.13 6.40
N GLY B 25 21.12 14.99 6.80
CA GLY B 25 21.49 13.73 6.19
C GLY B 25 21.98 12.65 7.13
N HIS B 26 22.49 11.58 6.54
CA HIS B 26 22.67 10.31 7.23
C HIS B 26 24.12 9.81 7.12
N PRO B 27 24.94 10.08 8.14
CA PRO B 27 26.33 9.60 8.09
C PRO B 27 26.53 8.14 8.53
N GLY B 28 25.57 7.59 9.27
CA GLY B 28 25.75 6.29 9.89
C GLY B 28 26.02 5.15 8.95
N ALA B 29 25.11 4.92 8.00
CA ALA B 29 25.25 3.78 7.09
C ALA B 29 26.46 3.92 6.15
N PRO B 30 26.69 5.11 5.56
CA PRO B 30 27.91 5.25 4.74
C PRO B 30 29.20 4.90 5.53
N MET B 31 29.27 5.35 6.77
CA MET B 31 30.44 5.07 7.60
C MET B 31 30.52 3.59 7.97
N GLY B 32 29.36 2.98 8.23
CA GLY B 32 29.34 1.57 8.56
C GLY B 32 29.64 0.64 7.39
N MET B 33 29.25 1.04 6.17
CA MET B 33 29.40 0.17 5.00
C MET B 33 30.61 0.47 4.11
N ALA B 34 31.41 1.47 4.49
CA ALA B 34 32.54 1.90 3.64
C ALA B 34 33.53 0.78 3.26
N ASP B 35 33.86 -0.11 4.20
CA ASP B 35 34.81 -1.20 3.92
C ASP B 35 34.22 -2.23 2.96
N ILE B 36 32.92 -2.52 3.12
CA ILE B 36 32.23 -3.41 2.19
C ILE B 36 32.20 -2.80 0.79
N ALA B 37 31.88 -1.51 0.71
CA ALA B 37 31.82 -0.80 -0.58
C ALA B 37 33.18 -0.78 -1.28
N GLU B 38 34.25 -0.59 -0.51
CA GLU B 38 35.59 -0.56 -1.07
C GLU B 38 35.92 -1.91 -1.76
N VAL B 39 35.64 -3.01 -1.08
CA VAL B 39 35.94 -4.34 -1.66
C VAL B 39 35.05 -4.59 -2.89
N LEU B 40 33.75 -4.36 -2.77
CA LEU B 40 32.86 -4.63 -3.89
C LEU B 40 33.25 -3.80 -5.13
N TRP B 41 33.41 -2.49 -4.94
CA TRP B 41 33.63 -1.61 -6.08
C TRP B 41 35.02 -1.74 -6.66
N ARG B 42 36.04 -1.85 -5.79
CA ARG B 42 37.41 -1.92 -6.28
C ARG B 42 37.85 -3.30 -6.79
N ASP B 43 37.28 -4.36 -6.22
CA ASP B 43 37.71 -5.71 -6.61
C ASP B 43 36.79 -6.47 -7.54
N PHE B 44 35.49 -6.15 -7.52
CA PHE B 44 34.51 -6.97 -8.23
C PHE B 44 33.64 -6.27 -9.27
N LEU B 45 33.15 -5.07 -8.96
CA LEU B 45 32.11 -4.44 -9.79
C LEU B 45 32.59 -4.23 -11.24
N LYS B 46 31.81 -4.73 -12.20
CA LYS B 46 32.13 -4.54 -13.62
C LYS B 46 31.37 -3.33 -14.14
N HIS B 47 32.09 -2.22 -14.38
CA HIS B 47 31.41 -0.98 -14.75
C HIS B 47 32.37 -0.05 -15.47
N ASN B 48 31.79 0.87 -16.24
CA ASN B 48 32.57 1.91 -16.92
C ASN B 48 32.06 3.31 -16.57
N PRO B 49 32.80 4.04 -15.69
CA PRO B 49 32.41 5.40 -15.30
C PRO B 49 32.12 6.31 -16.49
N GLN B 50 32.82 6.08 -17.61
CA GLN B 50 32.64 6.91 -18.80
C GLN B 50 31.43 6.52 -19.64
N ASN B 51 30.83 5.36 -19.35
CA ASN B 51 29.55 5.00 -19.94
C ASN B 51 28.61 4.29 -19.00
N PRO B 52 27.90 5.06 -18.16
CA PRO B 52 26.95 4.46 -17.19
C PRO B 52 25.79 3.67 -17.85
N SER B 53 25.64 3.78 -19.17
CA SER B 53 24.59 3.06 -19.87
C SER B 53 25.06 1.80 -20.58
N TRP B 54 26.32 1.42 -20.34
CA TRP B 54 26.86 0.19 -20.95
C TRP B 54 25.92 -0.98 -20.69
N ALA B 55 25.42 -1.61 -21.77
CA ALA B 55 24.37 -2.63 -21.64
C ALA B 55 24.68 -3.77 -20.68
N ASP B 56 25.95 -4.18 -20.63
CA ASP B 56 26.34 -5.39 -19.90
C ASP B 56 27.04 -5.12 -18.58
N ARG B 57 26.94 -3.88 -18.10
CA ARG B 57 27.49 -3.51 -16.79
C ARG B 57 26.80 -4.30 -15.67
N ASP B 58 27.53 -4.57 -14.59
CA ASP B 58 26.88 -5.00 -13.36
C ASP B 58 25.96 -3.87 -12.91
N ARG B 59 24.88 -4.22 -12.21
CA ARG B 59 24.01 -3.23 -11.57
C ARG B 59 24.19 -3.23 -10.05
N PHE B 60 24.37 -2.05 -9.47
CA PHE B 60 24.43 -1.89 -8.02
C PHE B 60 23.19 -1.14 -7.53
N VAL B 61 22.64 -1.57 -6.40
CA VAL B 61 21.47 -0.90 -5.79
C VAL B 61 21.69 -0.65 -4.30
N LEU B 62 21.51 0.60 -3.88
CA LEU B 62 21.54 0.98 -2.46
C LEU B 62 20.10 0.97 -1.90
N SER B 63 19.69 -0.16 -1.35
CA SER B 63 18.31 -0.26 -0.85
C SER B 63 18.13 0.54 0.43
N ASN B 64 19.17 0.61 1.25
CA ASN B 64 19.19 1.52 2.40
C ASN B 64 19.59 2.94 1.93
N GLY B 65 18.68 3.54 1.15
CA GLY B 65 18.98 4.73 0.36
C GLY B 65 19.24 6.02 1.13
N HIS B 66 18.86 6.03 2.40
CA HIS B 66 19.21 7.15 3.28
C HIS B 66 20.73 7.35 3.32
N GLY B 67 21.50 6.28 3.18
CA GLY B 67 22.96 6.42 3.11
C GLY B 67 23.47 6.89 1.75
N SER B 68 22.77 7.86 1.17
CA SER B 68 23.04 8.37 -0.19
C SER B 68 24.49 8.84 -0.38
N MET B 69 25.11 9.42 0.64
CA MET B 69 26.51 9.84 0.49
C MET B 69 27.47 8.68 0.20
N LEU B 70 27.07 7.45 0.54
CA LEU B 70 27.87 6.26 0.21
C LEU B 70 27.98 6.15 -1.31
N ILE B 71 26.84 6.19 -2.00
CA ILE B 71 26.87 6.07 -3.46
C ILE B 71 27.49 7.30 -4.14
N TYR B 72 27.23 8.49 -3.62
CA TYR B 72 27.84 9.69 -4.21
C TYR B 72 29.36 9.67 -4.08
N SER B 73 29.85 9.21 -2.93
CA SER B 73 31.31 9.02 -2.70
C SER B 73 31.90 8.06 -3.72
N LEU B 74 31.22 6.92 -3.91
CA LEU B 74 31.68 5.89 -4.82
C LEU B 74 31.71 6.37 -6.27
N LEU B 75 30.64 7.04 -6.69
CA LEU B 75 30.57 7.53 -8.07
C LEU B 75 31.64 8.60 -8.31
N HIS B 76 31.80 9.49 -7.35
CA HIS B 76 32.82 10.53 -7.48
C HIS B 76 34.24 9.93 -7.50
N LEU B 77 34.56 9.08 -6.53
CA LEU B 77 35.91 8.52 -6.43
C LEU B 77 36.31 7.66 -7.63
N THR B 78 35.36 6.88 -8.16
CA THR B 78 35.68 5.97 -9.27
C THR B 78 35.73 6.68 -10.64
N GLY B 79 35.32 7.95 -10.70
CA GLY B 79 35.49 8.74 -11.92
C GLY B 79 34.25 9.01 -12.76
N TYR B 80 33.05 8.82 -12.19
CA TYR B 80 31.83 9.21 -12.88
C TYR B 80 31.75 10.73 -12.99
N ASP B 81 30.87 11.22 -13.86
CA ASP B 81 30.65 12.65 -14.04
C ASP B 81 29.83 13.18 -12.86
N LEU B 82 30.49 13.26 -11.70
CA LEU B 82 29.87 13.76 -10.49
C LEU B 82 30.95 14.53 -9.72
N PRO B 83 31.17 15.81 -10.09
CA PRO B 83 32.27 16.59 -9.49
C PRO B 83 32.13 16.84 -8.00
N MET B 84 33.27 17.17 -7.37
CA MET B 84 33.26 17.52 -5.95
C MET B 84 32.29 18.65 -5.63
N GLU B 85 32.14 19.61 -6.54
CA GLU B 85 31.17 20.68 -6.35
C GLU B 85 29.77 20.13 -6.07
N GLU B 86 29.39 19.05 -6.74
CA GLU B 86 28.06 18.45 -6.48
C GLU B 86 27.96 17.85 -5.07
N LEU B 87 29.04 17.24 -4.58
CA LEU B 87 29.05 16.75 -3.19
C LEU B 87 28.93 17.89 -2.18
N LYS B 88 29.52 19.05 -2.50
CA LYS B 88 29.38 20.26 -1.69
C LYS B 88 27.96 20.82 -1.73
N ASN B 89 27.18 20.37 -2.71
CA ASN B 89 25.77 20.78 -2.87
C ASN B 89 24.78 19.65 -2.52
N PHE B 90 25.24 18.67 -1.75
CA PHE B 90 24.38 17.63 -1.18
C PHE B 90 23.11 18.23 -0.59
N ARG B 91 21.96 17.70 -0.99
CA ARG B 91 20.65 18.10 -0.43
C ARG B 91 20.23 19.53 -0.77
N GLN B 92 20.89 20.13 -1.77
CA GLN B 92 20.54 21.49 -2.22
C GLN B 92 19.76 21.49 -3.53
N LEU B 93 18.92 22.51 -3.72
CA LEU B 93 18.00 22.54 -4.85
C LEU B 93 18.72 22.35 -6.19
N HIS B 94 18.22 21.40 -6.97
CA HIS B 94 18.69 21.11 -8.33
C HIS B 94 20.12 20.55 -8.42
N SER B 95 20.68 20.13 -7.28
CA SER B 95 21.99 19.46 -7.31
C SER B 95 21.85 18.05 -7.87
N LYS B 96 22.97 17.44 -8.23
CA LYS B 96 22.99 16.07 -8.67
C LYS B 96 23.15 15.13 -7.48
N THR B 97 22.99 15.67 -6.27
CA THR B 97 23.15 14.91 -5.03
C THR B 97 21.95 15.09 -4.07
N PRO B 98 20.75 14.69 -4.52
CA PRO B 98 19.58 14.79 -3.64
C PRO B 98 19.69 13.88 -2.41
N GLY B 99 18.91 14.17 -1.37
CA GLY B 99 18.97 13.48 -0.08
C GLY B 99 18.85 11.96 -0.15
N HIS B 100 18.05 11.47 -1.09
CA HIS B 100 18.02 10.04 -1.42
C HIS B 100 18.34 9.92 -2.91
N PRO B 101 19.04 8.84 -3.32
CA PRO B 101 19.50 8.82 -4.72
C PRO B 101 18.35 8.69 -5.71
N GLU B 102 18.48 9.37 -6.85
CA GLU B 102 17.43 9.42 -7.88
C GLU B 102 18.02 9.06 -9.24
N VAL B 103 17.40 8.08 -9.90
CA VAL B 103 17.81 7.72 -11.25
C VAL B 103 17.48 8.88 -12.19
N GLY B 104 18.34 9.13 -13.17
CA GLY B 104 18.01 10.09 -14.22
C GLY B 104 18.89 11.31 -14.39
N TYR B 105 19.29 11.92 -13.28
CA TYR B 105 20.08 13.16 -13.31
C TYR B 105 21.34 13.06 -12.41
N THR B 106 21.71 11.84 -12.03
CA THR B 106 23.00 11.56 -11.42
C THR B 106 23.61 10.37 -12.16
N ALA B 107 24.77 10.59 -12.78
CA ALA B 107 25.45 9.55 -13.55
C ALA B 107 25.72 8.34 -12.65
N GLY B 108 25.24 7.16 -13.08
CA GLY B 108 25.55 5.91 -12.39
C GLY B 108 24.56 5.44 -11.33
N VAL B 109 23.62 6.29 -10.95
CA VAL B 109 22.55 5.87 -10.02
C VAL B 109 21.53 5.02 -10.81
N GLU B 110 21.30 3.78 -10.36
CA GLU B 110 20.47 2.82 -11.14
C GLU B 110 18.98 2.89 -10.88
N THR B 111 18.62 3.42 -9.72
CA THR B 111 17.22 3.44 -9.28
C THR B 111 17.07 4.50 -8.20
N THR B 112 15.83 4.91 -7.94
CA THR B 112 15.56 5.88 -6.87
C THR B 112 15.14 5.13 -5.62
N THR B 113 15.87 5.33 -4.53
CA THR B 113 15.50 4.68 -3.27
C THR B 113 15.19 5.74 -2.20
N GLY B 114 15.05 5.29 -0.95
CA GLY B 114 14.45 6.12 0.10
C GLY B 114 13.26 5.42 0.75
N PRO B 115 12.30 4.92 -0.05
CA PRO B 115 11.28 4.05 0.53
C PRO B 115 11.87 2.67 0.80
N LEU B 116 12.02 2.32 2.08
CA LEU B 116 12.70 1.08 2.45
C LEU B 116 12.09 -0.15 1.84
N GLY B 117 12.95 -1.11 1.49
CA GLY B 117 12.50 -2.35 0.90
C GLY B 117 12.38 -2.37 -0.61
N GLN B 118 12.17 -1.20 -1.22
CA GLN B 118 11.94 -1.20 -2.67
C GLN B 118 13.22 -1.39 -3.47
N GLY B 119 14.36 -1.00 -2.88
CA GLY B 119 15.63 -1.21 -3.57
C GLY B 119 15.93 -2.69 -3.81
N ILE B 120 15.81 -3.52 -2.77
CA ILE B 120 16.04 -4.95 -2.94
C ILE B 120 15.06 -5.52 -3.97
N ALA B 121 13.80 -5.07 -3.94
CA ALA B 121 12.82 -5.45 -4.96
C ALA B 121 13.28 -5.07 -6.37
N ASN B 122 13.77 -3.84 -6.53
CA ASN B 122 14.28 -3.41 -7.85
C ASN B 122 15.45 -4.30 -8.30
N ALA B 123 16.34 -4.63 -7.35
CA ALA B 123 17.49 -5.50 -7.63
C ALA B 123 17.03 -6.89 -8.09
N VAL B 124 16.03 -7.46 -7.42
CA VAL B 124 15.47 -8.74 -7.86
C VAL B 124 14.98 -8.62 -9.31
N GLY B 125 14.32 -7.51 -9.63
CA GLY B 125 13.89 -7.23 -11.01
C GLY B 125 15.04 -7.16 -11.99
N MET B 126 16.12 -6.47 -11.61
CA MET B 126 17.28 -6.36 -12.49
C MET B 126 17.94 -7.72 -12.71
N ALA B 127 17.95 -8.56 -11.66
CA ALA B 127 18.49 -9.91 -11.77
C ALA B 127 17.62 -10.79 -12.65
N ILE B 128 16.30 -10.69 -12.53
CA ILE B 128 15.39 -11.41 -13.43
C ILE B 128 15.62 -10.96 -14.87
N ALA B 129 15.79 -9.66 -15.07
CA ALA B 129 16.02 -9.10 -16.40
C ALA B 129 17.29 -9.69 -17.02
N GLU B 130 18.39 -9.70 -16.26
CA GLU B 130 19.64 -10.25 -16.77
C GLU B 130 19.50 -11.73 -17.14
N LYS B 131 18.86 -12.49 -16.26
CA LYS B 131 18.72 -13.94 -16.48
C LYS B 131 17.90 -14.21 -17.75
N THR B 132 16.81 -13.47 -17.90
CA THR B 132 15.88 -13.65 -19.00
C THR B 132 16.52 -13.17 -20.30
N LEU B 133 17.19 -12.02 -20.25
CA LEU B 133 17.85 -11.49 -21.45
C LEU B 133 18.97 -12.41 -21.94
N ALA B 134 19.74 -12.95 -21.00
CA ALA B 134 20.82 -13.90 -21.34
C ALA B 134 20.23 -15.15 -22.01
N ALA B 135 19.15 -15.67 -21.43
CA ALA B 135 18.50 -16.85 -22.01
C ALA B 135 17.96 -16.58 -23.43
N GLN B 136 17.44 -15.37 -23.63
CA GLN B 136 16.88 -14.99 -24.94
C GLN B 136 17.95 -14.76 -26.01
N PHE B 137 19.03 -14.08 -25.62
CA PHE B 137 20.02 -13.58 -26.59
C PHE B 137 21.33 -14.36 -26.70
N ASN B 138 21.79 -14.97 -25.61
CA ASN B 138 23.07 -15.68 -25.69
C ASN B 138 23.00 -16.83 -26.67
N ARG B 139 24.12 -17.08 -27.33
CA ARG B 139 24.24 -18.16 -28.33
C ARG B 139 25.58 -18.85 -28.12
N PRO B 140 25.70 -20.10 -28.62
CA PRO B 140 26.97 -20.84 -28.45
C PRO B 140 28.17 -19.99 -28.92
N GLY B 141 29.11 -19.76 -28.02
CA GLY B 141 30.30 -18.94 -28.27
C GLY B 141 30.11 -17.43 -28.17
N HIS B 142 28.90 -17.01 -27.78
CA HIS B 142 28.52 -15.59 -27.79
C HIS B 142 27.66 -15.26 -26.57
N ASP B 143 28.30 -15.14 -25.42
CA ASP B 143 27.57 -14.83 -24.20
C ASP B 143 27.60 -13.33 -23.97
N ILE B 144 26.79 -12.62 -24.76
CA ILE B 144 26.77 -11.15 -24.74
C ILE B 144 26.04 -10.56 -23.52
N VAL B 145 25.25 -11.38 -22.83
CA VAL B 145 24.66 -10.95 -21.56
C VAL B 145 25.25 -11.80 -20.42
N ASP B 146 25.95 -11.13 -19.51
CA ASP B 146 26.56 -11.80 -18.38
C ASP B 146 27.00 -10.77 -17.36
N HIS B 147 26.11 -10.42 -16.43
CA HIS B 147 26.46 -9.47 -15.38
C HIS B 147 25.72 -9.74 -14.08
N TYR B 148 26.31 -9.24 -12.98
CA TYR B 148 25.77 -9.42 -11.64
C TYR B 148 24.89 -8.25 -11.21
N THR B 149 24.08 -8.51 -10.19
CA THR B 149 23.26 -7.52 -9.55
C THR B 149 23.62 -7.56 -8.07
N TYR B 150 24.18 -6.46 -7.59
CA TYR B 150 24.60 -6.35 -6.19
C TYR B 150 23.70 -5.36 -5.45
N ALA B 151 23.23 -5.74 -4.27
CA ALA B 151 22.38 -4.85 -3.46
C ALA B 151 22.91 -4.70 -2.05
N PHE B 152 22.84 -3.47 -1.53
CA PHE B 152 23.09 -3.19 -0.11
C PHE B 152 21.72 -2.97 0.56
N MET B 153 21.55 -3.52 1.75
CA MET B 153 20.28 -3.36 2.46
C MET B 153 20.51 -3.45 3.98
N GLY B 154 19.60 -2.85 4.75
CA GLY B 154 19.74 -2.82 6.21
C GLY B 154 18.56 -3.42 6.95
N ASP B 155 18.48 -3.13 8.25
CA ASP B 155 17.40 -3.68 9.07
C ASP B 155 16.02 -3.22 8.62
N GLY B 156 15.93 -1.98 8.15
CA GLY B 156 14.66 -1.43 7.67
C GLY B 156 14.10 -2.22 6.52
N CYS B 157 14.94 -2.46 5.52
CA CYS B 157 14.54 -3.25 4.36
C CYS B 157 14.16 -4.66 4.79
N MET B 158 14.90 -5.26 5.72
CA MET B 158 14.58 -6.62 6.21
C MET B 158 13.24 -6.71 6.92
N MET B 159 12.88 -5.68 7.68
CA MET B 159 11.63 -5.69 8.43
C MET B 159 10.41 -5.53 7.51
N GLU B 160 10.59 -4.75 6.45
CA GLU B 160 9.48 -4.50 5.51
C GLU B 160 8.99 -5.78 4.84
N GLY B 161 7.67 -5.90 4.74
CA GLY B 161 7.04 -7.05 4.09
C GLY B 161 7.49 -7.28 2.65
N ILE B 162 7.79 -6.19 1.94
CA ILE B 162 8.21 -6.34 0.55
C ILE B 162 9.47 -7.19 0.43
N SER B 163 10.36 -7.14 1.43
CA SER B 163 11.56 -7.99 1.37
C SER B 163 11.19 -9.48 1.34
N HIS B 164 10.16 -9.84 2.09
CA HIS B 164 9.65 -11.21 2.06
C HIS B 164 9.15 -11.57 0.65
N GLU B 165 8.35 -10.69 0.06
CA GLU B 165 7.78 -11.00 -1.25
C GLU B 165 8.87 -11.24 -2.28
N VAL B 166 9.82 -10.31 -2.37
CA VAL B 166 10.79 -10.37 -3.48
C VAL B 166 11.91 -11.38 -3.25
N CYS B 167 12.31 -11.57 -1.99
CA CYS B 167 13.37 -12.54 -1.71
C CYS B 167 12.86 -13.99 -1.75
N SER B 168 11.60 -14.19 -1.39
CA SER B 168 10.95 -15.48 -1.61
C SER B 168 10.96 -15.86 -3.10
N LEU B 169 10.45 -14.96 -3.94
CA LEU B 169 10.42 -15.18 -5.39
C LEU B 169 11.83 -15.37 -5.99
N ALA B 170 12.78 -14.55 -5.54
CA ALA B 170 14.18 -14.65 -6.00
C ALA B 170 14.74 -16.05 -5.73
N GLY B 171 14.33 -16.64 -4.61
CA GLY B 171 14.75 -18.02 -4.31
C GLY B 171 14.17 -19.02 -5.29
N THR B 172 12.87 -18.90 -5.55
CA THR B 172 12.19 -19.78 -6.50
C THR B 172 12.86 -19.73 -7.88
N LEU B 173 13.25 -18.53 -8.29
CA LEU B 173 13.83 -18.32 -9.63
C LEU B 173 15.33 -18.57 -9.69
N LYS B 174 15.91 -18.96 -8.55
CA LYS B 174 17.31 -19.40 -8.50
C LYS B 174 18.23 -18.36 -9.14
N LEU B 175 18.11 -17.13 -8.66
CA LEU B 175 18.88 -16.01 -9.21
C LEU B 175 20.32 -15.98 -8.69
N GLY B 176 21.14 -16.84 -9.28
CA GLY B 176 22.53 -17.01 -8.87
C GLY B 176 23.45 -15.83 -9.10
N LYS B 177 23.02 -14.83 -9.85
CA LYS B 177 23.84 -13.63 -10.04
C LYS B 177 23.40 -12.44 -9.17
N LEU B 178 22.43 -12.69 -8.30
CA LEU B 178 22.02 -11.71 -7.31
C LEU B 178 22.81 -11.96 -6.04
N ILE B 179 23.49 -10.92 -5.57
CA ILE B 179 24.27 -10.98 -4.33
C ILE B 179 23.91 -9.75 -3.50
N ALA B 180 23.33 -9.98 -2.33
CA ALA B 180 22.92 -8.90 -1.42
C ALA B 180 23.80 -8.89 -0.19
N PHE B 181 24.14 -7.69 0.25
CA PHE B 181 24.90 -7.47 1.48
C PHE B 181 23.98 -6.85 2.52
N TYR B 182 23.84 -7.53 3.65
CA TYR B 182 22.99 -7.05 4.76
C TYR B 182 23.87 -6.33 5.75
N ASP B 183 23.56 -5.04 5.97
CA ASP B 183 24.29 -4.21 6.91
C ASP B 183 23.75 -4.52 8.31
N ASP B 184 24.37 -5.50 8.95
CA ASP B 184 23.84 -6.05 10.21
C ASP B 184 24.45 -5.28 11.38
N ASN B 185 23.88 -4.11 11.68
CA ASN B 185 24.48 -3.20 12.65
C ASN B 185 23.72 -3.06 13.97
N GLY B 186 22.60 -3.78 14.11
CA GLY B 186 21.87 -3.86 15.37
C GLY B 186 21.12 -2.61 15.82
N ILE B 187 21.06 -1.59 14.94
CA ILE B 187 20.51 -0.27 15.25
C ILE B 187 19.45 0.16 14.24
N SER B 188 18.33 0.70 14.72
CA SER B 188 17.37 1.41 13.86
C SER B 188 16.98 2.70 14.59
N ILE B 189 15.98 3.42 14.06
CA ILE B 189 15.72 4.75 14.58
C ILE B 189 15.28 4.74 16.05
N ASP B 190 14.47 3.75 16.43
CA ASP B 190 14.00 3.67 17.82
C ASP B 190 15.08 3.23 18.82
N GLY B 191 16.19 2.71 18.30
CA GLY B 191 17.30 2.27 19.16
C GLY B 191 17.86 0.90 18.82
N HIS B 192 18.22 0.13 19.85
CA HIS B 192 18.74 -1.22 19.67
C HIS B 192 17.61 -2.13 19.18
N VAL B 193 17.81 -2.79 18.04
CA VAL B 193 16.67 -3.42 17.34
C VAL B 193 16.00 -4.59 18.07
N GLU B 194 16.70 -5.17 19.05
CA GLU B 194 16.16 -6.35 19.77
C GLU B 194 14.78 -6.14 20.37
N GLY B 195 14.41 -4.90 20.68
CA GLY B 195 13.08 -4.61 21.21
C GLY B 195 11.94 -4.83 20.20
N TRP B 196 12.28 -4.92 18.92
CA TRP B 196 11.23 -5.05 17.88
C TRP B 196 11.59 -5.91 16.68
N PHE B 197 12.82 -6.43 16.64
CA PHE B 197 13.31 -7.18 15.49
C PHE B 197 14.30 -8.24 15.96
N THR B 198 13.84 -9.48 15.95
CA THR B 198 14.59 -10.60 16.52
C THR B 198 14.69 -11.81 15.60
N ASP B 199 14.33 -11.64 14.33
CA ASP B 199 14.44 -12.75 13.36
C ASP B 199 15.83 -13.35 13.38
N ASP B 200 15.89 -14.67 13.23
CA ASP B 200 17.11 -15.32 12.76
C ASP B 200 17.10 -15.12 11.24
N THR B 201 17.67 -13.99 10.81
CA THR B 201 17.60 -13.57 9.40
C THR B 201 18.29 -14.58 8.45
N ALA B 202 19.38 -15.19 8.91
CA ALA B 202 20.03 -16.24 8.11
C ALA B 202 19.08 -17.39 7.86
N MET B 203 18.44 -17.87 8.92
CA MET B 203 17.50 -19.00 8.79
C MET B 203 16.31 -18.64 7.89
N ARG B 204 15.82 -17.40 8.01
CA ARG B 204 14.74 -16.90 7.14
C ARG B 204 15.14 -16.98 5.66
N PHE B 205 16.34 -16.49 5.34
CA PHE B 205 16.77 -16.50 3.94
C PHE B 205 17.11 -17.89 3.42
N GLU B 206 17.60 -18.76 4.29
CA GLU B 206 17.74 -20.17 3.95
C GLU B 206 16.37 -20.79 3.63
N ALA B 207 15.33 -20.37 4.35
CA ALA B 207 13.94 -20.80 4.06
C ALA B 207 13.51 -20.41 2.64
N TYR B 208 14.07 -19.31 2.13
CA TYR B 208 13.78 -18.83 0.79
C TYR B 208 14.62 -19.50 -0.29
N GLY B 209 15.56 -20.34 0.11
CA GLY B 209 16.45 -20.96 -0.87
C GLY B 209 17.63 -20.09 -1.25
N TRP B 210 18.03 -19.16 -0.36
CA TRP B 210 19.23 -18.36 -0.61
C TRP B 210 20.45 -19.04 0.00
N HIS B 211 21.61 -18.75 -0.59
CA HIS B 211 22.87 -19.14 0.01
C HIS B 211 23.27 -18.03 0.99
N VAL B 212 23.31 -18.37 2.28
CA VAL B 212 23.63 -17.35 3.29
C VAL B 212 25.03 -17.54 3.87
N ILE B 213 25.76 -16.43 3.99
CA ILE B 213 27.10 -16.43 4.56
C ILE B 213 27.02 -15.63 5.85
N ARG B 214 27.20 -16.33 6.98
CA ARG B 214 27.03 -15.73 8.30
C ARG B 214 28.30 -15.08 8.84
N ASP B 215 28.11 -14.14 9.77
CA ASP B 215 29.18 -13.69 10.67
C ASP B 215 30.40 -13.12 9.94
N ILE B 216 30.14 -12.37 8.87
CA ILE B 216 31.21 -11.66 8.15
C ILE B 216 31.60 -10.40 8.93
N ASP B 217 32.91 -10.25 9.15
CA ASP B 217 33.41 -9.02 9.74
C ASP B 217 33.36 -7.94 8.66
N GLY B 218 32.35 -7.07 8.75
CA GLY B 218 32.12 -6.00 7.78
C GLY B 218 33.17 -4.89 7.78
N HIS B 219 34.13 -4.96 8.70
CA HIS B 219 35.24 -4.00 8.76
C HIS B 219 36.59 -4.63 8.44
N ASP B 220 36.54 -5.81 7.84
CA ASP B 220 37.76 -6.51 7.42
C ASP B 220 37.69 -6.87 5.95
N ALA B 221 38.47 -6.16 5.14
CA ALA B 221 38.45 -6.36 3.70
C ALA B 221 38.64 -7.81 3.24
N ALA B 222 39.59 -8.53 3.86
CA ALA B 222 39.85 -9.91 3.48
C ALA B 222 38.63 -10.81 3.68
N SER B 223 37.95 -10.64 4.80
CA SER B 223 36.73 -11.38 5.13
C SER B 223 35.62 -11.10 4.12
N ILE B 224 35.45 -9.82 3.81
CA ILE B 224 34.42 -9.42 2.84
C ILE B 224 34.72 -10.04 1.48
N LYS B 225 35.98 -9.94 1.06
CA LYS B 225 36.40 -10.47 -0.24
C LYS B 225 36.17 -11.98 -0.32
N ARG B 226 36.54 -12.72 0.72
CA ARG B 226 36.28 -14.18 0.73
C ARG B 226 34.79 -14.50 0.56
N ALA B 227 33.95 -13.71 1.21
CA ALA B 227 32.50 -13.90 1.17
C ALA B 227 31.96 -13.66 -0.24
N VAL B 228 32.38 -12.56 -0.85
CA VAL B 228 31.97 -12.26 -2.22
C VAL B 228 32.38 -13.40 -3.19
N GLU B 229 33.62 -13.88 -3.04
CA GLU B 229 34.07 -15.00 -3.86
C GLU B 229 33.20 -16.25 -3.68
N GLU B 230 32.82 -16.53 -2.44
CA GLU B 230 31.93 -17.66 -2.12
C GLU B 230 30.57 -17.50 -2.80
N ALA B 231 29.96 -16.32 -2.67
CA ALA B 231 28.69 -16.01 -3.32
C ALA B 231 28.77 -16.15 -4.84
N ARG B 232 29.88 -15.73 -5.42
CA ARG B 232 30.09 -15.82 -6.88
C ARG B 232 30.26 -17.28 -7.33
N ALA B 233 30.80 -18.12 -6.45
CA ALA B 233 30.95 -19.55 -6.75
C ALA B 233 29.63 -20.33 -6.73
N VAL B 234 28.61 -19.79 -6.05
CA VAL B 234 27.30 -20.43 -5.99
C VAL B 234 26.45 -19.89 -7.13
N THR B 235 26.22 -20.71 -8.14
CA THR B 235 25.58 -20.21 -9.38
C THR B 235 24.06 -20.45 -9.44
N ASP B 236 23.52 -21.16 -8.44
CA ASP B 236 22.14 -21.63 -8.51
C ASP B 236 21.23 -21.09 -7.41
N LYS B 237 21.73 -20.13 -6.63
CA LYS B 237 20.94 -19.47 -5.60
C LYS B 237 21.40 -18.02 -5.45
N PRO B 238 20.46 -17.10 -5.11
CA PRO B 238 20.85 -15.75 -4.72
C PRO B 238 21.58 -15.86 -3.39
N SER B 239 22.49 -14.94 -3.13
CA SER B 239 23.32 -14.98 -1.92
C SER B 239 23.05 -13.82 -1.00
N LEU B 240 23.00 -14.10 0.30
CA LEU B 240 22.92 -13.05 1.32
C LEU B 240 24.17 -13.06 2.19
N LEU B 241 24.87 -11.93 2.22
CA LEU B 241 26.07 -11.77 3.03
C LEU B 241 25.71 -11.01 4.28
N MET B 242 25.78 -11.70 5.42
CA MET B 242 25.47 -11.11 6.74
CA MET B 242 25.46 -11.03 6.67
C MET B 242 26.70 -10.35 7.21
N CYS B 243 26.73 -9.03 7.01
CA CYS B 243 27.93 -8.25 7.33
C CYS B 243 27.74 -7.52 8.63
N LYS B 244 28.48 -7.95 9.65
CA LYS B 244 28.44 -7.30 10.96
C LYS B 244 29.22 -6.00 10.87
N THR B 245 28.52 -4.87 11.05
CA THR B 245 29.17 -3.56 10.98
C THR B 245 28.79 -2.74 12.22
N ILE B 246 29.55 -1.68 12.42
CA ILE B 246 29.27 -0.67 13.44
C ILE B 246 28.79 0.59 12.74
N ILE B 247 27.53 0.96 12.99
CA ILE B 247 26.97 2.17 12.38
C ILE B 247 27.84 3.36 12.81
N GLY B 248 28.15 4.26 11.88
CA GLY B 248 28.99 5.40 12.24
C GLY B 248 30.43 5.05 12.57
N PHE B 249 30.91 3.89 12.11
CA PHE B 249 32.30 3.47 12.33
C PHE B 249 33.30 4.61 12.16
N GLY B 250 34.13 4.83 13.18
CA GLY B 250 35.09 5.92 13.16
C GLY B 250 34.81 6.97 14.22
N SER B 251 33.54 7.17 14.56
CA SER B 251 33.13 8.18 15.53
C SER B 251 33.28 7.65 16.95
N PRO B 252 34.21 8.20 17.75
CA PRO B 252 34.33 7.65 19.11
C PRO B 252 33.05 7.70 19.95
N ASN B 253 32.27 8.77 19.79
CA ASN B 253 31.12 9.01 20.65
C ASN B 253 29.77 8.63 20.06
N LYS B 254 29.70 8.48 18.73
CA LYS B 254 28.42 8.16 18.08
C LYS B 254 28.39 6.81 17.35
N ALA B 255 29.56 6.18 17.14
CA ALA B 255 29.55 4.85 16.51
C ALA B 255 28.74 3.89 17.36
N GLY B 256 27.94 3.06 16.71
CA GLY B 256 27.14 2.04 17.39
C GLY B 256 25.90 2.61 18.10
N THR B 257 25.56 3.87 17.79
CA THR B 257 24.40 4.51 18.43
C THR B 257 23.40 4.99 17.38
N HIS B 258 22.13 5.08 17.77
CA HIS B 258 21.08 5.58 16.86
C HIS B 258 21.32 7.03 16.48
N ASP B 259 22.11 7.74 17.30
CA ASP B 259 22.43 9.14 17.06
C ASP B 259 23.20 9.36 15.76
N SER B 260 23.93 8.34 15.30
CA SER B 260 24.69 8.43 14.06
C SER B 260 23.84 8.15 12.81
N HIS B 261 22.61 7.69 13.00
CA HIS B 261 21.75 7.28 11.87
C HIS B 261 21.41 8.42 10.89
N GLY B 262 20.89 9.52 11.44
CA GLY B 262 20.13 10.48 10.62
C GLY B 262 20.28 11.95 10.90
N ALA B 263 21.39 12.34 11.52
CA ALA B 263 21.71 13.74 11.74
C ALA B 263 23.22 13.94 11.58
N PRO B 264 23.63 15.17 11.25
CA PRO B 264 25.06 15.46 11.21
C PRO B 264 25.77 15.07 12.49
N LEU B 265 27.02 14.60 12.36
CA LEU B 265 27.79 14.21 13.54
C LEU B 265 28.12 15.39 14.44
N GLY B 266 28.29 16.57 13.84
CA GLY B 266 28.73 17.76 14.56
C GLY B 266 30.21 17.99 14.30
N ASP B 267 30.63 19.25 14.27
CA ASP B 267 32.02 19.57 13.93
C ASP B 267 33.03 18.98 14.92
N ALA B 268 32.73 19.09 16.22
CA ALA B 268 33.63 18.54 17.25
C ALA B 268 33.78 17.04 17.07
N GLU B 269 32.67 16.35 16.85
CA GLU B 269 32.74 14.90 16.64
C GLU B 269 33.48 14.51 15.37
N ILE B 270 33.29 15.27 14.28
CA ILE B 270 34.03 15.03 13.04
C ILE B 270 35.55 15.13 13.25
N ALA B 271 35.98 16.13 14.02
CA ALA B 271 37.41 16.27 14.35
C ALA B 271 37.93 15.03 15.07
N LEU B 272 37.16 14.56 16.05
CA LEU B 272 37.52 13.32 16.76
C LEU B 272 37.52 12.08 15.85
N THR B 273 36.59 12.07 14.89
CA THR B 273 36.52 10.97 13.93
C THR B 273 37.74 10.94 13.00
N ARG B 274 38.15 12.10 12.49
CA ARG B 274 39.39 12.20 11.71
C ARG B 274 40.55 11.59 12.49
N GLU B 275 40.62 11.92 13.78
CA GLU B 275 41.71 11.43 14.62
C GLU B 275 41.70 9.92 14.81
N GLN B 276 40.51 9.36 15.05
CA GLN B 276 40.37 7.91 15.21
C GLN B 276 40.71 7.17 13.92
N LEU B 277 40.26 7.72 12.79
CA LEU B 277 40.48 7.09 11.48
C LEU B 277 41.89 7.30 10.91
N GLY B 278 42.62 8.27 11.47
CA GLY B 278 43.89 8.70 10.89
C GLY B 278 43.72 9.37 9.53
N TRP B 279 42.58 10.02 9.34
CA TRP B 279 42.29 10.72 8.07
C TRP B 279 42.67 12.19 8.18
N LYS B 280 43.75 12.58 7.50
CA LYS B 280 44.33 13.91 7.71
C LYS B 280 43.75 15.01 6.80
N TYR B 281 43.11 14.61 5.71
CA TYR B 281 42.69 15.57 4.70
C TYR B 281 41.47 16.40 5.11
N ALA B 282 41.47 17.65 4.69
CA ALA B 282 40.42 18.60 5.00
C ALA B 282 39.12 18.22 4.29
N PRO B 283 37.98 18.78 4.71
CA PRO B 283 36.73 18.47 4.01
C PRO B 283 36.81 18.68 2.48
N PHE B 284 36.34 17.68 1.74
CA PHE B 284 36.28 17.72 0.27
C PHE B 284 37.67 17.72 -0.39
N GLU B 285 38.71 17.40 0.39
CA GLU B 285 40.06 17.24 -0.13
C GLU B 285 40.39 15.76 -0.28
N ILE B 286 40.77 15.39 -1.50
CA ILE B 286 41.24 14.03 -1.81
C ILE B 286 42.53 14.14 -2.60
N PRO B 287 43.63 13.51 -2.11
CA PRO B 287 44.91 13.61 -2.82
C PRO B 287 44.97 12.79 -4.10
N SER B 288 45.86 13.18 -5.02
CA SER B 288 46.02 12.48 -6.30
C SER B 288 46.23 10.98 -6.16
N GLU B 289 47.02 10.58 -5.16
CA GLU B 289 47.36 9.18 -4.94
C GLU B 289 46.13 8.33 -4.62
N ILE B 290 45.19 8.93 -3.90
CA ILE B 290 43.97 8.24 -3.52
C ILE B 290 43.01 8.14 -4.73
N TYR B 291 42.88 9.23 -5.48
CA TYR B 291 42.15 9.15 -6.76
C TYR B 291 42.73 8.07 -7.67
N ALA B 292 44.07 7.98 -7.73
CA ALA B 292 44.72 7.00 -8.59
C ALA B 292 44.30 5.56 -8.29
N GLN B 293 44.09 5.25 -7.01
CA GLN B 293 43.72 3.91 -6.60
C GLN B 293 42.22 3.67 -6.71
N TRP B 294 41.44 4.73 -6.59
CA TRP B 294 39.98 4.64 -6.67
C TRP B 294 39.45 4.67 -8.10
N ASP B 295 40.15 5.39 -8.98
CA ASP B 295 39.64 5.60 -10.35
C ASP B 295 39.43 4.32 -11.17
N ALA B 296 38.31 4.27 -11.88
CA ALA B 296 37.92 3.09 -12.65
C ALA B 296 37.84 3.33 -14.15
N LYS B 297 38.30 4.50 -14.61
CA LYS B 297 38.17 4.86 -16.03
C LYS B 297 38.94 3.91 -16.96
N GLU B 298 40.19 3.62 -16.64
CA GLU B 298 41.00 2.74 -17.51
C GLU B 298 40.51 1.28 -17.52
N ALA B 299 40.25 0.71 -16.33
CA ALA B 299 39.67 -0.64 -16.26
C ALA B 299 38.32 -0.69 -16.95
N GLY B 300 37.48 0.30 -16.65
CA GLY B 300 36.15 0.41 -17.24
C GLY B 300 36.18 0.44 -18.76
N GLN B 301 37.06 1.29 -19.31
CA GLN B 301 37.25 1.39 -20.77
C GLN B 301 37.61 0.05 -21.36
N ALA B 302 38.57 -0.63 -20.72
CA ALA B 302 39.08 -1.90 -21.23
C ALA B 302 37.97 -2.95 -21.26
N LYS B 303 37.19 -3.00 -20.18
CA LYS B 303 36.12 -4.00 -20.05
C LYS B 303 35.03 -3.73 -21.08
N GLU B 304 34.61 -2.47 -21.23
CA GLU B 304 33.57 -2.16 -22.22
C GLU B 304 34.06 -2.38 -23.66
N SER B 305 35.32 -2.04 -23.93
CA SER B 305 35.90 -2.29 -25.25
C SER B 305 35.91 -3.78 -25.61
N ALA B 306 36.32 -4.62 -24.66
CA ALA B 306 36.27 -6.06 -24.84
C ALA B 306 34.84 -6.52 -25.16
N TRP B 307 33.87 -5.98 -24.43
CA TRP B 307 32.47 -6.31 -24.67
C TRP B 307 31.99 -5.85 -26.04
N ASN B 308 32.36 -4.62 -26.43
CA ASN B 308 32.02 -4.10 -27.76
C ASN B 308 32.55 -5.00 -28.88
N GLU B 309 33.77 -5.53 -28.70
CA GLU B 309 34.31 -6.50 -29.66
C GLU B 309 33.50 -7.80 -29.70
N LYS B 310 33.09 -8.29 -28.52
CA LYS B 310 32.27 -9.46 -28.38
C LYS B 310 30.91 -9.23 -29.09
N PHE B 311 30.32 -8.06 -28.85
CA PHE B 311 29.04 -7.74 -29.49
C PHE B 311 29.16 -7.62 -31.01
N ALA B 312 30.26 -7.05 -31.47
CA ALA B 312 30.52 -6.97 -32.92
C ALA B 312 30.58 -8.36 -33.55
N ALA B 313 31.23 -9.31 -32.88
CA ALA B 313 31.29 -10.70 -33.39
C ALA B 313 29.91 -11.36 -33.36
N TYR B 314 29.12 -11.02 -32.34
CA TYR B 314 27.75 -11.53 -32.24
C TYR B 314 26.90 -11.01 -33.39
N ALA B 315 27.02 -9.71 -33.67
CA ALA B 315 26.27 -9.07 -34.75
C ALA B 315 26.58 -9.69 -36.11
N LYS B 316 27.83 -10.11 -36.31
CA LYS B 316 28.23 -10.75 -37.57
C LYS B 316 27.54 -12.12 -37.73
N ALA B 317 27.52 -12.89 -36.66
CA ALA B 317 26.99 -14.26 -36.65
C ALA B 317 25.46 -14.30 -36.50
N TYR B 318 24.93 -13.27 -35.86
CA TYR B 318 23.48 -13.17 -35.55
C TYR B 318 22.99 -11.71 -35.78
N PRO B 319 22.98 -11.23 -37.04
CA PRO B 319 22.64 -9.82 -37.27
C PRO B 319 21.23 -9.41 -36.83
N GLN B 320 20.23 -10.24 -37.09
CA GLN B 320 18.85 -9.89 -36.69
C GLN B 320 18.72 -9.79 -35.17
N GLU B 321 19.28 -10.77 -34.46
CA GLU B 321 19.26 -10.80 -33.00
C GLU B 321 19.99 -9.58 -32.43
N ALA B 322 21.14 -9.23 -33.02
CA ALA B 322 21.90 -8.08 -32.56
C ALA B 322 21.11 -6.77 -32.70
N ALA B 323 20.43 -6.60 -33.84
CA ALA B 323 19.62 -5.42 -34.06
C ALA B 323 18.47 -5.37 -33.03
N GLU B 324 17.85 -6.52 -32.77
CA GLU B 324 16.82 -6.59 -31.73
C GLU B 324 17.36 -6.24 -30.34
N PHE B 325 18.55 -6.72 -30.02
CA PHE B 325 19.13 -6.43 -28.71
C PHE B 325 19.36 -4.92 -28.52
N THR B 326 19.97 -4.31 -29.53
CA THR B 326 20.19 -2.86 -29.51
C THR B 326 18.87 -2.08 -29.39
N ARG B 327 17.89 -2.44 -30.20
CA ARG B 327 16.56 -1.81 -30.17
C ARG B 327 15.95 -1.90 -28.78
N ARG B 328 15.95 -3.11 -28.24
CA ARG B 328 15.30 -3.36 -26.95
C ARG B 328 16.02 -2.70 -25.77
N MET B 329 17.35 -2.71 -25.78
CA MET B 329 18.12 -2.02 -24.74
C MET B 329 17.89 -0.50 -24.76
N LYS B 330 17.64 0.06 -25.94
CA LYS B 330 17.35 1.49 -26.09
C LYS B 330 15.90 1.84 -25.71
N GLY B 331 15.05 0.82 -25.60
CA GLY B 331 13.62 1.03 -25.35
C GLY B 331 12.86 1.55 -26.56
N GLU B 332 13.46 1.41 -27.74
CA GLU B 332 12.80 1.80 -28.99
C GLU B 332 11.71 0.80 -29.39
N MET B 333 10.70 1.31 -30.07
CA MET B 333 9.63 0.45 -30.57
C MET B 333 9.94 -0.05 -31.98
N PRO B 334 9.36 -1.21 -32.36
CA PRO B 334 9.52 -1.68 -33.74
C PRO B 334 9.01 -0.64 -34.72
N SER B 335 9.67 -0.51 -35.87
CA SER B 335 9.32 0.54 -36.82
C SER B 335 7.88 0.44 -37.33
N ASP B 336 7.35 -0.78 -37.43
CA ASP B 336 6.00 -0.97 -37.98
C ASP B 336 4.91 -1.13 -36.90
N PHE B 337 5.28 -0.92 -35.64
CA PHE B 337 4.32 -1.11 -34.57
C PHE B 337 3.14 -0.14 -34.65
N ASP B 338 3.43 1.15 -34.84
CA ASP B 338 2.38 2.16 -34.92
C ASP B 338 1.31 1.80 -35.96
N ALA B 339 1.76 1.42 -37.16
CA ALA B 339 0.86 1.08 -38.26
C ALA B 339 0.03 -0.17 -37.96
N LYS B 340 0.70 -1.18 -37.43
CA LYS B 340 0.05 -2.45 -37.11
C LYS B 340 -0.96 -2.30 -35.96
N ALA B 341 -0.61 -1.49 -34.95
CA ALA B 341 -1.54 -1.24 -33.85
C ALA B 341 -2.76 -0.46 -34.30
N LYS B 342 -2.54 0.53 -35.17
CA LYS B 342 -3.65 1.33 -35.74
C LYS B 342 -4.57 0.45 -36.57
N GLU B 343 -3.98 -0.49 -37.30
CA GLU B 343 -4.77 -1.45 -38.09
C GLU B 343 -5.66 -2.30 -37.17
N PHE B 344 -5.10 -2.73 -36.04
CA PHE B 344 -5.86 -3.51 -35.05
C PHE B 344 -7.03 -2.70 -34.49
N ILE B 345 -6.74 -1.45 -34.09
CA ILE B 345 -7.75 -0.55 -33.55
C ILE B 345 -8.88 -0.29 -34.56
N ALA B 346 -8.51 -0.06 -35.82
CA ALA B 346 -9.50 0.19 -36.88
C ALA B 346 -10.39 -1.03 -37.07
N LYS B 347 -9.76 -2.21 -37.05
CA LYS B 347 -10.49 -3.46 -37.19
C LYS B 347 -11.52 -3.62 -36.08
N LEU B 348 -11.14 -3.30 -34.85
CA LEU B 348 -12.09 -3.38 -33.74
C LEU B 348 -13.27 -2.42 -33.92
N GLN B 349 -13.00 -1.18 -34.34
CA GLN B 349 -14.08 -0.20 -34.49
C GLN B 349 -15.06 -0.68 -35.54
N ALA B 350 -14.54 -1.38 -36.57
CA ALA B 350 -15.37 -1.81 -37.69
C ALA B 350 -16.11 -3.12 -37.42
N ASN B 351 -15.73 -3.81 -36.35
CA ASN B 351 -16.28 -5.11 -36.03
C ASN B 351 -16.62 -5.19 -34.55
N PRO B 352 -17.79 -4.62 -34.18
CA PRO B 352 -18.17 -4.51 -32.77
C PRO B 352 -18.23 -5.86 -32.05
N ALA B 353 -17.82 -5.83 -30.78
CA ALA B 353 -17.94 -6.96 -29.88
C ALA B 353 -18.19 -6.42 -28.47
N LYS B 354 -19.27 -6.93 -27.85
CA LYS B 354 -19.64 -6.53 -26.49
C LYS B 354 -19.02 -7.54 -25.55
N ILE B 355 -17.83 -7.17 -25.06
CA ILE B 355 -17.00 -8.03 -24.22
C ILE B 355 -16.49 -7.20 -23.05
N ALA B 356 -16.04 -7.87 -21.99
CA ALA B 356 -15.46 -7.16 -20.84
C ALA B 356 -14.17 -6.50 -21.26
N SER B 357 -13.89 -5.30 -20.72
CA SER B 357 -12.57 -4.72 -21.07
C SER B 357 -11.37 -5.53 -20.55
N ARG B 358 -11.55 -6.40 -19.55
CA ARG B 358 -10.46 -7.32 -19.23
C ARG B 358 -10.16 -8.25 -20.43
N LYS B 359 -11.22 -8.68 -21.12
CA LYS B 359 -11.05 -9.51 -22.32
C LYS B 359 -10.47 -8.69 -23.48
N ALA B 360 -10.93 -7.45 -23.63
CA ALA B 360 -10.36 -6.56 -24.66
C ALA B 360 -8.86 -6.33 -24.43
N SER B 361 -8.47 -6.31 -23.15
CA SER B 361 -7.06 -6.19 -22.77
C SER B 361 -6.31 -7.44 -23.20
N GLN B 362 -6.87 -8.60 -22.91
CA GLN B 362 -6.24 -9.86 -23.34
C GLN B 362 -6.08 -9.89 -24.86
N ASN B 363 -7.11 -9.42 -25.58
CA ASN B 363 -7.05 -9.38 -27.03
C ASN B 363 -5.95 -8.46 -27.54
N ALA B 364 -5.72 -7.35 -26.85
CA ALA B 364 -4.64 -6.43 -27.21
C ALA B 364 -3.28 -7.06 -26.93
N ILE B 365 -3.15 -7.76 -25.81
CA ILE B 365 -1.92 -8.52 -25.53
C ILE B 365 -1.64 -9.54 -26.64
N GLU B 366 -2.68 -10.27 -27.05
CA GLU B 366 -2.57 -11.26 -28.14
C GLU B 366 -2.13 -10.59 -29.45
N ALA B 367 -2.69 -9.42 -29.73
CA ALA B 367 -2.36 -8.68 -30.95
C ALA B 367 -0.94 -8.12 -30.93
N PHE B 368 -0.53 -7.60 -29.78
CA PHE B 368 0.78 -6.95 -29.65
C PHE B 368 1.91 -7.95 -29.41
N GLY B 369 1.57 -9.11 -28.85
CA GLY B 369 2.57 -10.10 -28.44
C GLY B 369 3.60 -10.46 -29.51
N PRO B 370 3.14 -10.81 -30.71
CA PRO B 370 4.09 -11.14 -31.79
C PRO B 370 4.94 -9.95 -32.25
N LEU B 371 4.50 -8.73 -31.92
CA LEU B 371 5.16 -7.50 -32.33
C LEU B 371 6.17 -6.99 -31.28
N LEU B 372 5.92 -7.34 -30.03
CA LEU B 372 6.72 -6.84 -28.91
C LEU B 372 7.40 -7.99 -28.15
N PRO B 373 8.47 -8.56 -28.73
CA PRO B 373 9.19 -9.64 -28.03
C PRO B 373 9.78 -9.18 -26.69
N GLU B 374 9.88 -7.87 -26.50
CA GLU B 374 10.34 -7.30 -25.22
C GLU B 374 9.34 -7.42 -24.06
N PHE B 375 8.09 -7.78 -24.33
CA PHE B 375 7.13 -7.96 -23.22
C PHE B 375 7.71 -8.89 -22.15
N LEU B 376 7.59 -8.51 -20.88
CA LEU B 376 7.88 -9.41 -19.76
C LEU B 376 6.74 -9.16 -18.79
N GLY B 377 5.68 -9.94 -18.97
CA GLY B 377 4.40 -9.68 -18.31
C GLY B 377 4.12 -10.63 -17.17
N GLY B 378 3.14 -10.31 -16.36
CA GLY B 378 2.71 -11.23 -15.33
C GLY B 378 1.51 -10.75 -14.53
N SER B 379 1.09 -11.61 -13.61
CA SER B 379 -0.03 -11.33 -12.71
C SER B 379 0.30 -11.88 -11.33
N ALA B 380 -0.22 -11.23 -10.30
CA ALA B 380 -0.02 -11.67 -8.91
C ALA B 380 -1.06 -12.77 -8.59
N ASP B 381 -0.82 -13.96 -9.15
CA ASP B 381 -1.67 -15.15 -8.94
C ASP B 381 -3.11 -14.95 -9.41
N LEU B 382 -3.30 -14.17 -10.48
CA LEU B 382 -4.63 -13.99 -11.04
C LEU B 382 -4.64 -14.10 -12.56
N ALA B 383 -3.75 -14.91 -13.13
CA ALA B 383 -3.73 -15.06 -14.61
C ALA B 383 -5.12 -15.34 -15.22
N PRO B 384 -5.90 -16.30 -14.65
CA PRO B 384 -7.19 -16.59 -15.29
C PRO B 384 -8.29 -15.58 -15.04
N SER B 385 -8.04 -14.62 -14.16
CA SER B 385 -9.03 -13.57 -13.86
C SER B 385 -8.64 -12.23 -14.50
N ASN B 386 -7.35 -11.89 -14.43
CA ASN B 386 -6.82 -10.67 -15.05
C ASN B 386 -6.69 -10.82 -16.56
N LEU B 387 -6.56 -12.06 -17.03
CA LEU B 387 -6.45 -12.39 -18.46
C LEU B 387 -5.15 -11.83 -19.06
N THR B 388 -4.04 -12.15 -18.39
CA THR B 388 -2.71 -11.68 -18.76
C THR B 388 -1.92 -12.63 -19.69
N LEU B 389 -2.41 -13.86 -19.85
CA LEU B 389 -1.78 -14.82 -20.76
C LEU B 389 -2.28 -14.67 -22.19
N TRP B 390 -1.34 -14.73 -23.14
CA TRP B 390 -1.71 -14.83 -24.57
C TRP B 390 -1.12 -16.13 -25.10
N SER B 391 -1.42 -16.46 -26.36
CA SER B 391 -1.03 -17.76 -26.91
C SER B 391 0.49 -17.98 -26.87
N GLY B 392 1.25 -16.89 -26.98
CA GLY B 392 2.71 -16.96 -26.96
C GLY B 392 3.38 -16.75 -25.60
N SER B 393 2.58 -16.69 -24.53
CA SER B 393 3.16 -16.56 -23.18
C SER B 393 3.92 -17.82 -22.81
N LYS B 394 5.09 -17.64 -22.22
CA LYS B 394 5.86 -18.74 -21.67
C LYS B 394 6.45 -18.31 -20.34
N ALA B 395 6.08 -19.02 -19.26
CA ALA B 395 6.53 -18.65 -17.92
C ALA B 395 8.02 -18.88 -17.71
N ILE B 396 8.70 -17.90 -17.12
CA ILE B 396 10.16 -17.97 -16.96
C ILE B 396 10.63 -19.03 -15.94
N ASN B 397 9.73 -19.51 -15.08
CA ASN B 397 10.07 -20.61 -14.18
C ASN B 397 10.12 -21.95 -14.93
N GLU B 398 9.49 -21.98 -16.11
CA GLU B 398 9.49 -23.13 -16.97
C GLU B 398 10.61 -23.05 -18.02
N ASP B 399 10.77 -21.87 -18.61
CA ASP B 399 11.78 -21.66 -19.64
C ASP B 399 12.36 -20.28 -19.39
N ALA B 400 13.65 -20.22 -19.07
CA ALA B 400 14.30 -18.96 -18.73
C ALA B 400 14.27 -17.90 -19.84
N ALA B 401 14.09 -18.33 -21.10
CA ALA B 401 13.98 -17.44 -22.25
C ALA B 401 12.55 -16.94 -22.50
N GLY B 402 11.65 -17.26 -21.56
CA GLY B 402 10.25 -16.88 -21.63
C GLY B 402 9.97 -15.39 -21.44
N ASN B 403 8.68 -15.07 -21.30
CA ASN B 403 8.19 -13.68 -21.35
C ASN B 403 7.08 -13.43 -20.34
N TYR B 404 6.90 -14.35 -19.41
CA TYR B 404 5.80 -14.29 -18.46
C TYR B 404 6.30 -14.68 -17.06
N ILE B 405 5.81 -13.97 -16.06
CA ILE B 405 6.18 -14.24 -14.67
C ILE B 405 4.94 -14.50 -13.81
N HIS B 406 4.90 -15.69 -13.20
CA HIS B 406 3.90 -15.98 -12.16
C HIS B 406 4.42 -15.34 -10.88
N TYR B 407 3.86 -14.18 -10.52
CA TYR B 407 4.39 -13.42 -9.41
C TYR B 407 3.97 -13.95 -8.03
N GLY B 408 2.97 -14.83 -8.00
CA GLY B 408 2.35 -15.23 -6.73
C GLY B 408 1.58 -14.07 -6.10
N VAL B 409 1.14 -14.27 -4.85
CA VAL B 409 0.26 -13.26 -4.21
C VAL B 409 1.11 -12.16 -3.56
N ARG B 410 1.68 -11.32 -4.43
CA ARG B 410 2.74 -10.40 -4.04
C ARG B 410 2.61 -9.11 -4.86
N GLU B 411 1.55 -8.34 -4.62
CA GLU B 411 1.29 -7.17 -5.47
C GLU B 411 2.40 -6.11 -5.39
N PHE B 412 2.86 -5.82 -4.18
CA PHE B 412 3.86 -4.77 -3.95
C PHE B 412 5.19 -5.21 -4.54
N GLY B 413 5.61 -6.44 -4.20
CA GLY B 413 6.84 -7.00 -4.74
C GLY B 413 6.82 -7.06 -6.26
N MET B 414 5.70 -7.52 -6.83
CA MET B 414 5.55 -7.57 -8.27
C MET B 414 5.82 -6.21 -8.93
N THR B 415 5.21 -5.15 -8.38
CA THR B 415 5.28 -3.85 -9.01
C THR B 415 6.69 -3.25 -8.89
N ALA B 416 7.31 -3.40 -7.71
CA ALA B 416 8.68 -2.92 -7.53
C ALA B 416 9.70 -3.77 -8.31
N ILE B 417 9.44 -5.08 -8.47
CA ILE B 417 10.27 -5.91 -9.34
C ILE B 417 10.17 -5.40 -10.76
N ALA B 418 8.94 -5.12 -11.21
CA ALA B 418 8.74 -4.60 -12.55
C ALA B 418 9.48 -3.26 -12.77
N ASN B 419 9.55 -2.43 -11.72
CA ASN B 419 10.34 -1.20 -11.80
C ASN B 419 11.81 -1.53 -12.08
N GLY B 420 12.32 -2.57 -11.43
CA GLY B 420 13.69 -3.05 -11.71
C GLY B 420 13.85 -3.53 -13.13
N ILE B 421 12.84 -4.23 -13.63
CA ILE B 421 12.83 -4.73 -15.02
C ILE B 421 12.87 -3.58 -16.03
N SER B 422 12.03 -2.56 -15.82
CA SER B 422 12.03 -1.39 -16.72
C SER B 422 13.35 -0.62 -16.63
N LEU B 423 13.91 -0.52 -15.43
CA LEU B 423 15.17 0.19 -15.22
C LEU B 423 16.36 -0.53 -15.88
N HIS B 424 16.28 -1.86 -15.93
CA HIS B 424 17.39 -2.65 -16.47
C HIS B 424 17.63 -2.34 -17.96
N GLY B 425 16.53 -2.21 -18.71
CA GLY B 425 16.58 -2.13 -20.16
C GLY B 425 16.39 -3.50 -20.79
N GLY B 426 15.82 -3.52 -21.99
CA GLY B 426 15.63 -4.75 -22.73
C GLY B 426 14.22 -5.28 -22.76
N PHE B 427 13.40 -4.80 -21.83
CA PHE B 427 12.04 -5.31 -21.66
C PHE B 427 11.02 -4.21 -21.52
N LEU B 428 9.76 -4.59 -21.76
CA LEU B 428 8.60 -3.75 -21.49
C LEU B 428 7.72 -4.57 -20.54
N PRO B 429 7.78 -4.26 -19.23
CA PRO B 429 7.01 -5.06 -18.27
C PRO B 429 5.54 -4.65 -18.23
N TYR B 430 4.66 -5.65 -18.09
CA TYR B 430 3.30 -5.39 -17.62
C TYR B 430 3.03 -6.22 -16.40
N THR B 431 2.27 -5.66 -15.47
CA THR B 431 1.91 -6.32 -14.21
C THR B 431 0.38 -6.26 -14.07
N SER B 432 -0.16 -7.05 -13.14
CA SER B 432 -1.62 -7.15 -13.05
C SER B 432 -2.09 -7.70 -11.72
N THR B 433 -3.19 -7.13 -11.24
CA THR B 433 -3.96 -7.67 -10.13
C THR B 433 -5.35 -7.05 -10.21
N PHE B 434 -6.25 -7.42 -9.30
CA PHE B 434 -7.53 -6.68 -9.21
C PHE B 434 -7.21 -5.24 -8.80
N LEU B 435 -7.98 -4.28 -9.32
CA LEU B 435 -7.73 -2.88 -9.03
C LEU B 435 -7.65 -2.58 -7.53
N MET B 436 -8.52 -3.17 -6.72
CA MET B 436 -8.45 -2.93 -5.27
C MET B 436 -7.03 -3.11 -4.74
N PHE B 437 -6.35 -4.17 -5.21
CA PHE B 437 -5.06 -4.53 -4.60
C PHE B 437 -3.88 -3.71 -5.13
N VAL B 438 -4.16 -2.74 -6.01
CA VAL B 438 -3.22 -1.62 -6.23
C VAL B 438 -2.87 -0.99 -4.88
N GLU B 439 -3.80 -1.04 -3.92
CA GLU B 439 -3.52 -0.44 -2.62
C GLU B 439 -2.38 -1.15 -1.88
N TYR B 440 -2.21 -2.45 -2.13
CA TYR B 440 -1.07 -3.18 -1.57
C TYR B 440 0.26 -2.71 -2.19
N ALA B 441 0.21 -2.35 -3.47
CA ALA B 441 1.41 -1.98 -4.24
C ALA B 441 1.58 -0.47 -4.41
N ARG B 442 0.81 0.31 -3.64
N ARG B 442 0.79 0.31 -3.67
CA ARG B 442 0.57 1.70 -3.98
CA ARG B 442 0.58 1.72 -3.98
C ARG B 442 1.82 2.59 -4.09
C ARG B 442 1.88 2.52 -4.16
N ASN B 443 2.79 2.40 -3.20
CA ASN B 443 4.02 3.20 -3.28
C ASN B 443 4.95 2.80 -4.45
N ALA B 444 4.89 1.53 -4.87
CA ALA B 444 5.68 1.09 -6.02
C ALA B 444 5.11 1.69 -7.31
N VAL B 445 3.78 1.83 -7.35
CA VAL B 445 3.14 2.53 -8.47
C VAL B 445 3.62 3.99 -8.52
N ARG B 446 3.59 4.67 -7.38
CA ARG B 446 4.11 6.04 -7.31
C ARG B 446 5.57 6.11 -7.75
N MET B 447 6.36 5.12 -7.34
CA MET B 447 7.78 5.12 -7.68
C MET B 447 8.02 4.96 -9.19
N ALA B 448 7.19 4.16 -9.87
CA ALA B 448 7.27 4.07 -11.35
C ALA B 448 7.03 5.45 -11.98
N ALA B 449 6.04 6.18 -11.46
CA ALA B 449 5.73 7.52 -11.95
C ALA B 449 6.88 8.51 -11.67
N LEU B 450 7.38 8.51 -10.43
CA LEU B 450 8.50 9.37 -10.06
C LEU B 450 9.74 9.13 -10.94
N MET B 451 10.04 7.86 -11.19
CA MET B 451 11.24 7.45 -11.96
C MET B 451 11.02 7.52 -13.48
N LYS B 452 9.85 7.99 -13.90
CA LYS B 452 9.51 8.13 -15.33
C LYS B 452 9.64 6.82 -16.11
N GLN B 453 9.19 5.73 -15.50
CA GLN B 453 9.34 4.39 -16.09
C GLN B 453 8.13 3.92 -16.89
N ARG B 454 8.41 3.25 -18.01
CA ARG B 454 7.40 2.61 -18.84
C ARG B 454 7.03 1.25 -18.25
N GLN B 455 5.79 1.13 -17.81
CA GLN B 455 5.23 -0.12 -17.31
C GLN B 455 3.71 -0.02 -17.52
N VAL B 456 3.11 -1.08 -18.06
CA VAL B 456 1.65 -1.12 -18.20
C VAL B 456 1.08 -1.91 -17.02
N MET B 457 0.15 -1.28 -16.32
CA MET B 457 -0.40 -1.84 -15.08
C MET B 457 -1.85 -2.21 -15.37
N VAL B 458 -2.12 -3.51 -15.42
CA VAL B 458 -3.40 -4.05 -15.86
C VAL B 458 -4.27 -4.33 -14.63
N TYR B 459 -5.24 -3.44 -14.38
CA TYR B 459 -6.03 -3.51 -13.14
C TYR B 459 -7.48 -3.81 -13.47
N THR B 460 -7.85 -5.07 -13.30
CA THR B 460 -9.18 -5.53 -13.66
C THR B 460 -10.16 -5.51 -12.47
N HIS B 461 -11.44 -5.76 -12.75
CA HIS B 461 -12.47 -5.84 -11.71
C HIS B 461 -12.59 -4.47 -11.04
N ASP B 462 -12.95 -3.49 -11.86
CA ASP B 462 -12.75 -2.08 -11.53
C ASP B 462 -13.83 -1.40 -10.69
N SER B 463 -14.93 -2.08 -10.41
CA SER B 463 -16.05 -1.42 -9.70
C SER B 463 -16.97 -2.41 -9.04
N ILE B 464 -18.10 -1.88 -8.52
CA ILE B 464 -19.22 -2.73 -8.08
C ILE B 464 -19.69 -3.72 -9.17
N GLY B 465 -19.32 -3.47 -10.43
CA GLY B 465 -19.62 -4.40 -11.52
C GLY B 465 -19.01 -5.78 -11.37
N LEU B 466 -18.06 -5.95 -10.44
CA LEU B 466 -17.50 -7.29 -10.18
C LEU B 466 -18.48 -8.15 -9.37
N GLY B 467 -19.45 -7.51 -8.71
CA GLY B 467 -20.54 -8.26 -8.07
C GLY B 467 -20.22 -8.88 -6.71
N GLU B 468 -20.46 -10.18 -6.60
CA GLU B 468 -20.65 -10.86 -5.30
C GLU B 468 -19.46 -10.84 -4.31
N ASP B 469 -18.23 -10.68 -4.80
CA ASP B 469 -17.07 -10.63 -3.88
C ASP B 469 -17.16 -9.49 -2.84
N GLY B 470 -17.88 -8.41 -3.17
CA GLY B 470 -18.30 -7.46 -2.15
C GLY B 470 -17.31 -6.34 -1.84
N PRO B 471 -17.60 -5.57 -0.78
CA PRO B 471 -16.91 -4.28 -0.55
C PRO B 471 -15.40 -4.32 -0.31
N THR B 472 -14.85 -5.45 0.13
CA THR B 472 -13.39 -5.54 0.32
C THR B 472 -12.69 -5.59 -1.04
N HIS B 473 -13.43 -5.98 -2.08
CA HIS B 473 -12.88 -6.12 -3.44
C HIS B 473 -13.30 -5.02 -4.41
N GLN B 474 -14.46 -4.39 -4.18
CA GLN B 474 -15.05 -3.44 -5.14
C GLN B 474 -14.41 -2.06 -5.03
N PRO B 475 -13.63 -1.65 -6.06
CA PRO B 475 -13.03 -0.33 -5.95
C PRO B 475 -14.08 0.76 -5.94
N VAL B 476 -13.77 1.84 -5.25
CA VAL B 476 -14.59 3.03 -5.26
C VAL B 476 -13.69 4.26 -5.46
N GLU B 477 -12.69 4.40 -4.58
CA GLU B 477 -11.85 5.59 -4.53
C GLU B 477 -10.46 5.39 -5.17
N GLN B 478 -10.18 4.18 -5.64
CA GLN B 478 -8.85 3.86 -6.17
C GLN B 478 -8.47 4.55 -7.48
N VAL B 479 -9.42 4.65 -8.41
CA VAL B 479 -9.14 5.34 -9.68
C VAL B 479 -8.78 6.81 -9.42
N ALA B 480 -9.56 7.48 -8.55
CA ALA B 480 -9.30 8.88 -8.21
C ALA B 480 -7.90 9.05 -7.63
N SER B 481 -7.45 8.06 -6.86
CA SER B 481 -6.12 8.09 -6.23
C SER B 481 -5.02 8.09 -7.29
N LEU B 482 -5.21 7.27 -8.33
CA LEU B 482 -4.28 7.22 -9.45
C LEU B 482 -4.31 8.51 -10.25
N ARG B 483 -5.52 9.03 -10.47
CA ARG B 483 -5.68 10.22 -11.33
C ARG B 483 -4.95 11.45 -10.80
N VAL B 484 -4.83 11.53 -9.48
CA VAL B 484 -4.19 12.69 -8.83
C VAL B 484 -2.69 12.46 -8.57
N THR B 485 -2.16 11.35 -9.10
CA THR B 485 -0.74 11.03 -8.91
C THR B 485 0.09 11.70 -10.00
N PRO B 486 1.05 12.57 -9.61
CA PRO B 486 1.88 13.19 -10.66
C PRO B 486 2.54 12.18 -11.61
N ASN B 487 2.53 12.49 -12.90
CA ASN B 487 3.13 11.65 -13.96
C ASN B 487 2.52 10.24 -14.13
N MET B 488 1.39 9.97 -13.48
CA MET B 488 0.65 8.73 -13.72
C MET B 488 -0.28 8.91 -14.91
N SER B 489 -0.42 7.87 -15.73
CA SER B 489 -1.48 7.87 -16.74
C SER B 489 -2.46 6.76 -16.39
N THR B 490 -3.75 7.08 -16.45
CA THR B 490 -4.82 6.18 -16.00
C THR B 490 -5.92 6.20 -17.06
N TRP B 491 -6.25 5.02 -17.58
CA TRP B 491 -7.24 4.87 -18.68
C TRP B 491 -8.35 3.97 -18.20
N ARG B 492 -9.60 4.42 -18.33
CA ARG B 492 -10.77 3.58 -17.99
C ARG B 492 -11.63 3.44 -19.27
N PRO B 493 -11.22 2.52 -20.15
CA PRO B 493 -11.84 2.41 -21.49
C PRO B 493 -13.29 1.93 -21.43
N CYS B 494 -14.13 2.45 -22.32
CA CYS B 494 -15.56 2.15 -22.26
C CYS B 494 -15.96 0.96 -23.14
N ASP B 495 -15.04 0.50 -23.98
CA ASP B 495 -15.30 -0.65 -24.85
C ASP B 495 -13.98 -1.21 -25.36
N GLN B 496 -14.06 -2.18 -26.27
CA GLN B 496 -12.85 -2.87 -26.73
C GLN B 496 -11.95 -1.97 -27.56
N VAL B 497 -12.53 -0.92 -28.15
CA VAL B 497 -11.77 0.01 -28.98
C VAL B 497 -10.96 0.95 -28.08
N GLU B 498 -11.62 1.59 -27.11
CA GLU B 498 -10.87 2.43 -26.19
C GLU B 498 -9.83 1.59 -25.45
N SER B 499 -10.11 0.30 -25.22
CA SER B 499 -9.15 -0.58 -24.55
C SER B 499 -7.87 -0.74 -25.36
N ALA B 500 -8.02 -0.93 -26.69
CA ALA B 500 -6.85 -1.09 -27.55
C ALA B 500 -6.09 0.22 -27.69
N VAL B 501 -6.80 1.34 -27.75
CA VAL B 501 -6.15 2.65 -27.80
C VAL B 501 -5.32 2.88 -26.54
N ALA B 502 -5.87 2.50 -25.39
CA ALA B 502 -5.19 2.69 -24.11
C ALA B 502 -3.94 1.82 -24.03
N TRP B 503 -4.06 0.57 -24.51
CA TRP B 503 -2.92 -0.35 -24.53
C TRP B 503 -1.80 0.19 -25.42
N LYS B 504 -2.18 0.73 -26.60
CA LYS B 504 -1.18 1.32 -27.50
C LYS B 504 -0.49 2.50 -26.84
N TYR B 505 -1.30 3.36 -26.20
CA TYR B 505 -0.80 4.52 -25.47
C TYR B 505 0.22 4.07 -24.40
N GLY B 506 -0.14 3.05 -23.65
CA GLY B 506 0.72 2.53 -22.59
C GLY B 506 2.07 2.03 -23.07
N VAL B 507 2.07 1.18 -24.10
CA VAL B 507 3.33 0.60 -24.58
C VAL B 507 4.20 1.66 -25.24
N GLU B 508 3.57 2.70 -25.79
CA GLU B 508 4.32 3.77 -26.50
C GLU B 508 4.73 4.91 -25.57
N ARG B 509 4.28 4.88 -24.31
CA ARG B 509 4.60 5.91 -23.34
C ARG B 509 5.97 5.64 -22.71
N GLN B 510 6.98 6.41 -23.12
CA GLN B 510 8.37 6.15 -22.75
C GLN B 510 8.77 6.73 -21.39
N ASP B 511 7.99 7.69 -20.90
CA ASP B 511 8.42 8.51 -19.77
C ASP B 511 7.51 8.43 -18.54
N GLY B 512 6.76 7.34 -18.43
CA GLY B 512 5.98 7.10 -17.23
C GLY B 512 5.06 5.93 -17.45
N PRO B 513 4.42 5.44 -16.37
CA PRO B 513 3.58 4.26 -16.39
C PRO B 513 2.15 4.55 -16.81
N THR B 514 1.42 3.48 -17.13
CA THR B 514 0.06 3.62 -17.62
C THR B 514 -0.79 2.53 -16.98
N ALA B 515 -1.79 2.94 -16.20
CA ALA B 515 -2.70 2.00 -15.57
C ALA B 515 -3.94 1.88 -16.41
N LEU B 516 -4.36 0.64 -16.64
CA LEU B 516 -5.59 0.31 -17.36
C LEU B 516 -6.62 -0.18 -16.35
N ILE B 517 -7.78 0.48 -16.37
CA ILE B 517 -8.85 0.23 -15.42
C ILE B 517 -9.93 -0.55 -16.16
N LEU B 518 -10.04 -1.84 -15.83
CA LEU B 518 -10.74 -2.80 -16.70
C LEU B 518 -11.87 -3.52 -16.00
N SER B 519 -12.94 -3.77 -16.74
CA SER B 519 -14.18 -4.33 -16.17
C SER B 519 -14.16 -5.86 -16.11
N ARG B 520 -14.93 -6.39 -15.16
CA ARG B 520 -15.24 -7.82 -15.17
C ARG B 520 -16.35 -8.13 -16.17
N GLN B 521 -17.30 -7.20 -16.29
CA GLN B 521 -18.53 -7.39 -17.07
C GLN B 521 -18.44 -6.84 -18.51
N ASN B 522 -19.30 -7.34 -19.39
CA ASN B 522 -19.30 -6.95 -20.79
C ASN B 522 -19.67 -5.47 -21.00
N LEU B 523 -18.94 -4.82 -21.90
CA LEU B 523 -19.13 -3.39 -22.23
C LEU B 523 -19.57 -3.17 -23.68
N ALA B 524 -20.60 -2.35 -23.85
CA ALA B 524 -21.12 -2.05 -25.19
C ALA B 524 -20.12 -1.27 -26.02
N GLN B 525 -19.96 -1.65 -27.28
CA GLN B 525 -19.18 -0.84 -28.20
C GLN B 525 -19.96 0.37 -28.69
N GLN B 526 -19.30 1.52 -28.70
CA GLN B 526 -19.89 2.76 -29.18
C GLN B 526 -19.53 3.04 -30.63
N GLU B 527 -20.44 3.71 -31.36
CA GLU B 527 -20.18 4.11 -32.73
C GLU B 527 -19.22 5.30 -32.77
N ARG B 528 -18.29 5.30 -33.72
CA ARG B 528 -17.33 6.40 -33.88
C ARG B 528 -17.04 6.72 -35.34
N THR B 529 -17.01 8.01 -35.66
CA THR B 529 -16.44 8.49 -36.92
C THR B 529 -14.92 8.30 -36.88
N GLU B 530 -14.26 8.49 -38.03
CA GLU B 530 -12.80 8.47 -38.08
C GLU B 530 -12.16 9.47 -37.11
N GLU B 531 -12.74 10.67 -37.05
CA GLU B 531 -12.29 11.74 -36.16
C GLU B 531 -12.43 11.33 -34.70
N GLN B 532 -13.58 10.77 -34.36
CA GLN B 532 -13.82 10.32 -32.98
C GLN B 532 -12.89 9.19 -32.61
N LEU B 533 -12.65 8.28 -33.54
CA LEU B 533 -11.73 7.16 -33.29
C LEU B 533 -10.32 7.67 -32.95
N ALA B 534 -9.86 8.65 -33.73
CA ALA B 534 -8.56 9.27 -33.49
C ALA B 534 -8.56 10.06 -32.18
N ASN B 535 -9.70 10.60 -31.80
CA ASN B 535 -9.80 11.43 -30.60
C ASN B 535 -9.77 10.69 -29.28
N ILE B 536 -9.97 9.36 -29.32
CA ILE B 536 -9.86 8.57 -28.08
C ILE B 536 -8.52 8.85 -27.41
N ALA B 537 -7.45 8.90 -28.21
CA ALA B 537 -6.09 9.11 -27.66
C ALA B 537 -5.90 10.48 -26.99
N ARG B 538 -6.81 11.41 -27.25
CA ARG B 538 -6.76 12.74 -26.61
C ARG B 538 -7.39 12.73 -25.22
N GLY B 539 -7.82 11.55 -24.76
CA GLY B 539 -8.20 11.35 -23.36
C GLY B 539 -9.64 11.66 -23.02
N GLY B 540 -10.18 12.70 -23.64
CA GLY B 540 -11.60 13.10 -23.50
C GLY B 540 -12.05 13.61 -24.85
N TYR B 541 -13.23 13.23 -25.28
CA TYR B 541 -13.71 13.62 -26.61
C TYR B 541 -15.23 13.55 -26.69
N VAL B 542 -15.79 14.29 -27.65
CA VAL B 542 -17.23 14.31 -27.86
C VAL B 542 -17.67 13.04 -28.57
N LEU B 543 -18.51 12.26 -27.90
CA LEU B 543 -19.02 10.99 -28.41
C LEU B 543 -20.43 11.13 -29.01
N LYS B 544 -21.28 11.92 -28.36
CA LYS B 544 -22.63 12.25 -28.86
C LYS B 544 -22.80 13.76 -28.72
N ASP B 545 -23.53 14.38 -29.63
CA ASP B 545 -23.63 15.84 -29.59
C ASP B 545 -25.00 16.32 -30.04
N CYS B 546 -25.16 17.63 -30.05
CA CYS B 546 -26.39 18.26 -30.55
C CYS B 546 -26.01 19.42 -31.44
N ALA B 547 -27.01 19.98 -32.14
CA ALA B 547 -26.80 21.19 -32.90
C ALA B 547 -26.92 22.38 -31.95
N GLY B 548 -25.97 23.31 -32.07
CA GLY B 548 -25.92 24.48 -31.19
C GLY B 548 -25.34 24.15 -29.82
N GLN B 549 -25.39 25.12 -28.91
CA GLN B 549 -24.82 24.94 -27.57
C GLN B 549 -25.63 23.92 -26.76
N PRO B 550 -24.95 22.89 -26.20
CA PRO B 550 -25.71 21.95 -25.33
C PRO B 550 -26.29 22.61 -24.09
N GLU B 551 -27.48 22.19 -23.69
CA GLU B 551 -28.07 22.56 -22.39
C GLU B 551 -27.45 21.71 -21.27
N LEU B 552 -26.92 20.56 -21.68
CA LEU B 552 -26.50 19.53 -20.73
C LEU B 552 -25.34 18.74 -21.32
N ILE B 553 -24.28 18.54 -20.54
CA ILE B 553 -23.20 17.67 -20.99
C ILE B 553 -23.02 16.54 -19.97
N PHE B 554 -23.12 15.30 -20.45
CA PHE B 554 -22.74 14.14 -19.63
C PHE B 554 -21.27 13.87 -19.82
N ILE B 555 -20.58 13.58 -18.72
CA ILE B 555 -19.17 13.18 -18.76
C ILE B 555 -19.12 11.78 -18.13
N ALA B 556 -18.68 10.80 -18.92
CA ALA B 556 -18.73 9.41 -18.46
C ALA B 556 -17.46 8.66 -18.81
N THR B 557 -17.19 7.59 -18.07
CA THR B 557 -16.00 6.78 -18.29
C THR B 557 -16.36 5.31 -18.24
N GLY B 558 -15.50 4.49 -18.82
CA GLY B 558 -15.61 3.03 -18.66
C GLY B 558 -17.01 2.48 -18.85
N SER B 559 -17.40 1.59 -17.93
CA SER B 559 -18.68 0.91 -18.00
C SER B 559 -19.90 1.83 -17.98
N GLU B 560 -19.72 3.08 -17.57
CA GLU B 560 -20.86 4.01 -17.44
C GLU B 560 -21.16 4.84 -18.69
N VAL B 561 -20.30 4.76 -19.69
CA VAL B 561 -20.59 5.47 -20.95
C VAL B 561 -21.90 4.94 -21.58
N GLU B 562 -22.11 3.63 -21.56
CA GLU B 562 -23.34 3.02 -22.08
C GLU B 562 -24.59 3.65 -21.45
N LEU B 563 -24.54 3.80 -20.12
CA LEU B 563 -25.59 4.42 -19.32
C LEU B 563 -25.80 5.89 -19.70
N ALA B 564 -24.70 6.64 -19.82
CA ALA B 564 -24.77 8.05 -20.19
C ALA B 564 -25.37 8.23 -21.58
N VAL B 565 -25.01 7.34 -22.50
CA VAL B 565 -25.54 7.40 -23.86
C VAL B 565 -27.04 7.13 -23.86
N ALA B 566 -27.47 6.12 -23.09
CA ALA B 566 -28.91 5.83 -22.94
C ALA B 566 -29.66 7.04 -22.40
N ALA B 567 -29.11 7.71 -21.40
CA ALA B 567 -29.74 8.92 -20.85
C ALA B 567 -29.79 10.03 -21.90
N TYR B 568 -28.69 10.20 -22.63
CA TYR B 568 -28.59 11.18 -23.70
C TYR B 568 -29.70 10.93 -24.72
N GLU B 569 -29.93 9.66 -25.07
CA GLU B 569 -30.96 9.33 -26.07
C GLU B 569 -32.35 9.70 -25.57
N LYS B 570 -32.64 9.38 -24.32
CA LYS B 570 -33.94 9.70 -23.71
C LYS B 570 -34.19 11.20 -23.71
N LEU B 571 -33.21 11.96 -23.23
CA LEU B 571 -33.35 13.40 -23.15
C LEU B 571 -33.48 14.04 -24.53
N THR B 572 -32.71 13.54 -25.49
CA THR B 572 -32.72 14.03 -26.86
C THR B 572 -34.10 13.85 -27.50
N ALA B 573 -34.72 12.69 -27.26
CA ALA B 573 -36.05 12.39 -27.80
C ALA B 573 -37.12 13.34 -27.23
N GLU B 574 -36.84 13.88 -26.04
CA GLU B 574 -37.71 14.84 -25.37
C GLU B 574 -37.41 16.31 -25.78
N GLY B 575 -36.46 16.48 -26.70
CA GLY B 575 -36.09 17.80 -27.23
C GLY B 575 -35.02 18.55 -26.45
N VAL B 576 -34.44 17.89 -25.45
CA VAL B 576 -33.29 18.45 -24.70
C VAL B 576 -32.04 18.42 -25.59
N LYS B 577 -31.28 19.52 -25.56
CA LYS B 577 -30.04 19.63 -26.33
C LYS B 577 -28.91 19.10 -25.47
N ALA B 578 -28.46 17.89 -25.76
CA ALA B 578 -27.48 17.22 -24.87
C ALA B 578 -26.24 16.77 -25.61
N ARG B 579 -25.16 16.57 -24.84
CA ARG B 579 -23.89 16.06 -25.34
C ARG B 579 -23.38 14.97 -24.40
N VAL B 580 -22.67 13.98 -24.97
CA VAL B 580 -21.93 12.99 -24.17
C VAL B 580 -20.45 13.08 -24.50
N VAL B 581 -19.66 13.31 -23.45
CA VAL B 581 -18.18 13.25 -23.52
C VAL B 581 -17.73 11.93 -22.88
N SER B 582 -16.98 11.14 -23.64
CA SER B 582 -16.28 9.99 -23.06
C SER B 582 -14.90 10.47 -22.58
N MET B 583 -14.56 10.15 -21.34
CA MET B 583 -13.31 10.63 -20.72
C MET B 583 -12.45 9.42 -20.27
N PRO B 584 -11.95 8.61 -21.22
CA PRO B 584 -11.16 7.45 -20.79
C PRO B 584 -9.89 7.80 -20.01
N SER B 585 -9.29 8.95 -20.30
CA SER B 585 -8.13 9.39 -19.52
C SER B 585 -8.13 10.88 -19.20
N THR B 586 -8.34 11.17 -17.92
CA THR B 586 -8.30 12.54 -17.41
C THR B 586 -6.90 13.17 -17.61
N ASP B 587 -5.85 12.39 -17.39
CA ASP B 587 -4.49 12.94 -17.51
C ASP B 587 -4.17 13.30 -18.96
N ALA B 588 -4.53 12.43 -19.91
CA ALA B 588 -4.31 12.77 -21.32
C ALA B 588 -5.15 13.97 -21.73
N PHE B 589 -6.42 13.99 -21.28
CA PHE B 589 -7.28 15.15 -21.59
C PHE B 589 -6.68 16.46 -21.08
N ASP B 590 -6.25 16.46 -19.82
CA ASP B 590 -5.67 17.66 -19.21
C ASP B 590 -4.44 18.18 -19.94
N LYS B 591 -3.72 17.26 -20.59
CA LYS B 591 -2.52 17.59 -21.37
C LYS B 591 -2.81 18.20 -22.75
N GLN B 592 -4.07 18.13 -23.21
CA GLN B 592 -4.45 18.75 -24.47
C GLN B 592 -4.47 20.26 -24.32
N ASP B 593 -4.34 20.97 -25.44
CA ASP B 593 -4.29 22.42 -25.34
C ASP B 593 -5.65 23.04 -25.00
N ALA B 594 -5.62 24.31 -24.59
CA ALA B 594 -6.83 25.00 -24.12
C ALA B 594 -7.96 25.00 -25.16
N ALA B 595 -7.63 25.19 -26.43
CA ALA B 595 -8.62 25.18 -27.50
C ALA B 595 -9.35 23.85 -27.63
N TYR B 596 -8.61 22.74 -27.57
CA TYR B 596 -9.25 21.43 -27.63
C TYR B 596 -10.15 21.19 -26.41
N ARG B 597 -9.65 21.49 -25.21
CA ARG B 597 -10.43 21.27 -23.98
C ARG B 597 -11.72 22.10 -23.99
N GLU B 598 -11.62 23.34 -24.46
CA GLU B 598 -12.80 24.19 -24.65
C GLU B 598 -13.80 23.60 -25.63
N SER B 599 -13.32 22.97 -26.70
CA SER B 599 -14.22 22.36 -27.69
C SER B 599 -15.03 21.21 -27.12
N VAL B 600 -14.44 20.49 -26.16
CA VAL B 600 -15.08 19.33 -25.53
C VAL B 600 -15.97 19.71 -24.35
N LEU B 601 -15.43 20.55 -23.46
CA LEU B 601 -16.16 21.02 -22.28
C LEU B 601 -16.20 22.55 -22.32
N PRO B 602 -17.08 23.12 -23.17
CA PRO B 602 -17.13 24.58 -23.31
C PRO B 602 -17.46 25.27 -21.99
N LYS B 603 -16.74 26.35 -21.71
CA LYS B 603 -16.88 27.05 -20.44
C LYS B 603 -18.28 27.64 -20.25
N ALA B 604 -18.99 27.87 -21.36
CA ALA B 604 -20.35 28.42 -21.34
C ALA B 604 -21.37 27.44 -20.75
N VAL B 605 -21.06 26.15 -20.82
CA VAL B 605 -21.99 25.13 -20.40
C VAL B 605 -21.66 24.65 -19.00
N THR B 606 -22.49 25.02 -18.04
CA THR B 606 -22.26 24.69 -16.63
C THR B 606 -23.07 23.51 -16.13
N ALA B 607 -24.13 23.14 -16.87
CA ALA B 607 -24.96 22.00 -16.49
C ALA B 607 -24.30 20.69 -16.94
N ARG B 608 -23.41 20.19 -16.08
CA ARG B 608 -22.57 19.03 -16.40
C ARG B 608 -22.88 17.93 -15.42
N VAL B 609 -23.08 16.72 -15.95
CA VAL B 609 -23.40 15.54 -15.15
C VAL B 609 -22.34 14.47 -15.34
N ALA B 610 -21.57 14.19 -14.28
CA ALA B 610 -20.56 13.11 -14.33
C ALA B 610 -21.24 11.79 -14.01
N VAL B 611 -20.86 10.72 -14.71
CA VAL B 611 -21.42 9.39 -14.45
C VAL B 611 -20.27 8.36 -14.38
N GLU B 612 -20.06 7.81 -13.18
CA GLU B 612 -18.95 6.86 -12.96
C GLU B 612 -19.19 6.10 -11.68
N ALA B 613 -19.01 4.77 -11.72
CA ALA B 613 -19.13 3.94 -10.52
C ALA B 613 -17.84 4.03 -9.71
N GLY B 614 -17.56 5.24 -9.27
CA GLY B 614 -16.37 5.55 -8.47
C GLY B 614 -16.67 6.75 -7.60
N ILE B 615 -15.74 7.10 -6.71
CA ILE B 615 -16.02 8.13 -5.70
C ILE B 615 -16.42 9.44 -6.36
N ALA B 616 -17.52 10.01 -5.88
CA ALA B 616 -18.07 11.22 -6.48
C ALA B 616 -17.19 12.45 -6.37
N ASP B 617 -16.54 12.64 -5.22
CA ASP B 617 -15.79 13.88 -4.92
C ASP B 617 -14.76 14.24 -6.00
N TYR B 618 -14.21 13.23 -6.68
CA TYR B 618 -13.26 13.47 -7.75
C TYR B 618 -13.81 14.44 -8.83
N TRP B 619 -15.09 14.27 -9.17
CA TRP B 619 -15.64 14.85 -10.39
C TRP B 619 -15.97 16.33 -10.35
N TYR B 620 -15.88 16.95 -9.18
CA TYR B 620 -16.00 18.41 -9.10
C TYR B 620 -14.97 19.09 -10.00
N LYS B 621 -13.87 18.41 -10.27
CA LYS B 621 -12.84 18.95 -11.15
C LYS B 621 -13.40 19.34 -12.53
N TYR B 622 -14.31 18.52 -13.05
CA TYR B 622 -14.91 18.76 -14.39
C TYR B 622 -16.34 19.28 -14.34
N VAL B 623 -17.07 19.03 -13.25
CA VAL B 623 -18.47 19.50 -13.20
C VAL B 623 -18.68 20.80 -12.43
N GLY B 624 -17.69 21.20 -11.64
CA GLY B 624 -17.76 22.43 -10.86
C GLY B 624 -18.83 22.36 -9.78
N LEU B 625 -19.29 23.54 -9.34
CA LEU B 625 -20.23 23.63 -8.22
C LEU B 625 -21.70 23.70 -8.67
N ASN B 626 -21.94 23.73 -9.97
CA ASN B 626 -23.29 23.85 -10.51
C ASN B 626 -23.71 22.70 -11.41
N GLY B 627 -23.14 21.52 -11.15
CA GLY B 627 -23.46 20.33 -11.93
C GLY B 627 -24.04 19.25 -11.05
N ALA B 628 -23.91 18.00 -11.51
CA ALA B 628 -24.36 16.86 -10.73
C ALA B 628 -23.39 15.69 -10.95
N ILE B 629 -23.37 14.77 -9.99
CA ILE B 629 -22.50 13.61 -10.08
C ILE B 629 -23.32 12.38 -9.73
N VAL B 630 -23.37 11.43 -10.65
CA VAL B 630 -23.94 10.11 -10.41
C VAL B 630 -22.75 9.21 -10.18
N GLY B 631 -22.40 9.07 -8.90
CA GLY B 631 -21.25 8.27 -8.51
C GLY B 631 -21.48 7.47 -7.25
N MET B 632 -20.37 6.98 -6.68
CA MET B 632 -20.42 6.26 -5.40
C MET B 632 -20.01 7.22 -4.27
N THR B 633 -20.67 7.10 -3.11
CA THR B 633 -20.27 7.90 -1.94
C THR B 633 -20.00 7.00 -0.73
N THR B 634 -20.11 5.69 -0.96
CA THR B 634 -20.02 4.67 0.09
C THR B 634 -19.17 3.52 -0.41
N PHE B 635 -18.85 2.60 0.51
CA PHE B 635 -18.35 1.29 0.15
C PHE B 635 -19.42 0.52 -0.61
N GLY B 636 -19.01 -0.55 -1.31
CA GLY B 636 -19.95 -1.42 -1.99
C GLY B 636 -20.72 -2.37 -1.09
N GLU B 637 -21.27 -3.42 -1.70
CA GLU B 637 -22.04 -4.47 -1.03
C GLU B 637 -21.89 -5.78 -1.80
N SER B 638 -22.00 -6.90 -1.08
CA SER B 638 -21.97 -8.21 -1.71
C SER B 638 -23.33 -8.57 -2.30
N ALA B 639 -23.41 -8.53 -3.63
CA ALA B 639 -24.62 -8.92 -4.38
C ALA B 639 -24.28 -9.05 -5.86
N PRO B 640 -25.18 -9.68 -6.64
CA PRO B 640 -25.02 -9.65 -8.09
C PRO B 640 -24.87 -8.22 -8.62
N ALA B 641 -23.93 -8.05 -9.55
CA ALA B 641 -23.59 -6.74 -10.10
C ALA B 641 -24.79 -5.94 -10.58
N GLU B 642 -25.69 -6.60 -11.31
CA GLU B 642 -26.85 -5.88 -11.87
C GLU B 642 -27.73 -5.29 -10.77
N LEU B 643 -27.85 -6.00 -9.64
CA LEU B 643 -28.58 -5.48 -8.50
C LEU B 643 -27.84 -4.34 -7.80
N LEU B 644 -26.51 -4.40 -7.78
CA LEU B 644 -25.73 -3.32 -7.19
C LEU B 644 -25.85 -2.04 -8.00
N PHE B 645 -25.76 -2.16 -9.33
CA PHE B 645 -25.92 -0.98 -10.18
C PHE B 645 -27.27 -0.31 -9.93
N GLU B 646 -28.33 -1.12 -9.79
CA GLU B 646 -29.66 -0.59 -9.46
C GLU B 646 -29.67 0.10 -8.09
N GLU B 647 -29.17 -0.62 -7.10
CA GLU B 647 -29.09 -0.15 -5.72
C GLU B 647 -28.41 1.23 -5.60
N PHE B 648 -27.33 1.41 -6.36
CA PHE B 648 -26.47 2.57 -6.19
C PHE B 648 -26.80 3.68 -7.19
N GLY B 649 -27.88 3.50 -7.94
CA GLY B 649 -28.40 4.56 -8.81
C GLY B 649 -27.83 4.63 -10.20
N PHE B 650 -27.18 3.55 -10.65
CA PHE B 650 -26.69 3.46 -12.02
C PHE B 650 -27.74 2.88 -12.95
N THR B 651 -28.78 3.67 -13.15
CA THR B 651 -29.93 3.29 -13.97
C THR B 651 -30.25 4.48 -14.89
N VAL B 652 -30.79 4.18 -16.07
CA VAL B 652 -31.22 5.23 -16.99
C VAL B 652 -32.19 6.19 -16.31
N ASP B 653 -33.20 5.65 -15.61
CA ASP B 653 -34.19 6.48 -14.94
C ASP B 653 -33.56 7.46 -13.96
N ASN B 654 -32.62 6.97 -13.13
CA ASN B 654 -31.97 7.85 -12.17
C ASN B 654 -31.07 8.91 -12.81
N VAL B 655 -30.31 8.50 -13.83
CA VAL B 655 -29.43 9.46 -14.52
C VAL B 655 -30.27 10.54 -15.20
N VAL B 656 -31.37 10.13 -15.82
CA VAL B 656 -32.29 11.09 -16.47
C VAL B 656 -32.89 12.04 -15.43
N ALA B 657 -33.36 11.49 -14.31
CA ALA B 657 -33.97 12.28 -13.24
C ALA B 657 -32.98 13.28 -12.64
N LYS B 658 -31.75 12.85 -12.40
CA LYS B 658 -30.73 13.73 -11.85
C LYS B 658 -30.37 14.85 -12.85
N ALA B 659 -30.33 14.51 -14.14
CA ALA B 659 -30.09 15.51 -15.17
C ALA B 659 -31.23 16.53 -15.24
N LYS B 660 -32.47 16.04 -15.21
CA LYS B 660 -33.62 16.93 -15.29
C LYS B 660 -33.72 17.81 -14.05
N GLU B 661 -33.40 17.22 -12.90
CA GLU B 661 -33.40 17.91 -11.63
C GLU B 661 -32.38 19.05 -11.68
N LEU B 662 -31.21 18.74 -12.24
CA LEU B 662 -30.18 19.76 -12.43
C LEU B 662 -30.66 20.90 -13.30
N LEU B 663 -31.30 20.58 -14.43
CA LEU B 663 -31.81 21.60 -15.37
C LEU B 663 -32.91 22.45 -14.74
N HIS B 664 -33.77 21.82 -13.94
CA HIS B 664 -34.83 22.53 -13.22
C HIS B 664 -34.22 23.57 -12.27
N HIS B 665 -33.18 23.17 -11.55
CA HIS B 665 -32.44 24.09 -10.68
C HIS B 665 -31.82 25.25 -11.47
N HIS B 666 -31.16 24.95 -12.59
CA HIS B 666 -30.61 25.99 -13.47
C HIS B 666 -31.70 26.94 -14.01
N HIS B 667 -32.86 26.39 -14.34
CA HIS B 667 -33.97 27.19 -14.88
C HIS B 667 -34.62 28.03 -13.78
CA CA C . -3.79 -22.75 -1.30
O2A T6F D . -5.09 -18.57 -0.12
PA T6F D . -4.99 -19.54 -1.27
O1A T6F D . -3.91 -20.56 -1.33
O3A T6F D . -6.44 -20.14 -1.57
PB T6F D . -7.12 -21.57 -1.26
O3B T6F D . -7.76 -21.31 0.09
O2B T6F D . -6.09 -22.67 -1.28
O1B T6F D . -8.18 -21.76 -2.31
O7 T6F D . -4.70 -18.75 -2.64
C7 T6F D . -5.70 -18.17 -3.46
C6 T6F D . -5.21 -16.76 -3.71
C5 T6F D . -6.38 -15.86 -4.01
S1 T6F D . -8.00 -15.83 -3.24
C2 T6F D . -8.55 -14.30 -4.08
CF2 T6F D . -9.97 -13.93 -4.47
OF2 T6F D . -10.08 -12.51 -4.65
CF1 T6F D . -10.90 -14.28 -3.30
OF1 T6F D . -10.79 -13.36 -2.18
CF3 T6F D . -10.34 -14.62 -5.80
OF3 T6F D . -10.61 -16.02 -5.62
CF4 T6F D . -11.50 -14.01 -6.61
OF4 T6F D . -12.75 -14.24 -5.96
CF5 T6F D . -11.61 -14.63 -8.02
OF5 T6F D . -10.38 -14.54 -8.75
CF6 T6F D . -12.72 -13.99 -8.87
OF6 T6F D . -12.73 -14.64 -10.15
PF T6F D . -13.51 -14.01 -11.41
OF8 T6F D . -12.55 -14.13 -12.57
OF7 T6F D . -13.85 -12.59 -10.98
OF9 T6F D . -14.73 -14.90 -11.57
N3 T6F D . -7.33 -13.87 -4.50
C4 T6F D . -6.23 -14.64 -4.63
CM4 T6F D . -5.01 -14.41 -5.51
C7, T6F D . -7.19 -12.48 -4.91
C5, T6F D . -6.49 -11.61 -3.87
C4, T6F D . -7.02 -11.31 -2.60
N4, T6F D . -8.21 -11.78 -2.14
N3, T6F D . -6.30 -10.51 -1.77
C2, T6F D . -5.11 -9.99 -2.16
CM2 T6F D . -4.34 -9.09 -1.25
N1, T6F D . -4.61 -10.26 -3.39
C6, T6F D . -5.27 -11.06 -4.25
C1 EDO E . -1.44 15.84 -11.20
O1 EDO E . -1.40 17.24 -10.87
C2 EDO E . -2.89 15.39 -11.22
O2 EDO E . -3.61 16.12 -12.22
CA CA F . 20.36 -0.77 11.05
O2A T6F G . 17.76 0.53 7.57
PA T6F G . 18.14 0.88 8.99
O1A T6F G . 18.54 -0.23 9.94
O3A T6F G . 19.16 2.13 8.99
PB T6F G . 20.72 2.28 9.30
O3B T6F G . 21.30 2.31 7.92
O2B T6F G . 21.18 1.16 10.18
O1B T6F G . 20.81 3.66 9.91
O7 T6F G . 16.86 1.54 9.69
C7 T6F G . 16.65 2.94 9.63
C6 T6F G . 15.18 3.18 9.84
C5 T6F G . 14.65 4.09 8.77
S1 T6F G . 15.57 5.19 7.67
C2 T6F G . 14.23 6.36 7.36
CF2 T6F G . 14.39 7.84 7.01
OF2 T6F G . 13.19 8.35 6.45
CF1 T6F G . 15.45 7.97 5.90
OF1 T6F G . 15.02 7.47 4.61
CF3 T6F G . 14.71 8.67 8.29
OF3 T6F G . 16.08 8.56 8.69
CF4 T6F G . 14.37 10.18 8.23
OF4 T6F G . 15.28 10.81 7.31
CF5 T6F G . 14.46 10.87 9.60
OF5 T6F G . 13.70 10.18 10.60
CF6 T6F G . 14.03 12.34 9.57
OF6 T6F G . 14.13 12.84 10.91
PF T6F G . 13.54 14.25 11.44
OF8 T6F G . 12.87 13.90 12.76
OF7 T6F G . 12.64 14.78 10.36
OF9 T6F G . 14.80 15.09 11.63
N3 T6F G . 13.21 5.63 7.88
C4 T6F G . 13.36 4.62 8.75
CM4 T6F G . 12.32 4.02 9.69
C7, T6F G . 11.84 6.04 7.56
C5, T6F G . 11.15 5.09 6.59
C4, T6F G . 11.55 4.94 5.26
N4, T6F G . 12.60 5.63 4.75
N3, T6F G . 10.88 4.08 4.43
C2, T6F G . 9.83 3.39 4.88
CM2 T6F G . 9.11 2.45 3.95
N1, T6F G . 9.42 3.53 6.16
C6, T6F G . 10.04 4.35 7.03
C1 EDO H . -2.13 16.64 -29.41
O1 EDO H . -2.32 16.94 -28.02
C2 EDO H . -1.56 15.24 -29.56
O2 EDO H . -2.58 14.29 -29.21
C1 EDO I . 1.47 9.17 -25.92
O1 EDO I . 2.57 9.61 -26.72
C2 EDO I . 1.94 8.02 -25.03
O2 EDO I . 2.16 6.85 -25.83
C1 EDO J . 41.05 16.73 13.57
O1 EDO J . 41.08 17.46 14.80
C2 EDO J . 40.98 17.73 12.41
O2 EDO J . 39.98 18.71 12.67
C1 EDO K . 3.17 10.84 -22.72
O1 EDO K . 3.88 10.89 -21.46
C2 EDO K . 3.04 12.24 -23.30
O2 EDO K . 2.34 13.09 -22.36
C1 EDO L . 4.56 -11.38 -22.68
O1 EDO L . 4.67 -12.10 -23.92
C2 EDO L . 4.11 -12.33 -21.59
O2 EDO L . 2.84 -12.86 -21.90
C1 EDO M . 46.01 9.81 5.18
O1 EDO M . 45.47 10.35 6.40
C2 EDO M . 44.97 8.92 4.50
O2 EDO M . 44.68 7.82 5.37
C1 EDO N . 12.95 -21.58 -11.80
O1 EDO N . 13.43 -20.56 -12.69
C2 EDO N . 14.15 -22.27 -11.15
O2 EDO N . 14.86 -23.10 -12.10
C1 EDO O . 25.43 25.53 2.03
O1 EDO O . 26.85 25.44 2.30
C2 EDO O . 24.84 24.12 1.98
O2 EDO O . 25.45 23.42 0.89
#